data_1FES
# 
_entry.id   1FES 
# 
_audit_conform.dict_name       mmcif_pdbx.dic 
_audit_conform.dict_version    5.392 
_audit_conform.dict_location   http://mmcif.pdb.org/dictionaries/ascii/mmcif_pdbx.dic 
# 
loop_
_database_2.database_id 
_database_2.database_code 
_database_2.pdbx_database_accession 
_database_2.pdbx_DOI 
PDB   1FES         pdb_00001fes 10.2210/pdb1fes/pdb 
RCSB  RCSB011521   ?            ?                   
WWPDB D_1000011521 ?            ?                   
# 
loop_
_pdbx_audit_revision_history.ordinal 
_pdbx_audit_revision_history.data_content_type 
_pdbx_audit_revision_history.major_revision 
_pdbx_audit_revision_history.minor_revision 
_pdbx_audit_revision_history.revision_date 
1 'Structure model' 1 0 2001-03-14 
2 'Structure model' 1 1 2007-10-21 
3 'Structure model' 1 2 2011-07-13 
4 'Structure model' 1 3 2022-02-23 
5 'Structure model' 1 4 2024-05-22 
# 
_pdbx_audit_revision_details.ordinal             1 
_pdbx_audit_revision_details.revision_ordinal    1 
_pdbx_audit_revision_details.data_content_type   'Structure model' 
_pdbx_audit_revision_details.provider            repository 
_pdbx_audit_revision_details.type                'Initial release' 
_pdbx_audit_revision_details.description         ? 
_pdbx_audit_revision_details.details             ? 
# 
loop_
_pdbx_audit_revision_group.ordinal 
_pdbx_audit_revision_group.revision_ordinal 
_pdbx_audit_revision_group.data_content_type 
_pdbx_audit_revision_group.group 
1 2 'Structure model' 'Version format compliance' 
2 3 'Structure model' 'Version format compliance' 
3 4 'Structure model' 'Data collection'           
4 4 'Structure model' 'Database references'       
5 4 'Structure model' 'Derived calculations'      
6 5 'Structure model' 'Data collection'           
# 
loop_
_pdbx_audit_revision_category.ordinal 
_pdbx_audit_revision_category.revision_ordinal 
_pdbx_audit_revision_category.data_content_type 
_pdbx_audit_revision_category.category 
1 4 'Structure model' database_2            
2 4 'Structure model' pdbx_nmr_software     
3 4 'Structure model' pdbx_nmr_spectrometer 
4 4 'Structure model' pdbx_struct_assembly  
5 4 'Structure model' pdbx_struct_oper_list 
6 5 'Structure model' chem_comp_atom        
7 5 'Structure model' chem_comp_bond        
# 
loop_
_pdbx_audit_revision_item.ordinal 
_pdbx_audit_revision_item.revision_ordinal 
_pdbx_audit_revision_item.data_content_type 
_pdbx_audit_revision_item.item 
1 4 'Structure model' '_database_2.pdbx_DOI'                
2 4 'Structure model' '_database_2.pdbx_database_accession' 
3 4 'Structure model' '_pdbx_nmr_software.name'             
4 4 'Structure model' '_pdbx_nmr_spectrometer.model'        
# 
_pdbx_database_status.status_code                     REL 
_pdbx_database_status.entry_id                        1FES 
_pdbx_database_status.recvd_initial_deposition_date   2000-07-22 
_pdbx_database_status.deposit_site                    RCSB 
_pdbx_database_status.process_site                    RCSB 
_pdbx_database_status.SG_entry                        . 
_pdbx_database_status.pdb_format_compatible           Y 
_pdbx_database_status.status_code_mr                  ? 
_pdbx_database_status.status_code_sf                  ? 
_pdbx_database_status.status_code_cs                  ? 
_pdbx_database_status.status_code_nmr_data            ? 
_pdbx_database_status.methods_development_category    ? 
# 
_pdbx_database_related.db_name        PDB 
_pdbx_database_related.db_id          1FD8 
_pdbx_database_related.details        'Solution structure of the Cu(I) form of the Yeast Metallochaperone, Atx1' 
_pdbx_database_related.content_type   unspecified 
# 
loop_
_audit_author.name 
_audit_author.pdbx_ordinal 
'Arnesano, F.'     1 
'Banci, L.'        2 
'Bertini, I.'      3 
'Huffman, D.L.'    4 
;O'Halloran, T.V.
;
5 
# 
_citation.id                        primary 
_citation.title                     'Solution structure of the Cu(I) and apo forms of the yeast metallochaperone, Atx1.' 
_citation.journal_abbrev            Biochemistry 
_citation.journal_volume            40 
_citation.page_first                1528 
_citation.page_last                 1539 
_citation.year                      2001 
_citation.journal_id_ASTM           BICHAW 
_citation.country                   US 
_citation.journal_id_ISSN           0006-2960 
_citation.journal_id_CSD            0033 
_citation.book_publisher            ? 
_citation.pdbx_database_id_PubMed   11327811 
_citation.pdbx_database_id_DOI      10.1021/bi0014711 
# 
loop_
_citation_author.citation_id 
_citation_author.name 
_citation_author.ordinal 
_citation_author.identifier_ORCID 
primary 'Arnesano, F.'     1 ? 
primary 'Banci, L.'        2 ? 
primary 'Bertini, I.'      3 ? 
primary 'Huffman, D.L.'    4 ? 
primary 
;O'Halloran, T.V.
;
5 ? 
# 
_entity.id                         1 
_entity.type                       polymer 
_entity.src_method                 man 
_entity.pdbx_description           'ATX1 COPPER CHAPERONE' 
_entity.formula_weight             8232.650 
_entity.pdbx_number_of_molecules   1 
_entity.pdbx_ec                    ? 
_entity.pdbx_mutation              ? 
_entity.pdbx_fragment              ? 
_entity.details                    ? 
# 
_entity_name_com.entity_id   1 
_entity_name_com.name        ATX1 
# 
_entity_poly.entity_id                      1 
_entity_poly.type                           'polypeptide(L)' 
_entity_poly.nstd_linkage                   no 
_entity_poly.nstd_monomer                   no 
_entity_poly.pdbx_seq_one_letter_code       MAEIKHYQFNVVMTCSGCSGAVNKVLTKLEPDVSKIDISLEKQLVDVYTTLPYDFILEKIKKTGKEVRSGKQL 
_entity_poly.pdbx_seq_one_letter_code_can   MAEIKHYQFNVVMTCSGCSGAVNKVLTKLEPDVSKIDISLEKQLVDVYTTLPYDFILEKIKKTGKEVRSGKQL 
_entity_poly.pdbx_strand_id                 A 
_entity_poly.pdbx_target_identifier         ? 
# 
loop_
_entity_poly_seq.entity_id 
_entity_poly_seq.num 
_entity_poly_seq.mon_id 
_entity_poly_seq.hetero 
1 1  MET n 
1 2  ALA n 
1 3  GLU n 
1 4  ILE n 
1 5  LYS n 
1 6  HIS n 
1 7  TYR n 
1 8  GLN n 
1 9  PHE n 
1 10 ASN n 
1 11 VAL n 
1 12 VAL n 
1 13 MET n 
1 14 THR n 
1 15 CYS n 
1 16 SER n 
1 17 GLY n 
1 18 CYS n 
1 19 SER n 
1 20 GLY n 
1 21 ALA n 
1 22 VAL n 
1 23 ASN n 
1 24 LYS n 
1 25 VAL n 
1 26 LEU n 
1 27 THR n 
1 28 LYS n 
1 29 LEU n 
1 30 GLU n 
1 31 PRO n 
1 32 ASP n 
1 33 VAL n 
1 34 SER n 
1 35 LYS n 
1 36 ILE n 
1 37 ASP n 
1 38 ILE n 
1 39 SER n 
1 40 LEU n 
1 41 GLU n 
1 42 LYS n 
1 43 GLN n 
1 44 LEU n 
1 45 VAL n 
1 46 ASP n 
1 47 VAL n 
1 48 TYR n 
1 49 THR n 
1 50 THR n 
1 51 LEU n 
1 52 PRO n 
1 53 TYR n 
1 54 ASP n 
1 55 PHE n 
1 56 ILE n 
1 57 LEU n 
1 58 GLU n 
1 59 LYS n 
1 60 ILE n 
1 61 LYS n 
1 62 LYS n 
1 63 THR n 
1 64 GLY n 
1 65 LYS n 
1 66 GLU n 
1 67 VAL n 
1 68 ARG n 
1 69 SER n 
1 70 GLY n 
1 71 LYS n 
1 72 GLN n 
1 73 LEU n 
# 
_entity_src_gen.entity_id                          1 
_entity_src_gen.pdbx_src_id                        1 
_entity_src_gen.pdbx_alt_source_flag               sample 
_entity_src_gen.pdbx_seq_type                      ? 
_entity_src_gen.pdbx_beg_seq_num                   ? 
_entity_src_gen.pdbx_end_seq_num                   ? 
_entity_src_gen.gene_src_common_name               
;baker's yeast
;
_entity_src_gen.gene_src_genus                     Saccharomyces 
_entity_src_gen.pdbx_gene_src_gene                 ? 
_entity_src_gen.gene_src_species                   ? 
_entity_src_gen.gene_src_strain                    ? 
_entity_src_gen.gene_src_tissue                    ? 
_entity_src_gen.gene_src_tissue_fraction           ? 
_entity_src_gen.gene_src_details                   ? 
_entity_src_gen.pdbx_gene_src_fragment             ? 
_entity_src_gen.pdbx_gene_src_scientific_name      'Saccharomyces cerevisiae' 
_entity_src_gen.pdbx_gene_src_ncbi_taxonomy_id     4932 
_entity_src_gen.pdbx_gene_src_variant              ? 
_entity_src_gen.pdbx_gene_src_cell_line            ? 
_entity_src_gen.pdbx_gene_src_atcc                 ? 
_entity_src_gen.pdbx_gene_src_organ                ? 
_entity_src_gen.pdbx_gene_src_organelle            ? 
_entity_src_gen.pdbx_gene_src_cell                 ? 
_entity_src_gen.pdbx_gene_src_cellular_location    ? 
_entity_src_gen.host_org_common_name               ? 
_entity_src_gen.pdbx_host_org_scientific_name      'Escherichia coli' 
_entity_src_gen.pdbx_host_org_ncbi_taxonomy_id     562 
_entity_src_gen.host_org_genus                     Escherichia 
_entity_src_gen.pdbx_host_org_gene                 ? 
_entity_src_gen.pdbx_host_org_organ                ? 
_entity_src_gen.host_org_species                   ? 
_entity_src_gen.pdbx_host_org_tissue               ? 
_entity_src_gen.pdbx_host_org_tissue_fraction      ? 
_entity_src_gen.pdbx_host_org_strain               ? 
_entity_src_gen.pdbx_host_org_variant              ? 
_entity_src_gen.pdbx_host_org_cell_line            ? 
_entity_src_gen.pdbx_host_org_atcc                 ? 
_entity_src_gen.pdbx_host_org_culture_collection   ? 
_entity_src_gen.pdbx_host_org_cell                 ? 
_entity_src_gen.pdbx_host_org_organelle            ? 
_entity_src_gen.pdbx_host_org_cellular_location    ? 
_entity_src_gen.pdbx_host_org_vector_type          PLASMID 
_entity_src_gen.pdbx_host_org_vector               ? 
_entity_src_gen.host_org_details                   ? 
_entity_src_gen.expression_system_id               ? 
_entity_src_gen.plasmid_name                       PET11D 
_entity_src_gen.plasmid_details                    ? 
_entity_src_gen.pdbx_description                   ? 
# 
loop_
_chem_comp.id 
_chem_comp.type 
_chem_comp.mon_nstd_flag 
_chem_comp.name 
_chem_comp.pdbx_synonyms 
_chem_comp.formula 
_chem_comp.formula_weight 
ALA 'L-peptide linking' y ALANINE         ? 'C3 H7 N O2'     89.093  
ARG 'L-peptide linking' y ARGININE        ? 'C6 H15 N4 O2 1' 175.209 
ASN 'L-peptide linking' y ASPARAGINE      ? 'C4 H8 N2 O3'    132.118 
ASP 'L-peptide linking' y 'ASPARTIC ACID' ? 'C4 H7 N O4'     133.103 
CYS 'L-peptide linking' y CYSTEINE        ? 'C3 H7 N O2 S'   121.158 
GLN 'L-peptide linking' y GLUTAMINE       ? 'C5 H10 N2 O3'   146.144 
GLU 'L-peptide linking' y 'GLUTAMIC ACID' ? 'C5 H9 N O4'     147.129 
GLY 'peptide linking'   y GLYCINE         ? 'C2 H5 N O2'     75.067  
HIS 'L-peptide linking' y HISTIDINE       ? 'C6 H10 N3 O2 1' 156.162 
ILE 'L-peptide linking' y ISOLEUCINE      ? 'C6 H13 N O2'    131.173 
LEU 'L-peptide linking' y LEUCINE         ? 'C6 H13 N O2'    131.173 
LYS 'L-peptide linking' y LYSINE          ? 'C6 H15 N2 O2 1' 147.195 
MET 'L-peptide linking' y METHIONINE      ? 'C5 H11 N O2 S'  149.211 
PHE 'L-peptide linking' y PHENYLALANINE   ? 'C9 H11 N O2'    165.189 
PRO 'L-peptide linking' y PROLINE         ? 'C5 H9 N O2'     115.130 
SER 'L-peptide linking' y SERINE          ? 'C3 H7 N O3'     105.093 
THR 'L-peptide linking' y THREONINE       ? 'C4 H9 N O3'     119.119 
TYR 'L-peptide linking' y TYROSINE        ? 'C9 H11 N O3'    181.189 
VAL 'L-peptide linking' y VALINE          ? 'C5 H11 N O2'    117.146 
# 
loop_
_pdbx_poly_seq_scheme.asym_id 
_pdbx_poly_seq_scheme.entity_id 
_pdbx_poly_seq_scheme.seq_id 
_pdbx_poly_seq_scheme.mon_id 
_pdbx_poly_seq_scheme.ndb_seq_num 
_pdbx_poly_seq_scheme.pdb_seq_num 
_pdbx_poly_seq_scheme.auth_seq_num 
_pdbx_poly_seq_scheme.pdb_mon_id 
_pdbx_poly_seq_scheme.auth_mon_id 
_pdbx_poly_seq_scheme.pdb_strand_id 
_pdbx_poly_seq_scheme.pdb_ins_code 
_pdbx_poly_seq_scheme.hetero 
A 1 1  MET 1  1  1  MET MET A . n 
A 1 2  ALA 2  2  2  ALA ALA A . n 
A 1 3  GLU 3  3  3  GLU GLU A . n 
A 1 4  ILE 4  4  4  ILE ILE A . n 
A 1 5  LYS 5  5  5  LYS LYS A . n 
A 1 6  HIS 6  6  6  HIS HIS A . n 
A 1 7  TYR 7  7  7  TYR TYR A . n 
A 1 8  GLN 8  8  8  GLN GLN A . n 
A 1 9  PHE 9  9  9  PHE PHE A . n 
A 1 10 ASN 10 10 10 ASN ASN A . n 
A 1 11 VAL 11 11 11 VAL VAL A . n 
A 1 12 VAL 12 12 12 VAL VAL A . n 
A 1 13 MET 13 13 13 MET MET A . n 
A 1 14 THR 14 14 14 THR THR A . n 
A 1 15 CYS 15 15 15 CYS CYS A . n 
A 1 16 SER 16 16 16 SER SER A . n 
A 1 17 GLY 17 17 17 GLY GLY A . n 
A 1 18 CYS 18 18 18 CYS CYS A . n 
A 1 19 SER 19 19 19 SER SER A . n 
A 1 20 GLY 20 20 20 GLY GLY A . n 
A 1 21 ALA 21 21 21 ALA ALA A . n 
A 1 22 VAL 22 22 22 VAL VAL A . n 
A 1 23 ASN 23 23 23 ASN ASN A . n 
A 1 24 LYS 24 24 24 LYS LYS A . n 
A 1 25 VAL 25 25 25 VAL VAL A . n 
A 1 26 LEU 26 26 26 LEU LEU A . n 
A 1 27 THR 27 27 27 THR THR A . n 
A 1 28 LYS 28 28 28 LYS LYS A . n 
A 1 29 LEU 29 29 29 LEU LEU A . n 
A 1 30 GLU 30 30 30 GLU GLU A . n 
A 1 31 PRO 31 31 31 PRO PRO A . n 
A 1 32 ASP 32 32 32 ASP ASP A . n 
A 1 33 VAL 33 33 33 VAL VAL A . n 
A 1 34 SER 34 34 34 SER SER A . n 
A 1 35 LYS 35 35 35 LYS LYS A . n 
A 1 36 ILE 36 36 36 ILE ILE A . n 
A 1 37 ASP 37 37 37 ASP ASP A . n 
A 1 38 ILE 38 38 38 ILE ILE A . n 
A 1 39 SER 39 39 39 SER SER A . n 
A 1 40 LEU 40 40 40 LEU LEU A . n 
A 1 41 GLU 41 41 41 GLU GLU A . n 
A 1 42 LYS 42 42 42 LYS LYS A . n 
A 1 43 GLN 43 43 43 GLN GLN A . n 
A 1 44 LEU 44 44 44 LEU LEU A . n 
A 1 45 VAL 45 45 45 VAL VAL A . n 
A 1 46 ASP 46 46 46 ASP ASP A . n 
A 1 47 VAL 47 47 47 VAL VAL A . n 
A 1 48 TYR 48 48 48 TYR TYR A . n 
A 1 49 THR 49 49 49 THR THR A . n 
A 1 50 THR 50 50 50 THR THR A . n 
A 1 51 LEU 51 51 51 LEU LEU A . n 
A 1 52 PRO 52 52 52 PRO PRO A . n 
A 1 53 TYR 53 53 53 TYR TYR A . n 
A 1 54 ASP 54 54 54 ASP ASP A . n 
A 1 55 PHE 55 55 55 PHE PHE A . n 
A 1 56 ILE 56 56 56 ILE ILE A . n 
A 1 57 LEU 57 57 57 LEU LEU A . n 
A 1 58 GLU 58 58 58 GLU GLU A . n 
A 1 59 LYS 59 59 59 LYS LYS A . n 
A 1 60 ILE 60 60 60 ILE ILE A . n 
A 1 61 LYS 61 61 61 LYS LYS A . n 
A 1 62 LYS 62 62 62 LYS LYS A . n 
A 1 63 THR 63 63 63 THR THR A . n 
A 1 64 GLY 64 64 64 GLY GLY A . n 
A 1 65 LYS 65 65 65 LYS LYS A . n 
A 1 66 GLU 66 66 66 GLU GLU A . n 
A 1 67 VAL 67 67 67 VAL VAL A . n 
A 1 68 ARG 68 68 68 ARG ARG A . n 
A 1 69 SER 69 69 69 SER SER A . n 
A 1 70 GLY 70 70 70 GLY GLY A . n 
A 1 71 LYS 71 71 71 LYS LYS A . n 
A 1 72 GLN 72 72 72 GLN GLN A . n 
A 1 73 LEU 73 73 73 LEU LEU A . n 
# 
_cell.entry_id           1FES 
_cell.length_a           1.000 
_cell.length_b           1.000 
_cell.length_c           1.000 
_cell.angle_alpha        90.00 
_cell.angle_beta         90.00 
_cell.angle_gamma        90.00 
_cell.Z_PDB              1 
_cell.pdbx_unique_axis   ? 
# 
_symmetry.entry_id                         1FES 
_symmetry.space_group_name_H-M             'P 1' 
_symmetry.pdbx_full_space_group_name_H-M   ? 
_symmetry.cell_setting                     ? 
_symmetry.Int_Tables_number                1 
# 
_exptl.entry_id          1FES 
_exptl.method            'SOLUTION NMR' 
_exptl.crystals_number   ? 
# 
_struct.entry_id                  1FES 
_struct.title                     'SOLUTION STRUCTURE OF THE APO FORM OF THE YEAST METALLOCHAPERONE, ATX1' 
_struct.pdbx_model_details        ? 
_struct.pdbx_CASP_flag            ? 
_struct.pdbx_model_type_details   'minimized average' 
# 
_struct_keywords.entry_id        1FES 
_struct_keywords.pdbx_keywords   'METAL TRANSPORT' 
_struct_keywords.text            'Metallochaperone, Atx1, HEAVY-METAL-ASSOCIATED DOMAIN, OXYGEN TOXICITY, metal transport' 
# 
_struct_asym.id                            A 
_struct_asym.pdbx_blank_PDB_chainid_flag   N 
_struct_asym.pdbx_modified                 N 
_struct_asym.entity_id                     1 
_struct_asym.details                       ? 
# 
_struct_ref.id                         1 
_struct_ref.db_code                    ATX1_YEAST 
_struct_ref.db_name                    UNP 
_struct_ref.entity_id                  1 
_struct_ref.pdbx_db_accession          P38636 
_struct_ref.pdbx_align_begin           1 
_struct_ref.pdbx_seq_one_letter_code   MAEIKHYQFNVVMTCSGCSGAVNKVLTKLEPDVSKIDISLEKQLVDVYTTLPYDFILEKIKKTGKEVRSGKQL 
_struct_ref.pdbx_db_isoform            ? 
# 
_struct_ref_seq.align_id                      1 
_struct_ref_seq.ref_id                        1 
_struct_ref_seq.pdbx_PDB_id_code              1FES 
_struct_ref_seq.pdbx_strand_id                A 
_struct_ref_seq.seq_align_beg                 1 
_struct_ref_seq.pdbx_seq_align_beg_ins_code   ? 
_struct_ref_seq.seq_align_end                 73 
_struct_ref_seq.pdbx_seq_align_end_ins_code   ? 
_struct_ref_seq.pdbx_db_accession             P38636 
_struct_ref_seq.db_align_beg                  1 
_struct_ref_seq.pdbx_db_align_beg_ins_code    ? 
_struct_ref_seq.db_align_end                  73 
_struct_ref_seq.pdbx_db_align_end_ins_code    ? 
_struct_ref_seq.pdbx_auth_seq_align_beg       1 
_struct_ref_seq.pdbx_auth_seq_align_end       73 
# 
_pdbx_struct_assembly.id                   1 
_pdbx_struct_assembly.details              author_defined_assembly 
_pdbx_struct_assembly.method_details       ? 
_pdbx_struct_assembly.oligomeric_details   monomeric 
_pdbx_struct_assembly.oligomeric_count     1 
# 
_pdbx_struct_assembly_gen.assembly_id       1 
_pdbx_struct_assembly_gen.oper_expression   1 
_pdbx_struct_assembly_gen.asym_id_list      A 
# 
_pdbx_struct_oper_list.id                   1 
_pdbx_struct_oper_list.type                 'identity operation' 
_pdbx_struct_oper_list.name                 1_555 
_pdbx_struct_oper_list.symmetry_operation   x,y,z 
_pdbx_struct_oper_list.matrix[1][1]         1.0000000000 
_pdbx_struct_oper_list.matrix[1][2]         0.0000000000 
_pdbx_struct_oper_list.matrix[1][3]         0.0000000000 
_pdbx_struct_oper_list.vector[1]            0.0000000000 
_pdbx_struct_oper_list.matrix[2][1]         0.0000000000 
_pdbx_struct_oper_list.matrix[2][2]         1.0000000000 
_pdbx_struct_oper_list.matrix[2][3]         0.0000000000 
_pdbx_struct_oper_list.vector[2]            0.0000000000 
_pdbx_struct_oper_list.matrix[3][1]         0.0000000000 
_pdbx_struct_oper_list.matrix[3][2]         0.0000000000 
_pdbx_struct_oper_list.matrix[3][3]         1.0000000000 
_pdbx_struct_oper_list.vector[3]            0.0000000000 
# 
_struct_biol.id   1 
# 
loop_
_struct_conf.conf_type_id 
_struct_conf.id 
_struct_conf.pdbx_PDB_helix_id 
_struct_conf.beg_label_comp_id 
_struct_conf.beg_label_asym_id 
_struct_conf.beg_label_seq_id 
_struct_conf.pdbx_beg_PDB_ins_code 
_struct_conf.end_label_comp_id 
_struct_conf.end_label_asym_id 
_struct_conf.end_label_seq_id 
_struct_conf.pdbx_end_PDB_ins_code 
_struct_conf.beg_auth_comp_id 
_struct_conf.beg_auth_asym_id 
_struct_conf.beg_auth_seq_id 
_struct_conf.end_auth_comp_id 
_struct_conf.end_auth_asym_id 
_struct_conf.end_auth_seq_id 
_struct_conf.pdbx_PDB_helix_class 
_struct_conf.details 
_struct_conf.pdbx_PDB_helix_length 
HELX_P HELX_P1 1 ALA A 21 ? LYS A 28 ? ALA A 21 LYS A 28 1 ? 8  
HELX_P HELX_P2 2 LEU A 29 ? PRO A 31 ? LEU A 29 PRO A 31 5 ? 3  
HELX_P HELX_P3 3 LEU A 40 ? LYS A 42 ? LEU A 40 LYS A 42 5 ? 3  
HELX_P HELX_P4 4 PRO A 52 ? THR A 63 ? PRO A 52 THR A 63 1 ? 12 
# 
_struct_conf_type.id          HELX_P 
_struct_conf_type.criteria    ? 
_struct_conf_type.reference   ? 
# 
_struct_sheet.id               A 
_struct_sheet.type             ? 
_struct_sheet.number_strands   4 
_struct_sheet.details          ? 
# 
loop_
_struct_sheet_order.sheet_id 
_struct_sheet_order.range_id_1 
_struct_sheet_order.range_id_2 
_struct_sheet_order.offset 
_struct_sheet_order.sense 
A 1 2 ? anti-parallel 
A 2 3 ? anti-parallel 
A 3 4 ? anti-parallel 
# 
loop_
_struct_sheet_range.sheet_id 
_struct_sheet_range.id 
_struct_sheet_range.beg_label_comp_id 
_struct_sheet_range.beg_label_asym_id 
_struct_sheet_range.beg_label_seq_id 
_struct_sheet_range.pdbx_beg_PDB_ins_code 
_struct_sheet_range.end_label_comp_id 
_struct_sheet_range.end_label_asym_id 
_struct_sheet_range.end_label_seq_id 
_struct_sheet_range.pdbx_end_PDB_ins_code 
_struct_sheet_range.beg_auth_comp_id 
_struct_sheet_range.beg_auth_asym_id 
_struct_sheet_range.beg_auth_seq_id 
_struct_sheet_range.end_auth_comp_id 
_struct_sheet_range.end_auth_asym_id 
_struct_sheet_range.end_auth_seq_id 
A 1 VAL A 33 ? SER A 39 ? VAL A 33 SER A 39 
A 2 LEU A 44 ? THR A 49 ? LEU A 44 THR A 49 
A 3 LYS A 5  ? VAL A 11 ? LYS A 5  VAL A 11 
A 4 VAL A 67 ? GLN A 72 ? VAL A 67 GLN A 72 
# 
loop_
_pdbx_struct_sheet_hbond.sheet_id 
_pdbx_struct_sheet_hbond.range_id_1 
_pdbx_struct_sheet_hbond.range_id_2 
_pdbx_struct_sheet_hbond.range_1_label_atom_id 
_pdbx_struct_sheet_hbond.range_1_label_comp_id 
_pdbx_struct_sheet_hbond.range_1_label_asym_id 
_pdbx_struct_sheet_hbond.range_1_label_seq_id 
_pdbx_struct_sheet_hbond.range_1_PDB_ins_code 
_pdbx_struct_sheet_hbond.range_1_auth_atom_id 
_pdbx_struct_sheet_hbond.range_1_auth_comp_id 
_pdbx_struct_sheet_hbond.range_1_auth_asym_id 
_pdbx_struct_sheet_hbond.range_1_auth_seq_id 
_pdbx_struct_sheet_hbond.range_2_label_atom_id 
_pdbx_struct_sheet_hbond.range_2_label_comp_id 
_pdbx_struct_sheet_hbond.range_2_label_asym_id 
_pdbx_struct_sheet_hbond.range_2_label_seq_id 
_pdbx_struct_sheet_hbond.range_2_PDB_ins_code 
_pdbx_struct_sheet_hbond.range_2_auth_atom_id 
_pdbx_struct_sheet_hbond.range_2_auth_comp_id 
_pdbx_struct_sheet_hbond.range_2_auth_asym_id 
_pdbx_struct_sheet_hbond.range_2_auth_seq_id 
A 1 2 N SER A 39 ? N SER A 39 O LEU A 44 ? O LEU A 44 
A 2 3 O THR A 49 ? O THR A 49 N LYS A 5  ? N LYS A 5  
A 3 4 O ASN A 10 ? O ASN A 10 N ARG A 68 ? N ARG A 68 
# 
loop_
_pdbx_validate_torsion.id 
_pdbx_validate_torsion.PDB_model_num 
_pdbx_validate_torsion.auth_comp_id 
_pdbx_validate_torsion.auth_asym_id 
_pdbx_validate_torsion.auth_seq_id 
_pdbx_validate_torsion.PDB_ins_code 
_pdbx_validate_torsion.label_alt_id 
_pdbx_validate_torsion.phi 
_pdbx_validate_torsion.psi 
1 1 GLU A 3  ? ? -115.75 -160.97 
2 1 ILE A 4  ? ? -42.66  103.55  
3 1 THR A 14 ? ? 41.20   71.56   
4 1 CYS A 15 ? ? 65.97   -165.94 
5 1 SER A 16 ? ? 70.13   -64.10  
6 1 CYS A 18 ? ? 37.70   63.92   
7 1 SER A 19 ? ? 70.57   -24.01  
8 1 ALA A 21 ? ? 69.50   -60.64  
# 
_pdbx_validate_planes.id              1 
_pdbx_validate_planes.PDB_model_num   1 
_pdbx_validate_planes.auth_comp_id    TYR 
_pdbx_validate_planes.auth_asym_id    A 
_pdbx_validate_planes.auth_seq_id     53 
_pdbx_validate_planes.PDB_ins_code    ? 
_pdbx_validate_planes.label_alt_id    ? 
_pdbx_validate_planes.rmsd            0.067 
_pdbx_validate_planes.type            'SIDE CHAIN' 
# 
_pdbx_nmr_ensemble.entry_id                             1FES 
_pdbx_nmr_ensemble.conformers_calculated_total_number   ? 
_pdbx_nmr_ensemble.conformers_submitted_total_number    1 
_pdbx_nmr_ensemble.conformer_selection_criteria         ? 
# 
_pdbx_nmr_representative.entry_id             1FES 
_pdbx_nmr_representative.conformer_id         ? 
_pdbx_nmr_representative.selection_criteria   'minimized average structure' 
# 
_pdbx_nmr_sample_details.solution_id      1 
_pdbx_nmr_sample_details.contents         '1.8mM Apo-Atx1 15N; 100mM phosphate buffer NA; 90% H2O, 10% D2O' 
_pdbx_nmr_sample_details.solvent_system   '90% H2O/10% D2O' 
# 
_pdbx_nmr_exptl_sample_conditions.conditions_id       1 
_pdbx_nmr_exptl_sample_conditions.temperature         298 
_pdbx_nmr_exptl_sample_conditions.pressure            ambient 
_pdbx_nmr_exptl_sample_conditions.pH                  7.0 
_pdbx_nmr_exptl_sample_conditions.ionic_strength      '100mM phosphate' 
_pdbx_nmr_exptl_sample_conditions.pressure_units      ? 
_pdbx_nmr_exptl_sample_conditions.temperature_units   K 
# 
loop_
_pdbx_nmr_exptl.experiment_id 
_pdbx_nmr_exptl.solution_id 
_pdbx_nmr_exptl.conditions_id 
_pdbx_nmr_exptl.type 
1 1 1 '2D NOESY'    
2 1 1 '2D TOCSY'    
3 1 1 '15N-1H HSQC' 
# 
_pdbx_nmr_refine.entry_id           1FES 
_pdbx_nmr_refine.method             'simulated annealing torsion angle dynamics restrained energy minimization' 
_pdbx_nmr_refine.details            '1252 meaningful NOEs' 
_pdbx_nmr_refine.software_ordinal   1 
# 
loop_
_pdbx_nmr_software.name 
_pdbx_nmr_software.version 
_pdbx_nmr_software.classification 
_pdbx_nmr_software.authors 
_pdbx_nmr_software.ordinal 
XwinNMR ? processing                    ?                                       1 
XEASY   ? 'data analysis'               'Eccles, Guentert, Billeter, Wuethrich' 2 
DYANA   ? 'structure solution'          'Guentert, Mumenthaler, Wuethrich'      3 
CORMA   ? 'iterative matrix relaxation' 'Borgias, Thomas, James'                4 
Amber   6 refinement                    'Case, Kollman et al.'                  5 
# 
loop_
_chem_comp_atom.comp_id 
_chem_comp_atom.atom_id 
_chem_comp_atom.type_symbol 
_chem_comp_atom.pdbx_aromatic_flag 
_chem_comp_atom.pdbx_stereo_config 
_chem_comp_atom.pdbx_ordinal 
ALA N    N N N 1   
ALA CA   C N S 2   
ALA C    C N N 3   
ALA O    O N N 4   
ALA CB   C N N 5   
ALA OXT  O N N 6   
ALA H    H N N 7   
ALA H2   H N N 8   
ALA HA   H N N 9   
ALA HB1  H N N 10  
ALA HB2  H N N 11  
ALA HB3  H N N 12  
ALA HXT  H N N 13  
ARG N    N N N 14  
ARG CA   C N S 15  
ARG C    C N N 16  
ARG O    O N N 17  
ARG CB   C N N 18  
ARG CG   C N N 19  
ARG CD   C N N 20  
ARG NE   N N N 21  
ARG CZ   C N N 22  
ARG NH1  N N N 23  
ARG NH2  N N N 24  
ARG OXT  O N N 25  
ARG H    H N N 26  
ARG H2   H N N 27  
ARG HA   H N N 28  
ARG HB2  H N N 29  
ARG HB3  H N N 30  
ARG HG2  H N N 31  
ARG HG3  H N N 32  
ARG HD2  H N N 33  
ARG HD3  H N N 34  
ARG HE   H N N 35  
ARG HH11 H N N 36  
ARG HH12 H N N 37  
ARG HH21 H N N 38  
ARG HH22 H N N 39  
ARG HXT  H N N 40  
ASN N    N N N 41  
ASN CA   C N S 42  
ASN C    C N N 43  
ASN O    O N N 44  
ASN CB   C N N 45  
ASN CG   C N N 46  
ASN OD1  O N N 47  
ASN ND2  N N N 48  
ASN OXT  O N N 49  
ASN H    H N N 50  
ASN H2   H N N 51  
ASN HA   H N N 52  
ASN HB2  H N N 53  
ASN HB3  H N N 54  
ASN HD21 H N N 55  
ASN HD22 H N N 56  
ASN HXT  H N N 57  
ASP N    N N N 58  
ASP CA   C N S 59  
ASP C    C N N 60  
ASP O    O N N 61  
ASP CB   C N N 62  
ASP CG   C N N 63  
ASP OD1  O N N 64  
ASP OD2  O N N 65  
ASP OXT  O N N 66  
ASP H    H N N 67  
ASP H2   H N N 68  
ASP HA   H N N 69  
ASP HB2  H N N 70  
ASP HB3  H N N 71  
ASP HD2  H N N 72  
ASP HXT  H N N 73  
CYS N    N N N 74  
CYS CA   C N R 75  
CYS C    C N N 76  
CYS O    O N N 77  
CYS CB   C N N 78  
CYS SG   S N N 79  
CYS OXT  O N N 80  
CYS H    H N N 81  
CYS H2   H N N 82  
CYS HA   H N N 83  
CYS HB2  H N N 84  
CYS HB3  H N N 85  
CYS HG   H N N 86  
CYS HXT  H N N 87  
GLN N    N N N 88  
GLN CA   C N S 89  
GLN C    C N N 90  
GLN O    O N N 91  
GLN CB   C N N 92  
GLN CG   C N N 93  
GLN CD   C N N 94  
GLN OE1  O N N 95  
GLN NE2  N N N 96  
GLN OXT  O N N 97  
GLN H    H N N 98  
GLN H2   H N N 99  
GLN HA   H N N 100 
GLN HB2  H N N 101 
GLN HB3  H N N 102 
GLN HG2  H N N 103 
GLN HG3  H N N 104 
GLN HE21 H N N 105 
GLN HE22 H N N 106 
GLN HXT  H N N 107 
GLU N    N N N 108 
GLU CA   C N S 109 
GLU C    C N N 110 
GLU O    O N N 111 
GLU CB   C N N 112 
GLU CG   C N N 113 
GLU CD   C N N 114 
GLU OE1  O N N 115 
GLU OE2  O N N 116 
GLU OXT  O N N 117 
GLU H    H N N 118 
GLU H2   H N N 119 
GLU HA   H N N 120 
GLU HB2  H N N 121 
GLU HB3  H N N 122 
GLU HG2  H N N 123 
GLU HG3  H N N 124 
GLU HE2  H N N 125 
GLU HXT  H N N 126 
GLY N    N N N 127 
GLY CA   C N N 128 
GLY C    C N N 129 
GLY O    O N N 130 
GLY OXT  O N N 131 
GLY H    H N N 132 
GLY H2   H N N 133 
GLY HA2  H N N 134 
GLY HA3  H N N 135 
GLY HXT  H N N 136 
HIS N    N N N 137 
HIS CA   C N S 138 
HIS C    C N N 139 
HIS O    O N N 140 
HIS CB   C N N 141 
HIS CG   C Y N 142 
HIS ND1  N Y N 143 
HIS CD2  C Y N 144 
HIS CE1  C Y N 145 
HIS NE2  N Y N 146 
HIS OXT  O N N 147 
HIS H    H N N 148 
HIS H2   H N N 149 
HIS HA   H N N 150 
HIS HB2  H N N 151 
HIS HB3  H N N 152 
HIS HD1  H N N 153 
HIS HD2  H N N 154 
HIS HE1  H N N 155 
HIS HE2  H N N 156 
HIS HXT  H N N 157 
ILE N    N N N 158 
ILE CA   C N S 159 
ILE C    C N N 160 
ILE O    O N N 161 
ILE CB   C N S 162 
ILE CG1  C N N 163 
ILE CG2  C N N 164 
ILE CD1  C N N 165 
ILE OXT  O N N 166 
ILE H    H N N 167 
ILE H2   H N N 168 
ILE HA   H N N 169 
ILE HB   H N N 170 
ILE HG12 H N N 171 
ILE HG13 H N N 172 
ILE HG21 H N N 173 
ILE HG22 H N N 174 
ILE HG23 H N N 175 
ILE HD11 H N N 176 
ILE HD12 H N N 177 
ILE HD13 H N N 178 
ILE HXT  H N N 179 
LEU N    N N N 180 
LEU CA   C N S 181 
LEU C    C N N 182 
LEU O    O N N 183 
LEU CB   C N N 184 
LEU CG   C N N 185 
LEU CD1  C N N 186 
LEU CD2  C N N 187 
LEU OXT  O N N 188 
LEU H    H N N 189 
LEU H2   H N N 190 
LEU HA   H N N 191 
LEU HB2  H N N 192 
LEU HB3  H N N 193 
LEU HG   H N N 194 
LEU HD11 H N N 195 
LEU HD12 H N N 196 
LEU HD13 H N N 197 
LEU HD21 H N N 198 
LEU HD22 H N N 199 
LEU HD23 H N N 200 
LEU HXT  H N N 201 
LYS N    N N N 202 
LYS CA   C N S 203 
LYS C    C N N 204 
LYS O    O N N 205 
LYS CB   C N N 206 
LYS CG   C N N 207 
LYS CD   C N N 208 
LYS CE   C N N 209 
LYS NZ   N N N 210 
LYS OXT  O N N 211 
LYS H    H N N 212 
LYS H2   H N N 213 
LYS HA   H N N 214 
LYS HB2  H N N 215 
LYS HB3  H N N 216 
LYS HG2  H N N 217 
LYS HG3  H N N 218 
LYS HD2  H N N 219 
LYS HD3  H N N 220 
LYS HE2  H N N 221 
LYS HE3  H N N 222 
LYS HZ1  H N N 223 
LYS HZ2  H N N 224 
LYS HZ3  H N N 225 
LYS HXT  H N N 226 
MET N    N N N 227 
MET CA   C N S 228 
MET C    C N N 229 
MET O    O N N 230 
MET CB   C N N 231 
MET CG   C N N 232 
MET SD   S N N 233 
MET CE   C N N 234 
MET OXT  O N N 235 
MET H    H N N 236 
MET H2   H N N 237 
MET HA   H N N 238 
MET HB2  H N N 239 
MET HB3  H N N 240 
MET HG2  H N N 241 
MET HG3  H N N 242 
MET HE1  H N N 243 
MET HE2  H N N 244 
MET HE3  H N N 245 
MET HXT  H N N 246 
PHE N    N N N 247 
PHE CA   C N S 248 
PHE C    C N N 249 
PHE O    O N N 250 
PHE CB   C N N 251 
PHE CG   C Y N 252 
PHE CD1  C Y N 253 
PHE CD2  C Y N 254 
PHE CE1  C Y N 255 
PHE CE2  C Y N 256 
PHE CZ   C Y N 257 
PHE OXT  O N N 258 
PHE H    H N N 259 
PHE H2   H N N 260 
PHE HA   H N N 261 
PHE HB2  H N N 262 
PHE HB3  H N N 263 
PHE HD1  H N N 264 
PHE HD2  H N N 265 
PHE HE1  H N N 266 
PHE HE2  H N N 267 
PHE HZ   H N N 268 
PHE HXT  H N N 269 
PRO N    N N N 270 
PRO CA   C N S 271 
PRO C    C N N 272 
PRO O    O N N 273 
PRO CB   C N N 274 
PRO CG   C N N 275 
PRO CD   C N N 276 
PRO OXT  O N N 277 
PRO H    H N N 278 
PRO HA   H N N 279 
PRO HB2  H N N 280 
PRO HB3  H N N 281 
PRO HG2  H N N 282 
PRO HG3  H N N 283 
PRO HD2  H N N 284 
PRO HD3  H N N 285 
PRO HXT  H N N 286 
SER N    N N N 287 
SER CA   C N S 288 
SER C    C N N 289 
SER O    O N N 290 
SER CB   C N N 291 
SER OG   O N N 292 
SER OXT  O N N 293 
SER H    H N N 294 
SER H2   H N N 295 
SER HA   H N N 296 
SER HB2  H N N 297 
SER HB3  H N N 298 
SER HG   H N N 299 
SER HXT  H N N 300 
THR N    N N N 301 
THR CA   C N S 302 
THR C    C N N 303 
THR O    O N N 304 
THR CB   C N R 305 
THR OG1  O N N 306 
THR CG2  C N N 307 
THR OXT  O N N 308 
THR H    H N N 309 
THR H2   H N N 310 
THR HA   H N N 311 
THR HB   H N N 312 
THR HG1  H N N 313 
THR HG21 H N N 314 
THR HG22 H N N 315 
THR HG23 H N N 316 
THR HXT  H N N 317 
TYR N    N N N 318 
TYR CA   C N S 319 
TYR C    C N N 320 
TYR O    O N N 321 
TYR CB   C N N 322 
TYR CG   C Y N 323 
TYR CD1  C Y N 324 
TYR CD2  C Y N 325 
TYR CE1  C Y N 326 
TYR CE2  C Y N 327 
TYR CZ   C Y N 328 
TYR OH   O N N 329 
TYR OXT  O N N 330 
TYR H    H N N 331 
TYR H2   H N N 332 
TYR HA   H N N 333 
TYR HB2  H N N 334 
TYR HB3  H N N 335 
TYR HD1  H N N 336 
TYR HD2  H N N 337 
TYR HE1  H N N 338 
TYR HE2  H N N 339 
TYR HH   H N N 340 
TYR HXT  H N N 341 
VAL N    N N N 342 
VAL CA   C N S 343 
VAL C    C N N 344 
VAL O    O N N 345 
VAL CB   C N N 346 
VAL CG1  C N N 347 
VAL CG2  C N N 348 
VAL OXT  O N N 349 
VAL H    H N N 350 
VAL H2   H N N 351 
VAL HA   H N N 352 
VAL HB   H N N 353 
VAL HG11 H N N 354 
VAL HG12 H N N 355 
VAL HG13 H N N 356 
VAL HG21 H N N 357 
VAL HG22 H N N 358 
VAL HG23 H N N 359 
VAL HXT  H N N 360 
# 
loop_
_chem_comp_bond.comp_id 
_chem_comp_bond.atom_id_1 
_chem_comp_bond.atom_id_2 
_chem_comp_bond.value_order 
_chem_comp_bond.pdbx_aromatic_flag 
_chem_comp_bond.pdbx_stereo_config 
_chem_comp_bond.pdbx_ordinal 
ALA N   CA   sing N N 1   
ALA N   H    sing N N 2   
ALA N   H2   sing N N 3   
ALA CA  C    sing N N 4   
ALA CA  CB   sing N N 5   
ALA CA  HA   sing N N 6   
ALA C   O    doub N N 7   
ALA C   OXT  sing N N 8   
ALA CB  HB1  sing N N 9   
ALA CB  HB2  sing N N 10  
ALA CB  HB3  sing N N 11  
ALA OXT HXT  sing N N 12  
ARG N   CA   sing N N 13  
ARG N   H    sing N N 14  
ARG N   H2   sing N N 15  
ARG CA  C    sing N N 16  
ARG CA  CB   sing N N 17  
ARG CA  HA   sing N N 18  
ARG C   O    doub N N 19  
ARG C   OXT  sing N N 20  
ARG CB  CG   sing N N 21  
ARG CB  HB2  sing N N 22  
ARG CB  HB3  sing N N 23  
ARG CG  CD   sing N N 24  
ARG CG  HG2  sing N N 25  
ARG CG  HG3  sing N N 26  
ARG CD  NE   sing N N 27  
ARG CD  HD2  sing N N 28  
ARG CD  HD3  sing N N 29  
ARG NE  CZ   sing N N 30  
ARG NE  HE   sing N N 31  
ARG CZ  NH1  sing N N 32  
ARG CZ  NH2  doub N N 33  
ARG NH1 HH11 sing N N 34  
ARG NH1 HH12 sing N N 35  
ARG NH2 HH21 sing N N 36  
ARG NH2 HH22 sing N N 37  
ARG OXT HXT  sing N N 38  
ASN N   CA   sing N N 39  
ASN N   H    sing N N 40  
ASN N   H2   sing N N 41  
ASN CA  C    sing N N 42  
ASN CA  CB   sing N N 43  
ASN CA  HA   sing N N 44  
ASN C   O    doub N N 45  
ASN C   OXT  sing N N 46  
ASN CB  CG   sing N N 47  
ASN CB  HB2  sing N N 48  
ASN CB  HB3  sing N N 49  
ASN CG  OD1  doub N N 50  
ASN CG  ND2  sing N N 51  
ASN ND2 HD21 sing N N 52  
ASN ND2 HD22 sing N N 53  
ASN OXT HXT  sing N N 54  
ASP N   CA   sing N N 55  
ASP N   H    sing N N 56  
ASP N   H2   sing N N 57  
ASP CA  C    sing N N 58  
ASP CA  CB   sing N N 59  
ASP CA  HA   sing N N 60  
ASP C   O    doub N N 61  
ASP C   OXT  sing N N 62  
ASP CB  CG   sing N N 63  
ASP CB  HB2  sing N N 64  
ASP CB  HB3  sing N N 65  
ASP CG  OD1  doub N N 66  
ASP CG  OD2  sing N N 67  
ASP OD2 HD2  sing N N 68  
ASP OXT HXT  sing N N 69  
CYS N   CA   sing N N 70  
CYS N   H    sing N N 71  
CYS N   H2   sing N N 72  
CYS CA  C    sing N N 73  
CYS CA  CB   sing N N 74  
CYS CA  HA   sing N N 75  
CYS C   O    doub N N 76  
CYS C   OXT  sing N N 77  
CYS CB  SG   sing N N 78  
CYS CB  HB2  sing N N 79  
CYS CB  HB3  sing N N 80  
CYS SG  HG   sing N N 81  
CYS OXT HXT  sing N N 82  
GLN N   CA   sing N N 83  
GLN N   H    sing N N 84  
GLN N   H2   sing N N 85  
GLN CA  C    sing N N 86  
GLN CA  CB   sing N N 87  
GLN CA  HA   sing N N 88  
GLN C   O    doub N N 89  
GLN C   OXT  sing N N 90  
GLN CB  CG   sing N N 91  
GLN CB  HB2  sing N N 92  
GLN CB  HB3  sing N N 93  
GLN CG  CD   sing N N 94  
GLN CG  HG2  sing N N 95  
GLN CG  HG3  sing N N 96  
GLN CD  OE1  doub N N 97  
GLN CD  NE2  sing N N 98  
GLN NE2 HE21 sing N N 99  
GLN NE2 HE22 sing N N 100 
GLN OXT HXT  sing N N 101 
GLU N   CA   sing N N 102 
GLU N   H    sing N N 103 
GLU N   H2   sing N N 104 
GLU CA  C    sing N N 105 
GLU CA  CB   sing N N 106 
GLU CA  HA   sing N N 107 
GLU C   O    doub N N 108 
GLU C   OXT  sing N N 109 
GLU CB  CG   sing N N 110 
GLU CB  HB2  sing N N 111 
GLU CB  HB3  sing N N 112 
GLU CG  CD   sing N N 113 
GLU CG  HG2  sing N N 114 
GLU CG  HG3  sing N N 115 
GLU CD  OE1  doub N N 116 
GLU CD  OE2  sing N N 117 
GLU OE2 HE2  sing N N 118 
GLU OXT HXT  sing N N 119 
GLY N   CA   sing N N 120 
GLY N   H    sing N N 121 
GLY N   H2   sing N N 122 
GLY CA  C    sing N N 123 
GLY CA  HA2  sing N N 124 
GLY CA  HA3  sing N N 125 
GLY C   O    doub N N 126 
GLY C   OXT  sing N N 127 
GLY OXT HXT  sing N N 128 
HIS N   CA   sing N N 129 
HIS N   H    sing N N 130 
HIS N   H2   sing N N 131 
HIS CA  C    sing N N 132 
HIS CA  CB   sing N N 133 
HIS CA  HA   sing N N 134 
HIS C   O    doub N N 135 
HIS C   OXT  sing N N 136 
HIS CB  CG   sing N N 137 
HIS CB  HB2  sing N N 138 
HIS CB  HB3  sing N N 139 
HIS CG  ND1  sing Y N 140 
HIS CG  CD2  doub Y N 141 
HIS ND1 CE1  doub Y N 142 
HIS ND1 HD1  sing N N 143 
HIS CD2 NE2  sing Y N 144 
HIS CD2 HD2  sing N N 145 
HIS CE1 NE2  sing Y N 146 
HIS CE1 HE1  sing N N 147 
HIS NE2 HE2  sing N N 148 
HIS OXT HXT  sing N N 149 
ILE N   CA   sing N N 150 
ILE N   H    sing N N 151 
ILE N   H2   sing N N 152 
ILE CA  C    sing N N 153 
ILE CA  CB   sing N N 154 
ILE CA  HA   sing N N 155 
ILE C   O    doub N N 156 
ILE C   OXT  sing N N 157 
ILE CB  CG1  sing N N 158 
ILE CB  CG2  sing N N 159 
ILE CB  HB   sing N N 160 
ILE CG1 CD1  sing N N 161 
ILE CG1 HG12 sing N N 162 
ILE CG1 HG13 sing N N 163 
ILE CG2 HG21 sing N N 164 
ILE CG2 HG22 sing N N 165 
ILE CG2 HG23 sing N N 166 
ILE CD1 HD11 sing N N 167 
ILE CD1 HD12 sing N N 168 
ILE CD1 HD13 sing N N 169 
ILE OXT HXT  sing N N 170 
LEU N   CA   sing N N 171 
LEU N   H    sing N N 172 
LEU N   H2   sing N N 173 
LEU CA  C    sing N N 174 
LEU CA  CB   sing N N 175 
LEU CA  HA   sing N N 176 
LEU C   O    doub N N 177 
LEU C   OXT  sing N N 178 
LEU CB  CG   sing N N 179 
LEU CB  HB2  sing N N 180 
LEU CB  HB3  sing N N 181 
LEU CG  CD1  sing N N 182 
LEU CG  CD2  sing N N 183 
LEU CG  HG   sing N N 184 
LEU CD1 HD11 sing N N 185 
LEU CD1 HD12 sing N N 186 
LEU CD1 HD13 sing N N 187 
LEU CD2 HD21 sing N N 188 
LEU CD2 HD22 sing N N 189 
LEU CD2 HD23 sing N N 190 
LEU OXT HXT  sing N N 191 
LYS N   CA   sing N N 192 
LYS N   H    sing N N 193 
LYS N   H2   sing N N 194 
LYS CA  C    sing N N 195 
LYS CA  CB   sing N N 196 
LYS CA  HA   sing N N 197 
LYS C   O    doub N N 198 
LYS C   OXT  sing N N 199 
LYS CB  CG   sing N N 200 
LYS CB  HB2  sing N N 201 
LYS CB  HB3  sing N N 202 
LYS CG  CD   sing N N 203 
LYS CG  HG2  sing N N 204 
LYS CG  HG3  sing N N 205 
LYS CD  CE   sing N N 206 
LYS CD  HD2  sing N N 207 
LYS CD  HD3  sing N N 208 
LYS CE  NZ   sing N N 209 
LYS CE  HE2  sing N N 210 
LYS CE  HE3  sing N N 211 
LYS NZ  HZ1  sing N N 212 
LYS NZ  HZ2  sing N N 213 
LYS NZ  HZ3  sing N N 214 
LYS OXT HXT  sing N N 215 
MET N   CA   sing N N 216 
MET N   H    sing N N 217 
MET N   H2   sing N N 218 
MET CA  C    sing N N 219 
MET CA  CB   sing N N 220 
MET CA  HA   sing N N 221 
MET C   O    doub N N 222 
MET C   OXT  sing N N 223 
MET CB  CG   sing N N 224 
MET CB  HB2  sing N N 225 
MET CB  HB3  sing N N 226 
MET CG  SD   sing N N 227 
MET CG  HG2  sing N N 228 
MET CG  HG3  sing N N 229 
MET SD  CE   sing N N 230 
MET CE  HE1  sing N N 231 
MET CE  HE2  sing N N 232 
MET CE  HE3  sing N N 233 
MET OXT HXT  sing N N 234 
PHE N   CA   sing N N 235 
PHE N   H    sing N N 236 
PHE N   H2   sing N N 237 
PHE CA  C    sing N N 238 
PHE CA  CB   sing N N 239 
PHE CA  HA   sing N N 240 
PHE C   O    doub N N 241 
PHE C   OXT  sing N N 242 
PHE CB  CG   sing N N 243 
PHE CB  HB2  sing N N 244 
PHE CB  HB3  sing N N 245 
PHE CG  CD1  doub Y N 246 
PHE CG  CD2  sing Y N 247 
PHE CD1 CE1  sing Y N 248 
PHE CD1 HD1  sing N N 249 
PHE CD2 CE2  doub Y N 250 
PHE CD2 HD2  sing N N 251 
PHE CE1 CZ   doub Y N 252 
PHE CE1 HE1  sing N N 253 
PHE CE2 CZ   sing Y N 254 
PHE CE2 HE2  sing N N 255 
PHE CZ  HZ   sing N N 256 
PHE OXT HXT  sing N N 257 
PRO N   CA   sing N N 258 
PRO N   CD   sing N N 259 
PRO N   H    sing N N 260 
PRO CA  C    sing N N 261 
PRO CA  CB   sing N N 262 
PRO CA  HA   sing N N 263 
PRO C   O    doub N N 264 
PRO C   OXT  sing N N 265 
PRO CB  CG   sing N N 266 
PRO CB  HB2  sing N N 267 
PRO CB  HB3  sing N N 268 
PRO CG  CD   sing N N 269 
PRO CG  HG2  sing N N 270 
PRO CG  HG3  sing N N 271 
PRO CD  HD2  sing N N 272 
PRO CD  HD3  sing N N 273 
PRO OXT HXT  sing N N 274 
SER N   CA   sing N N 275 
SER N   H    sing N N 276 
SER N   H2   sing N N 277 
SER CA  C    sing N N 278 
SER CA  CB   sing N N 279 
SER CA  HA   sing N N 280 
SER C   O    doub N N 281 
SER C   OXT  sing N N 282 
SER CB  OG   sing N N 283 
SER CB  HB2  sing N N 284 
SER CB  HB3  sing N N 285 
SER OG  HG   sing N N 286 
SER OXT HXT  sing N N 287 
THR N   CA   sing N N 288 
THR N   H    sing N N 289 
THR N   H2   sing N N 290 
THR CA  C    sing N N 291 
THR CA  CB   sing N N 292 
THR CA  HA   sing N N 293 
THR C   O    doub N N 294 
THR C   OXT  sing N N 295 
THR CB  OG1  sing N N 296 
THR CB  CG2  sing N N 297 
THR CB  HB   sing N N 298 
THR OG1 HG1  sing N N 299 
THR CG2 HG21 sing N N 300 
THR CG2 HG22 sing N N 301 
THR CG2 HG23 sing N N 302 
THR OXT HXT  sing N N 303 
TYR N   CA   sing N N 304 
TYR N   H    sing N N 305 
TYR N   H2   sing N N 306 
TYR CA  C    sing N N 307 
TYR CA  CB   sing N N 308 
TYR CA  HA   sing N N 309 
TYR C   O    doub N N 310 
TYR C   OXT  sing N N 311 
TYR CB  CG   sing N N 312 
TYR CB  HB2  sing N N 313 
TYR CB  HB3  sing N N 314 
TYR CG  CD1  doub Y N 315 
TYR CG  CD2  sing Y N 316 
TYR CD1 CE1  sing Y N 317 
TYR CD1 HD1  sing N N 318 
TYR CD2 CE2  doub Y N 319 
TYR CD2 HD2  sing N N 320 
TYR CE1 CZ   doub Y N 321 
TYR CE1 HE1  sing N N 322 
TYR CE2 CZ   sing Y N 323 
TYR CE2 HE2  sing N N 324 
TYR CZ  OH   sing N N 325 
TYR OH  HH   sing N N 326 
TYR OXT HXT  sing N N 327 
VAL N   CA   sing N N 328 
VAL N   H    sing N N 329 
VAL N   H2   sing N N 330 
VAL CA  C    sing N N 331 
VAL CA  CB   sing N N 332 
VAL CA  HA   sing N N 333 
VAL C   O    doub N N 334 
VAL C   OXT  sing N N 335 
VAL CB  CG1  sing N N 336 
VAL CB  CG2  sing N N 337 
VAL CB  HB   sing N N 338 
VAL CG1 HG11 sing N N 339 
VAL CG1 HG12 sing N N 340 
VAL CG1 HG13 sing N N 341 
VAL CG2 HG21 sing N N 342 
VAL CG2 HG22 sing N N 343 
VAL CG2 HG23 sing N N 344 
VAL OXT HXT  sing N N 345 
# 
loop_
_pdbx_nmr_spectrometer.spectrometer_id 
_pdbx_nmr_spectrometer.type 
_pdbx_nmr_spectrometer.manufacturer 
_pdbx_nmr_spectrometer.model 
_pdbx_nmr_spectrometer.field_strength 
1 ? Bruker AVANCE 800 
2 ? Bruker AVANCE 600 
3 ? Bruker AVANCE 500 
# 
_atom_sites.entry_id                    1FES 
_atom_sites.fract_transf_matrix[1][1]   1.000000 
_atom_sites.fract_transf_matrix[1][2]   0.000000 
_atom_sites.fract_transf_matrix[1][3]   0.000000 
_atom_sites.fract_transf_matrix[2][1]   0.000000 
_atom_sites.fract_transf_matrix[2][2]   1.000000 
_atom_sites.fract_transf_matrix[2][3]   0.000000 
_atom_sites.fract_transf_matrix[3][1]   0.000000 
_atom_sites.fract_transf_matrix[3][2]   0.000000 
_atom_sites.fract_transf_matrix[3][3]   1.000000 
_atom_sites.fract_transf_vector[1]      0.00000 
_atom_sites.fract_transf_vector[2]      0.00000 
_atom_sites.fract_transf_vector[3]      0.00000 
# 
loop_
_atom_type.symbol 
C 
H 
N 
O 
S 
# 
loop_
_atom_site.group_PDB 
_atom_site.id 
_atom_site.type_symbol 
_atom_site.label_atom_id 
_atom_site.label_alt_id 
_atom_site.label_comp_id 
_atom_site.label_asym_id 
_atom_site.label_entity_id 
_atom_site.label_seq_id 
_atom_site.pdbx_PDB_ins_code 
_atom_site.Cartn_x 
_atom_site.Cartn_y 
_atom_site.Cartn_z 
_atom_site.occupancy 
_atom_site.B_iso_or_equiv 
_atom_site.pdbx_formal_charge 
_atom_site.auth_seq_id 
_atom_site.auth_comp_id 
_atom_site.auth_asym_id 
_atom_site.auth_atom_id 
_atom_site.pdbx_PDB_model_num 
ATOM 1    N N    . MET A 1 1  ? 13.201  -13.754 -10.277 1.00 0.00 ? 1  MET A N    1 
ATOM 2    C CA   . MET A 1 1  ? 12.210  -14.817 -10.012 1.00 0.00 ? 1  MET A CA   1 
ATOM 3    C C    . MET A 1 1  ? 11.024  -14.245 -9.246  1.00 0.00 ? 1  MET A C    1 
ATOM 4    O O    . MET A 1 1  ? 9.912   -14.216 -9.755  1.00 0.00 ? 1  MET A O    1 
ATOM 5    C CB   . MET A 1 1  ? 12.796  -15.997 -9.224  1.00 0.00 ? 1  MET A CB   1 
ATOM 6    C CG   . MET A 1 1  ? 13.692  -16.925 -10.048 1.00 0.00 ? 1  MET A CG   1 
ATOM 7    S SD   . MET A 1 1  ? 13.949  -18.524 -9.234  1.00 0.00 ? 1  MET A SD   1 
ATOM 8    C CE   . MET A 1 1  ? 14.986  -19.354 -10.454 1.00 0.00 ? 1  MET A CE   1 
ATOM 9    H H1   . MET A 1 1  ? 13.547  -13.375 -9.407  1.00 0.00 ? 1  MET A H1   1 
ATOM 10   H H2   . MET A 1 1  ? 13.968  -14.115 -10.823 1.00 0.00 ? 1  MET A H2   1 
ATOM 11   H H3   . MET A 1 1  ? 12.742  -13.014 -10.792 1.00 0.00 ? 1  MET A H3   1 
ATOM 12   H HA   . MET A 1 1  ? 11.839  -15.181 -10.971 1.00 0.00 ? 1  MET A HA   1 
ATOM 13   H HB2  . MET A 1 1  ? 13.343  -15.649 -8.346  1.00 0.00 ? 1  MET A HB2  1 
ATOM 14   H HB3  . MET A 1 1  ? 11.956  -16.604 -8.882  1.00 0.00 ? 1  MET A HB3  1 
ATOM 15   H HG2  . MET A 1 1  ? 13.221  -17.127 -11.011 1.00 0.00 ? 1  MET A HG2  1 
ATOM 16   H HG3  . MET A 1 1  ? 14.663  -16.458 -10.213 1.00 0.00 ? 1  MET A HG3  1 
ATOM 17   H HE1  . MET A 1 1  ? 14.463  -19.400 -11.408 1.00 0.00 ? 1  MET A HE1  1 
ATOM 18   H HE2  . MET A 1 1  ? 15.921  -18.808 -10.567 1.00 0.00 ? 1  MET A HE2  1 
ATOM 19   H HE3  . MET A 1 1  ? 15.194  -20.365 -10.105 1.00 0.00 ? 1  MET A HE3  1 
ATOM 20   N N    . ALA A 1 2  ? 11.264  -13.786 -8.016  1.00 0.00 ? 2  ALA A N    1 
ATOM 21   C CA   . ALA A 1 2  ? 10.248  -13.075 -7.265  1.00 0.00 ? 2  ALA A CA   1 
ATOM 22   C C    . ALA A 1 2  ? 10.062  -11.702 -7.919  1.00 0.00 ? 2  ALA A C    1 
ATOM 23   O O    . ALA A 1 2  ? 11.027  -10.949 -8.040  1.00 0.00 ? 2  ALA A O    1 
ATOM 24   C CB   . ALA A 1 2  ? 10.678  -12.984 -5.800  1.00 0.00 ? 2  ALA A CB   1 
ATOM 25   H H    . ALA A 1 2  ? 12.178  -13.864 -7.599  1.00 0.00 ? 2  ALA A H    1 
ATOM 26   H HA   . ALA A 1 2  ? 9.317   -13.644 -7.309  1.00 0.00 ? 2  ALA A HA   1 
ATOM 27   H HB1  . ALA A 1 2  ? 11.480  -12.256 -5.680  1.00 0.00 ? 2  ALA A HB1  1 
ATOM 28   H HB2  . ALA A 1 2  ? 11.019  -13.961 -5.453  1.00 0.00 ? 2  ALA A HB2  1 
ATOM 29   H HB3  . ALA A 1 2  ? 9.832   -12.686 -5.191  1.00 0.00 ? 2  ALA A HB3  1 
ATOM 30   N N    . GLU A 1 3  ? 8.851   -11.437 -8.406  1.00 0.00 ? 3  GLU A N    1 
ATOM 31   C CA   . GLU A 1 3  ? 8.494   -10.268 -9.198  1.00 0.00 ? 3  GLU A CA   1 
ATOM 32   C C    . GLU A 1 3  ? 7.484   -9.438  -8.405  1.00 0.00 ? 3  GLU A C    1 
ATOM 33   O O    . GLU A 1 3  ? 7.370   -9.601  -7.193  1.00 0.00 ? 3  GLU A O    1 
ATOM 34   C CB   . GLU A 1 3  ? 7.941   -10.789 -10.539 1.00 0.00 ? 3  GLU A CB   1 
ATOM 35   C CG   . GLU A 1 3  ? 9.090   -11.373 -11.377 1.00 0.00 ? 3  GLU A CG   1 
ATOM 36   C CD   . GLU A 1 3  ? 8.631   -12.331 -12.471 1.00 0.00 ? 3  GLU A CD   1 
ATOM 37   O OE1  . GLU A 1 3  ? 7.427   -12.669 -12.483 1.00 0.00 ? 3  GLU A OE1  1 
ATOM 38   O OE2  . GLU A 1 3  ? 9.514   -12.711 -13.267 1.00 0.00 ? 3  GLU A OE2  1 
ATOM 39   H H    . GLU A 1 3  ? 8.129   -12.130 -8.297  1.00 0.00 ? 3  GLU A H    1 
ATOM 40   H HA   . GLU A 1 3  ? 9.362   -9.637  -9.396  1.00 0.00 ? 3  GLU A HA   1 
ATOM 41   H HB2  . GLU A 1 3  ? 7.189   -11.554 -10.333 1.00 0.00 ? 3  GLU A HB2  1 
ATOM 42   H HB3  . GLU A 1 3  ? 7.474   -10.019 -11.148 1.00 0.00 ? 3  GLU A HB3  1 
ATOM 43   H HG2  . GLU A 1 3  ? 9.634   -10.555 -11.847 1.00 0.00 ? 3  GLU A HG2  1 
ATOM 44   H HG3  . GLU A 1 3  ? 9.782   -11.926 -10.752 1.00 0.00 ? 3  GLU A HG3  1 
ATOM 45   N N    . ILE A 1 4  ? 6.748   -8.559  -9.089  1.00 0.00 ? 4  ILE A N    1 
ATOM 46   C CA   . ILE A 1 4  ? 5.607   -7.816  -8.587  1.00 0.00 ? 4  ILE A CA   1 
ATOM 47   C C    . ILE A 1 4  ? 4.711   -8.746  -7.744  1.00 0.00 ? 4  ILE A C    1 
ATOM 48   O O    . ILE A 1 4  ? 3.975   -9.558  -8.300  1.00 0.00 ? 4  ILE A O    1 
ATOM 49   C CB   . ILE A 1 4  ? 4.860   -7.227  -9.808  1.00 0.00 ? 4  ILE A CB   1 
ATOM 50   C CG1  . ILE A 1 4  ? 5.777   -6.275  -10.615 1.00 0.00 ? 4  ILE A CG1  1 
ATOM 51   C CG2  . ILE A 1 4  ? 3.595   -6.477  -9.356  1.00 0.00 ? 4  ILE A CG2  1 
ATOM 52   C CD1  . ILE A 1 4  ? 5.221   -5.898  -11.996 1.00 0.00 ? 4  ILE A CD1  1 
ATOM 53   H H    . ILE A 1 4  ? 6.925   -8.449  -10.069 1.00 0.00 ? 4  ILE A H    1 
ATOM 54   H HA   . ILE A 1 4  ? 5.982   -6.994  -7.978  1.00 0.00 ? 4  ILE A HA   1 
ATOM 55   H HB   . ILE A 1 4  ? 4.557   -8.047  -10.461 1.00 0.00 ? 4  ILE A HB   1 
ATOM 56   H HG12 . ILE A 1 4  ? 5.966   -5.407  -10.001 1.00 0.00 ? 4  ILE A HG12 1 
ATOM 57   H HG13 . ILE A 1 4  ? 6.758   -6.682  -10.835 1.00 0.00 ? 4  ILE A HG13 1 
ATOM 58   H HG21 . ILE A 1 4  ? 3.873   -5.633  -8.726  1.00 0.00 ? 4  ILE A HG21 1 
ATOM 59   H HG22 . ILE A 1 4  ? 3.032   -6.114  -10.213 1.00 0.00 ? 4  ILE A HG22 1 
ATOM 60   H HG23 . ILE A 1 4  ? 2.930   -7.132  -8.795  1.00 0.00 ? 4  ILE A HG23 1 
ATOM 61   H HD11 . ILE A 1 4  ? 5.257   -6.771  -12.647 1.00 0.00 ? 4  ILE A HD11 1 
ATOM 62   H HD12 . ILE A 1 4  ? 4.196   -5.544  -11.953 1.00 0.00 ? 4  ILE A HD12 1 
ATOM 63   H HD13 . ILE A 1 4  ? 5.844   -5.114  -12.428 1.00 0.00 ? 4  ILE A HD13 1 
ATOM 64   N N    . LYS A 1 5  ? 4.769   -8.634  -6.412  1.00 0.00 ? 5  LYS A N    1 
ATOM 65   C CA   . LYS A 1 5  ? 3.802   -9.252  -5.517  1.00 0.00 ? 5  LYS A CA   1 
ATOM 66   C C    . LYS A 1 5  ? 2.541   -8.425  -5.570  1.00 0.00 ? 5  LYS A C    1 
ATOM 67   O O    . LYS A 1 5  ? 2.554   -7.305  -6.076  1.00 0.00 ? 5  LYS A O    1 
ATOM 68   C CB   . LYS A 1 5  ? 4.288   -9.246  -4.056  1.00 0.00 ? 5  LYS A CB   1 
ATOM 69   C CG   . LYS A 1 5  ? 5.043   -10.514 -3.695  1.00 0.00 ? 5  LYS A CG   1 
ATOM 70   C CD   . LYS A 1 5  ? 6.285   -10.597 -4.574  1.00 0.00 ? 5  LYS A CD   1 
ATOM 71   C CE   . LYS A 1 5  ? 7.272   -11.593 -3.995  1.00 0.00 ? 5  LYS A CE   1 
ATOM 72   N NZ   . LYS A 1 5  ? 6.783   -12.981 -4.096  1.00 0.00 ? 5  LYS A NZ   1 
ATOM 73   H H    . LYS A 1 5  ? 5.336   -7.900  -6.013  1.00 0.00 ? 5  LYS A H    1 
ATOM 74   H HA   . LYS A 1 5  ? 3.567   -10.269 -5.839  1.00 0.00 ? 5  LYS A HA   1 
ATOM 75   H HB2  . LYS A 1 5  ? 4.908   -8.372  -3.862  1.00 0.00 ? 5  LYS A HB2  1 
ATOM 76   H HB3  . LYS A 1 5  ? 3.445   -9.201  -3.365  1.00 0.00 ? 5  LYS A HB3  1 
ATOM 77   H HG2  . LYS A 1 5  ? 5.319   -10.440 -2.643  1.00 0.00 ? 5  LYS A HG2  1 
ATOM 78   H HG3  . LYS A 1 5  ? 4.385   -11.375 -3.840  1.00 0.00 ? 5  LYS A HG3  1 
ATOM 79   H HD2  . LYS A 1 5  ? 6.011   -10.872 -5.594  1.00 0.00 ? 5  LYS A HD2  1 
ATOM 80   H HD3  . LYS A 1 5  ? 6.773   -9.618  -4.601  1.00 0.00 ? 5  LYS A HD3  1 
ATOM 81   H HE2  . LYS A 1 5  ? 8.193   -11.460 -4.556  1.00 0.00 ? 5  LYS A HE2  1 
ATOM 82   H HE3  . LYS A 1 5  ? 7.445   -11.326 -2.953  1.00 0.00 ? 5  LYS A HE3  1 
ATOM 83   H HZ1  . LYS A 1 5  ? 6.591   -13.211 -5.062  1.00 0.00 ? 5  LYS A HZ1  1 
ATOM 84   H HZ2  . LYS A 1 5  ? 7.477   -13.620 -3.733  1.00 0.00 ? 5  LYS A HZ2  1 
ATOM 85   H HZ3  . LYS A 1 5  ? 5.931   -13.083 -3.562  1.00 0.00 ? 5  LYS A HZ3  1 
ATOM 86   N N    . HIS A 1 6  ? 1.494   -8.966  -4.959  1.00 0.00 ? 6  HIS A N    1 
ATOM 87   C CA   . HIS A 1 6  ? 0.286   -8.235  -4.649  1.00 0.00 ? 6  HIS A CA   1 
ATOM 88   C C    . HIS A 1 6  ? 0.104   -8.355  -3.139  1.00 0.00 ? 6  HIS A C    1 
ATOM 89   O O    . HIS A 1 6  ? -0.368  -9.364  -2.624  1.00 0.00 ? 6  HIS A O    1 
ATOM 90   C CB   . HIS A 1 6  ? -0.846  -8.834  -5.485  1.00 0.00 ? 6  HIS A CB   1 
ATOM 91   C CG   . HIS A 1 6  ? -2.229  -8.329  -5.181  1.00 0.00 ? 6  HIS A CG   1 
ATOM 92   N ND1  . HIS A 1 6  ? -2.589  -7.419  -4.208  1.00 0.00 ? 6  HIS A ND1  1 
ATOM 93   C CD2  . HIS A 1 6  ? -3.373  -8.935  -5.629  1.00 0.00 ? 6  HIS A CD2  1 
ATOM 94   C CE1  . HIS A 1 6  ? -3.919  -7.533  -4.042  1.00 0.00 ? 6  HIS A CE1  1 
ATOM 95   N NE2  . HIS A 1 6  ? -4.440  -8.438  -4.886  1.00 0.00 ? 6  HIS A NE2  1 
ATOM 96   H H    . HIS A 1 6  ? 1.597   -9.899  -4.549  1.00 0.00 ? 6  HIS A H    1 
ATOM 97   H HA   . HIS A 1 6  ? 0.367   -7.169  -4.890  1.00 0.00 ? 6  HIS A HA   1 
ATOM 98   H HB2  . HIS A 1 6  ? -0.635  -8.641  -6.537  1.00 0.00 ? 6  HIS A HB2  1 
ATOM 99   H HB3  . HIS A 1 6  ? -0.845  -9.914  -5.340  1.00 0.00 ? 6  HIS A HB3  1 
ATOM 100  H HD1  . HIS A 1 6  ? -1.968  -6.832  -3.656  1.00 0.00 ? 6  HIS A HD1  1 
ATOM 101  H HD2  . HIS A 1 6  ? -3.419  -9.761  -6.324  1.00 0.00 ? 6  HIS A HD2  1 
ATOM 102  H HE1  . HIS A 1 6  ? -4.473  -7.104  -3.225  1.00 0.00 ? 6  HIS A HE1  1 
ATOM 103  N N    . TYR A 1 7  ? 0.496   -7.309  -2.415  1.00 0.00 ? 7  TYR A N    1 
ATOM 104  C CA   . TYR A 1 7  ? 0.197   -7.209  -1.004  1.00 0.00 ? 7  TYR A CA   1 
ATOM 105  C C    . TYR A 1 7  ? -1.191  -6.600  -0.894  1.00 0.00 ? 7  TYR A C    1 
ATOM 106  O O    . TYR A 1 7  ? -1.624  -5.920  -1.828  1.00 0.00 ? 7  TYR A O    1 
ATOM 107  C CB   . TYR A 1 7  ? 1.266   -6.372  -0.304  1.00 0.00 ? 7  TYR A CB   1 
ATOM 108  C CG   . TYR A 1 7  ? 2.659   -6.958  -0.410  1.00 0.00 ? 7  TYR A CG   1 
ATOM 109  C CD1  . TYR A 1 7  ? 2.971   -8.123  0.310   1.00 0.00 ? 7  TYR A CD1  1 
ATOM 110  C CD2  . TYR A 1 7  ? 3.618   -6.392  -1.271  1.00 0.00 ? 7  TYR A CD2  1 
ATOM 111  C CE1  . TYR A 1 7  ? 4.243   -8.706  0.194   1.00 0.00 ? 7  TYR A CE1  1 
ATOM 112  C CE2  . TYR A 1 7  ? 4.895   -6.972  -1.378  1.00 0.00 ? 7  TYR A CE2  1 
ATOM 113  C CZ   . TYR A 1 7  ? 5.211   -8.124  -0.637  1.00 0.00 ? 7  TYR A CZ   1 
ATOM 114  O OH   . TYR A 1 7  ? 6.434   -8.718  -0.752  1.00 0.00 ? 7  TYR A OH   1 
ATOM 115  H H    . TYR A 1 7  ? 0.751   -6.445  -2.883  1.00 0.00 ? 7  TYR A H    1 
ATOM 116  H HA   . TYR A 1 7  ? 0.177   -8.191  -0.545  1.00 0.00 ? 7  TYR A HA   1 
ATOM 117  H HB2  . TYR A 1 7  ? 1.259   -5.368  -0.723  1.00 0.00 ? 7  TYR A HB2  1 
ATOM 118  H HB3  . TYR A 1 7  ? 1.003   -6.312  0.751   1.00 0.00 ? 7  TYR A HB3  1 
ATOM 119  H HD1  . TYR A 1 7  ? 2.237   -8.555  0.973   1.00 0.00 ? 7  TYR A HD1  1 
ATOM 120  H HD2  . TYR A 1 7  ? 3.372   -5.524  -1.864  1.00 0.00 ? 7  TYR A HD2  1 
ATOM 121  H HE1  . TYR A 1 7  ? 4.473   -9.602  0.750   1.00 0.00 ? 7  TYR A HE1  1 
ATOM 122  H HE2  . TYR A 1 7  ? 5.617   -6.550  -2.061  1.00 0.00 ? 7  TYR A HE2  1 
ATOM 123  H HH   . TYR A 1 7  ? 6.493   -9.529  -0.242  1.00 0.00 ? 7  TYR A HH   1 
ATOM 124  N N    . GLN A 1 8  ? -1.883  -6.860  0.215   1.00 0.00 ? 8  GLN A N    1 
ATOM 125  C CA   . GLN A 1 8  ? -3.166  -6.269  0.517   1.00 0.00 ? 8  GLN A CA   1 
ATOM 126  C C    . GLN A 1 8  ? -3.193  -5.950  2.009   1.00 0.00 ? 8  GLN A C    1 
ATOM 127  O O    . GLN A 1 8  ? -2.858  -6.827  2.808   1.00 0.00 ? 8  GLN A O    1 
ATOM 128  C CB   . GLN A 1 8  ? -4.275  -7.246  0.124   1.00 0.00 ? 8  GLN A CB   1 
ATOM 129  C CG   . GLN A 1 8  ? -5.636  -6.595  0.367   1.00 0.00 ? 8  GLN A CG   1 
ATOM 130  C CD   . GLN A 1 8  ? -6.784  -7.369  -0.245  1.00 0.00 ? 8  GLN A CD   1 
ATOM 131  O OE1  . GLN A 1 8  ? -7.899  -6.873  -0.350  1.00 0.00 ? 8  GLN A OE1  1 
ATOM 132  N NE2  . GLN A 1 8  ? -6.537  -8.611  -0.627  1.00 0.00 ? 8  GLN A NE2  1 
ATOM 133  H H    . GLN A 1 8  ? -1.511  -7.482  0.925   1.00 0.00 ? 8  GLN A H    1 
ATOM 134  H HA   . GLN A 1 8  ? -3.275  -5.358  -0.058  1.00 0.00 ? 8  GLN A HA   1 
ATOM 135  H HB2  . GLN A 1 8  ? -4.197  -7.493  -0.936  1.00 0.00 ? 8  GLN A HB2  1 
ATOM 136  H HB3  . GLN A 1 8  ? -4.186  -8.161  0.712   1.00 0.00 ? 8  GLN A HB3  1 
ATOM 137  H HG2  . GLN A 1 8  ? -5.810  -6.530  1.435   1.00 0.00 ? 8  GLN A HG2  1 
ATOM 138  H HG3  . GLN A 1 8  ? -5.645  -5.607  -0.084  1.00 0.00 ? 8  GLN A HG3  1 
ATOM 139  H HE21 . GLN A 1 8  ? -5.619  -9.015  -0.557  1.00 0.00 ? 8  GLN A HE21 1 
ATOM 140  H HE22 . GLN A 1 8  ? -7.263  -9.054  -1.144  1.00 0.00 ? 8  GLN A HE22 1 
ATOM 141  N N    . PHE A 1 9  ? -3.587  -4.726  2.381   1.00 0.00 ? 9  PHE A N    1 
ATOM 142  C CA   . PHE A 1 9  ? -3.663  -4.291  3.773   1.00 0.00 ? 9  PHE A CA   1 
ATOM 143  C C    . PHE A 1 9  ? -5.029  -3.690  4.063   1.00 0.00 ? 9  PHE A C    1 
ATOM 144  O O    . PHE A 1 9  ? -5.592  -3.004  3.215   1.00 0.00 ? 9  PHE A O    1 
ATOM 145  C CB   . PHE A 1 9  ? -2.561  -3.283  4.128   1.00 0.00 ? 9  PHE A CB   1 
ATOM 146  C CG   . PHE A 1 9  ? -1.170  -3.650  3.652   1.00 0.00 ? 9  PHE A CG   1 
ATOM 147  C CD1  . PHE A 1 9  ? -0.822  -3.435  2.307   1.00 0.00 ? 9  PHE A CD1  1 
ATOM 148  C CD2  . PHE A 1 9  ? -0.224  -4.189  4.544   1.00 0.00 ? 9  PHE A CD2  1 
ATOM 149  C CE1  . PHE A 1 9  ? 0.449   -3.807  1.844   1.00 0.00 ? 9  PHE A CE1  1 
ATOM 150  C CE2  . PHE A 1 9  ? 1.048   -4.560  4.076   1.00 0.00 ? 9  PHE A CE2  1 
ATOM 151  C CZ   . PHE A 1 9  ? 1.386   -4.371  2.726   1.00 0.00 ? 9  PHE A CZ   1 
ATOM 152  H H    . PHE A 1 9  ? -3.870  -4.062  1.660   1.00 0.00 ? 9  PHE A H    1 
ATOM 153  H HA   . PHE A 1 9  ? -3.544  -5.148  4.424   1.00 0.00 ? 9  PHE A HA   1 
ATOM 154  H HB2  . PHE A 1 9  ? -2.810  -2.308  3.717   1.00 0.00 ? 9  PHE A HB2  1 
ATOM 155  H HB3  . PHE A 1 9  ? -2.553  -3.167  5.212   1.00 0.00 ? 9  PHE A HB3  1 
ATOM 156  H HD1  . PHE A 1 9  ? -1.542  -3.007  1.623   1.00 0.00 ? 9  PHE A HD1  1 
ATOM 157  H HD2  . PHE A 1 9  ? -0.467  -4.322  5.588   1.00 0.00 ? 9  PHE A HD2  1 
ATOM 158  H HE1  . PHE A 1 9  ? 0.696   -3.667  0.803   1.00 0.00 ? 9  PHE A HE1  1 
ATOM 159  H HE2  . PHE A 1 9  ? 1.764   -5.000  4.751   1.00 0.00 ? 9  PHE A HE2  1 
ATOM 160  H HZ   . PHE A 1 9  ? 2.365   -4.657  2.368   1.00 0.00 ? 9  PHE A HZ   1 
ATOM 161  N N    . ASN A 1 10 ? -5.539  -3.932  5.273   1.00 0.00 ? 10 ASN A N    1 
ATOM 162  C CA   . ASN A 1 10 ? -6.677  -3.236  5.830   1.00 0.00 ? 10 ASN A CA   1 
ATOM 163  C C    . ASN A 1 10 ? -6.168  -1.960  6.498   1.00 0.00 ? 10 ASN A C    1 
ATOM 164  O O    . ASN A 1 10 ? -5.637  -2.019  7.609   1.00 0.00 ? 10 ASN A O    1 
ATOM 165  C CB   . ASN A 1 10 ? -7.408  -4.145  6.825   1.00 0.00 ? 10 ASN A CB   1 
ATOM 166  C CG   . ASN A 1 10 ? -8.826  -3.635  7.014   1.00 0.00 ? 10 ASN A CG   1 
ATOM 167  O OD1  . ASN A 1 10 ? -9.197  -3.115  8.061   1.00 0.00 ? 10 ASN A OD1  1 
ATOM 168  N ND2  . ASN A 1 10 ? -9.604  -3.795  5.952   1.00 0.00 ? 10 ASN A ND2  1 
ATOM 169  H H    . ASN A 1 10 ? -5.017  -4.507  5.918   1.00 0.00 ? 10 ASN A H    1 
ATOM 170  H HA   . ASN A 1 10 ? -7.348  -2.988  5.013   1.00 0.00 ? 10 ASN A HA   1 
ATOM 171  H HB2  . ASN A 1 10 ? -7.464  -5.155  6.418   1.00 0.00 ? 10 ASN A HB2  1 
ATOM 172  H HB3  . ASN A 1 10 ? -6.883  -4.192  7.779   1.00 0.00 ? 10 ASN A HB3  1 
ATOM 173  H HD21 . ASN A 1 10 ? -9.185  -4.198  5.129   1.00 0.00 ? 10 ASN A HD21 1 
ATOM 174  H HD22 . ASN A 1 10 ? -10.535 -3.390  5.881   1.00 0.00 ? 10 ASN A HD22 1 
ATOM 175  N N    . VAL A 1 11 ? -6.276  -0.830  5.801   1.00 0.00 ? 11 VAL A N    1 
ATOM 176  C CA   . VAL A 1 11 ? -5.737  0.458   6.216   1.00 0.00 ? 11 VAL A CA   1 
ATOM 177  C C    . VAL A 1 11 ? -6.916  1.394   6.464   1.00 0.00 ? 11 VAL A C    1 
ATOM 178  O O    . VAL A 1 11 ? -7.790  1.524   5.609   1.00 0.00 ? 11 VAL A O    1 
ATOM 179  C CB   . VAL A 1 11 ? -4.736  0.988   5.168   1.00 0.00 ? 11 VAL A CB   1 
ATOM 180  C CG1  . VAL A 1 11 ? -5.299  0.944   3.748   1.00 0.00 ? 11 VAL A CG1  1 
ATOM 181  C CG2  . VAL A 1 11 ? -4.269  2.425   5.446   1.00 0.00 ? 11 VAL A CG2  1 
ATOM 182  H H    . VAL A 1 11 ? -6.883  -0.834  4.983   1.00 0.00 ? 11 VAL A H    1 
ATOM 183  H HA   . VAL A 1 11 ? -5.193  0.332   7.147   1.00 0.00 ? 11 VAL A HA   1 
ATOM 184  H HB   . VAL A 1 11 ? -3.855  0.344   5.191   1.00 0.00 ? 11 VAL A HB   1 
ATOM 185  H HG11 . VAL A 1 11 ? -6.215  1.523   3.693   1.00 0.00 ? 11 VAL A HG11 1 
ATOM 186  H HG12 . VAL A 1 11 ? -4.572  1.385   3.069   1.00 0.00 ? 11 VAL A HG12 1 
ATOM 187  H HG13 . VAL A 1 11 ? -5.499  -0.083  3.443   1.00 0.00 ? 11 VAL A HG13 1 
ATOM 188  H HG21 . VAL A 1 11 ? -5.114  3.115   5.457   1.00 0.00 ? 11 VAL A HG21 1 
ATOM 189  H HG22 . VAL A 1 11 ? -3.746  2.478   6.397   1.00 0.00 ? 11 VAL A HG22 1 
ATOM 190  H HG23 . VAL A 1 11 ? -3.574  2.744   4.670   1.00 0.00 ? 11 VAL A HG23 1 
ATOM 191  N N    . VAL A 1 12 ? -6.980  2.024   7.640   1.00 0.00 ? 12 VAL A N    1 
ATOM 192  C CA   . VAL A 1 12 ? -8.134  2.843   7.979   1.00 0.00 ? 12 VAL A CA   1 
ATOM 193  C C    . VAL A 1 12 ? -8.044  4.155   7.194   1.00 0.00 ? 12 VAL A C    1 
ATOM 194  O O    . VAL A 1 12 ? -7.299  5.067   7.551   1.00 0.00 ? 12 VAL A O    1 
ATOM 195  C CB   . VAL A 1 12 ? -8.268  3.023   9.499   1.00 0.00 ? 12 VAL A CB   1 
ATOM 196  C CG1  . VAL A 1 12 ? -9.563  3.777   9.834   1.00 0.00 ? 12 VAL A CG1  1 
ATOM 197  C CG2  . VAL A 1 12 ? -8.325  1.652   10.191  1.00 0.00 ? 12 VAL A CG2  1 
ATOM 198  H H    . VAL A 1 12 ? -6.183  1.979   8.271   1.00 0.00 ? 12 VAL A H    1 
ATOM 199  H HA   . VAL A 1 12 ? -9.038  2.321   7.653   1.00 0.00 ? 12 VAL A HA   1 
ATOM 200  H HB   . VAL A 1 12 ? -7.418  3.585   9.882   1.00 0.00 ? 12 VAL A HB   1 
ATOM 201  H HG11 . VAL A 1 12 ? -9.544  4.778   9.403   1.00 0.00 ? 12 VAL A HG11 1 
ATOM 202  H HG12 . VAL A 1 12 ? -10.425 3.237   9.441   1.00 0.00 ? 12 VAL A HG12 1 
ATOM 203  H HG13 . VAL A 1 12 ? -9.669  3.868   10.916  1.00 0.00 ? 12 VAL A HG13 1 
ATOM 204  H HG21 . VAL A 1 12 ? -9.144  1.068   9.772   1.00 0.00 ? 12 VAL A HG21 1 
ATOM 205  H HG22 . VAL A 1 12 ? -7.391  1.109   10.048  1.00 0.00 ? 12 VAL A HG22 1 
ATOM 206  H HG23 . VAL A 1 12 ? -8.489  1.780   11.261  1.00 0.00 ? 12 VAL A HG23 1 
ATOM 207  N N    . MET A 1 13 ? -8.801  4.225   6.098   1.00 0.00 ? 13 MET A N    1 
ATOM 208  C CA   . MET A 1 13 ? -8.903  5.376   5.221   1.00 0.00 ? 13 MET A CA   1 
ATOM 209  C C    . MET A 1 13 ? -9.732  6.461   5.901   1.00 0.00 ? 13 MET A C    1 
ATOM 210  O O    . MET A 1 13 ? -9.300  7.608   5.978   1.00 0.00 ? 13 MET A O    1 
ATOM 211  C CB   . MET A 1 13 ? -9.565  4.962   3.891   1.00 0.00 ? 13 MET A CB   1 
ATOM 212  C CG   . MET A 1 13 ? -8.673  5.232   2.674   1.00 0.00 ? 13 MET A CG   1 
ATOM 213  S SD   . MET A 1 13 ? -7.288  4.095   2.405   1.00 0.00 ? 13 MET A SD   1 
ATOM 214  C CE   . MET A 1 13 ? -8.182  2.535   2.192   1.00 0.00 ? 13 MET A CE   1 
ATOM 215  H H    . MET A 1 13 ? -9.415  3.437   5.918   1.00 0.00 ? 13 MET A H    1 
ATOM 216  H HA   . MET A 1 13 ? -7.903  5.767   5.039   1.00 0.00 ? 13 MET A HA   1 
ATOM 217  H HB2  . MET A 1 13 ? -9.840  3.909   3.904   1.00 0.00 ? 13 MET A HB2  1 
ATOM 218  H HB3  . MET A 1 13 ? -10.481 5.535   3.744   1.00 0.00 ? 13 MET A HB3  1 
ATOM 219  H HG2  . MET A 1 13 ? -9.296  5.176   1.782   1.00 0.00 ? 13 MET A HG2  1 
ATOM 220  H HG3  . MET A 1 13 ? -8.279  6.245   2.743   1.00 0.00 ? 13 MET A HG3  1 
ATOM 221  H HE1  . MET A 1 13 ? -9.002  2.674   1.491   1.00 0.00 ? 13 MET A HE1  1 
ATOM 222  H HE2  . MET A 1 13 ? -7.500  1.781   1.802   1.00 0.00 ? 13 MET A HE2  1 
ATOM 223  H HE3  . MET A 1 13 ? -8.573  2.199   3.150   1.00 0.00 ? 13 MET A HE3  1 
ATOM 224  N N    . THR A 1 14 ? -10.934 6.073   6.347   1.00 0.00 ? 14 THR A N    1 
ATOM 225  C CA   . THR A 1 14 ? -12.000 6.954   6.809   1.00 0.00 ? 14 THR A CA   1 
ATOM 226  C C    . THR A 1 14 ? -12.139 8.206   5.921   1.00 0.00 ? 14 THR A C    1 
ATOM 227  O O    . THR A 1 14 ? -11.826 9.324   6.320   1.00 0.00 ? 14 THR A O    1 
ATOM 228  C CB   . THR A 1 14 ? -11.900 7.190   8.331   1.00 0.00 ? 14 THR A CB   1 
ATOM 229  O OG1  . THR A 1 14 ? -13.018 7.915   8.807   1.00 0.00 ? 14 THR A OG1  1 
ATOM 230  C CG2  . THR A 1 14 ? -10.613 7.874   8.805   1.00 0.00 ? 14 THR A CG2  1 
ATOM 231  H H    . THR A 1 14 ? -11.134 5.078   6.313   1.00 0.00 ? 14 THR A H    1 
ATOM 232  H HA   . THR A 1 14 ? -12.924 6.392   6.669   1.00 0.00 ? 14 THR A HA   1 
ATOM 233  H HB   . THR A 1 14 ? -11.932 6.212   8.815   1.00 0.00 ? 14 THR A HB   1 
ATOM 234  H HG1  . THR A 1 14 ? -13.820 7.415   8.642   1.00 0.00 ? 14 THR A HG1  1 
ATOM 235  H HG21 . THR A 1 14 ? -9.746  7.260   8.560   1.00 0.00 ? 14 THR A HG21 1 
ATOM 236  H HG22 . THR A 1 14 ? -10.501 8.854   8.345   1.00 0.00 ? 14 THR A HG22 1 
ATOM 237  H HG23 . THR A 1 14 ? -10.655 7.999   9.886   1.00 0.00 ? 14 THR A HG23 1 
ATOM 238  N N    . CYS A 1 15 ? -12.652 8.000   4.701   1.00 0.00 ? 15 CYS A N    1 
ATOM 239  C CA   . CYS A 1 15 ? -12.915 9.067   3.732   1.00 0.00 ? 15 CYS A CA   1 
ATOM 240  C C    . CYS A 1 15 ? -11.591 9.710   3.276   1.00 0.00 ? 15 CYS A C    1 
ATOM 241  O O    . CYS A 1 15 ? -10.524 9.146   3.514   1.00 0.00 ? 15 CYS A O    1 
ATOM 242  C CB   . CYS A 1 15 ? -13.897 10.084  4.346   1.00 0.00 ? 15 CYS A CB   1 
ATOM 243  S SG   . CYS A 1 15 ? -14.879 10.886  3.057   1.00 0.00 ? 15 CYS A SG   1 
ATOM 244  H H    . CYS A 1 15 ? -12.871 7.055   4.428   1.00 0.00 ? 15 CYS A H    1 
ATOM 245  H HA   . CYS A 1 15 ? -13.391 8.607   2.866   1.00 0.00 ? 15 CYS A HA   1 
ATOM 246  H HB2  . CYS A 1 15 ? -14.594 9.584   5.017   1.00 0.00 ? 15 CYS A HB2  1 
ATOM 247  H HB3  . CYS A 1 15 ? -13.353 10.846  4.905   1.00 0.00 ? 15 CYS A HB3  1 
ATOM 248  H HG   . CYS A 1 15 ? -15.433 11.811  3.850   1.00 0.00 ? 15 CYS A HG   1 
ATOM 249  N N    . SER A 1 16 ? -11.636 10.878  2.620   1.00 0.00 ? 16 SER A N    1 
ATOM 250  C CA   . SER A 1 16 ? -10.533 11.827  2.495   1.00 0.00 ? 16 SER A CA   1 
ATOM 251  C C    . SER A 1 16 ? -9.364  11.384  1.605   1.00 0.00 ? 16 SER A C    1 
ATOM 252  O O    . SER A 1 16 ? -9.072  12.053  0.620   1.00 0.00 ? 16 SER A O    1 
ATOM 253  C CB   . SER A 1 16 ? -10.065 12.270  3.887   1.00 0.00 ? 16 SER A CB   1 
ATOM 254  O OG   . SER A 1 16 ? -11.166 12.770  4.623   1.00 0.00 ? 16 SER A OG   1 
ATOM 255  H H    . SER A 1 16 ? -12.537 11.258  2.382   1.00 0.00 ? 16 SER A H    1 
ATOM 256  H HA   . SER A 1 16 ? -10.956 12.712  2.017   1.00 0.00 ? 16 SER A HA   1 
ATOM 257  H HB2  . SER A 1 16 ? -9.630  11.431  4.433   1.00 0.00 ? 16 SER A HB2  1 
ATOM 258  H HB3  . SER A 1 16 ? -9.310  13.052  3.785   1.00 0.00 ? 16 SER A HB3  1 
ATOM 259  H HG   . SER A 1 16 ? -11.529 13.537  4.172   1.00 0.00 ? 16 SER A HG   1 
ATOM 260  N N    . GLY A 1 17 ? -8.649  10.319  1.981   1.00 0.00 ? 17 GLY A N    1 
ATOM 261  C CA   . GLY A 1 17 ? -7.349  9.967   1.426   1.00 0.00 ? 17 GLY A CA   1 
ATOM 262  C C    . GLY A 1 17 ? -7.340  9.918   -0.101  1.00 0.00 ? 17 GLY A C    1 
ATOM 263  O O    . GLY A 1 17 ? -6.539  10.606  -0.730  1.00 0.00 ? 17 GLY A O    1 
ATOM 264  H H    . GLY A 1 17 ? -9.010  9.769   2.753   1.00 0.00 ? 17 GLY A H    1 
ATOM 265  H HA2  . GLY A 1 17 ? -6.618  10.703  1.760   1.00 0.00 ? 17 GLY A HA2  1 
ATOM 266  H HA3  . GLY A 1 17 ? -7.057  8.989   1.807   1.00 0.00 ? 17 GLY A HA3  1 
ATOM 267  N N    . CYS A 1 18 ? -8.207  9.075   -0.676  1.00 0.00 ? 18 CYS A N    1 
ATOM 268  C CA   . CYS A 1 18 ? -8.347  8.860   -2.119  1.00 0.00 ? 18 CYS A CA   1 
ATOM 269  C C    . CYS A 1 18 ? -6.990  8.892   -2.831  1.00 0.00 ? 18 CYS A C    1 
ATOM 270  O O    . CYS A 1 18 ? -6.680  9.805   -3.592  1.00 0.00 ? 18 CYS A O    1 
ATOM 271  C CB   . CYS A 1 18 ? -9.338  9.866   -2.709  1.00 0.00 ? 18 CYS A CB   1 
ATOM 272  S SG   . CYS A 1 18 ? -9.699  9.368   -4.412  1.00 0.00 ? 18 CYS A SG   1 
ATOM 273  H H    . CYS A 1 18 ? -8.840  8.578   -0.070  1.00 0.00 ? 18 CYS A H    1 
ATOM 274  H HA   . CYS A 1 18 ? -8.771  7.865   -2.259  1.00 0.00 ? 18 CYS A HA   1 
ATOM 275  H HB2  . CYS A 1 18 ? -10.267 9.851   -2.140  1.00 0.00 ? 18 CYS A HB2  1 
ATOM 276  H HB3  . CYS A 1 18 ? -8.922  10.873  -2.697  1.00 0.00 ? 18 CYS A HB3  1 
ATOM 277  H HG   . CYS A 1 18 ? -10.564 10.351  -4.672  1.00 0.00 ? 18 CYS A HG   1 
ATOM 278  N N    . SER A 1 19 ? -6.131  7.930   -2.492  1.00 0.00 ? 19 SER A N    1 
ATOM 279  C CA   . SER A 1 19 ? -4.787  7.782   -3.040  1.00 0.00 ? 19 SER A CA   1 
ATOM 280  C C    . SER A 1 19 ? -3.791  8.852   -2.585  1.00 0.00 ? 19 SER A C    1 
ATOM 281  O O    . SER A 1 19 ? -2.593  8.581   -2.589  1.00 0.00 ? 19 SER A O    1 
ATOM 282  C CB   . SER A 1 19 ? -4.814  7.625   -4.567  1.00 0.00 ? 19 SER A CB   1 
ATOM 283  O OG   . SER A 1 19 ? -5.685  6.565   -4.916  1.00 0.00 ? 19 SER A OG   1 
ATOM 284  H H    . SER A 1 19 ? -6.442  7.228   -1.840  1.00 0.00 ? 19 SER A H    1 
ATOM 285  H HA   . SER A 1 19 ? -4.391  6.857   -2.631  1.00 0.00 ? 19 SER A HA   1 
ATOM 286  H HB2  . SER A 1 19 ? -5.139  8.549   -5.049  1.00 0.00 ? 19 SER A HB2  1 
ATOM 287  H HB3  . SER A 1 19 ? -3.807  7.392   -4.916  1.00 0.00 ? 19 SER A HB3  1 
ATOM 288  H HG   . SER A 1 19 ? -5.665  6.435   -5.869  1.00 0.00 ? 19 SER A HG   1 
ATOM 289  N N    . GLY A 1 20 ? -4.220  10.046  -2.172  1.00 0.00 ? 20 GLY A N    1 
ATOM 290  C CA   . GLY A 1 20 ? -3.294  11.035  -1.659  1.00 0.00 ? 20 GLY A CA   1 
ATOM 291  C C    . GLY A 1 20 ? -2.531  10.484  -0.452  1.00 0.00 ? 20 GLY A C    1 
ATOM 292  O O    . GLY A 1 20 ? -3.030  9.629   0.283   1.00 0.00 ? 20 GLY A O    1 
ATOM 293  H H    . GLY A 1 20 ? -5.213  10.252  -2.122  1.00 0.00 ? 20 GLY A H    1 
ATOM 294  H HA2  . GLY A 1 20 ? -2.587  11.268  -2.461  1.00 0.00 ? 20 GLY A HA2  1 
ATOM 295  H HA3  . GLY A 1 20 ? -3.838  11.936  -1.372  1.00 0.00 ? 20 GLY A HA3  1 
ATOM 296  N N    . ALA A 1 21 ? -1.286  10.941  -0.288  1.00 0.00 ? 21 ALA A N    1 
ATOM 297  C CA   . ALA A 1 21 ? -0.314  10.449  0.687   1.00 0.00 ? 21 ALA A CA   1 
ATOM 298  C C    . ALA A 1 21 ? 0.169   9.039   0.335   1.00 0.00 ? 21 ALA A C    1 
ATOM 299  O O    . ALA A 1 21 ? 1.357   8.843   0.091   1.00 0.00 ? 21 ALA A O    1 
ATOM 300  C CB   . ALA A 1 21 ? -0.835  10.553  2.126   1.00 0.00 ? 21 ALA A CB   1 
ATOM 301  H H    . ALA A 1 21 ? -0.970  11.634  -0.946  1.00 0.00 ? 21 ALA A H    1 
ATOM 302  H HA   . ALA A 1 21 ? 0.547   11.115  0.626   1.00 0.00 ? 21 ALA A HA   1 
ATOM 303  H HB1  . ALA A 1 21 ? -1.623  9.827   2.322   1.00 0.00 ? 21 ALA A HB1  1 
ATOM 304  H HB2  . ALA A 1 21 ? -0.012  10.362  2.816   1.00 0.00 ? 21 ALA A HB2  1 
ATOM 305  H HB3  . ALA A 1 21 ? -1.218  11.558  2.308   1.00 0.00 ? 21 ALA A HB3  1 
ATOM 306  N N    . VAL A 1 22 ? -0.741  8.064   0.285   1.00 0.00 ? 22 VAL A N    1 
ATOM 307  C CA   . VAL A 1 22 ? -0.431  6.665   0.011   1.00 0.00 ? 22 VAL A CA   1 
ATOM 308  C C    . VAL A 1 22 ? 0.274   6.514   -1.342  1.00 0.00 ? 22 VAL A C    1 
ATOM 309  O O    . VAL A 1 22 ? 1.243   5.771   -1.465  1.00 0.00 ? 22 VAL A O    1 
ATOM 310  C CB   . VAL A 1 22 ? -1.719  5.825   0.096   1.00 0.00 ? 22 VAL A CB   1 
ATOM 311  C CG1  . VAL A 1 22 ? -1.415  4.340   -0.130  1.00 0.00 ? 22 VAL A CG1  1 
ATOM 312  C CG2  . VAL A 1 22 ? -2.402  5.968   1.466   1.00 0.00 ? 22 VAL A CG2  1 
ATOM 313  H H    . VAL A 1 22 ? -1.712  8.317   0.431   1.00 0.00 ? 22 VAL A H    1 
ATOM 314  H HA   . VAL A 1 22 ? 0.262   6.311   0.774   1.00 0.00 ? 22 VAL A HA   1 
ATOM 315  H HB   . VAL A 1 22 ? -2.417  6.159   -0.674  1.00 0.00 ? 22 VAL A HB   1 
ATOM 316  H HG11 . VAL A 1 22 ? -0.678  3.997   0.596   1.00 0.00 ? 22 VAL A HG11 1 
ATOM 317  H HG12 . VAL A 1 22 ? -2.329  3.758   -0.012  1.00 0.00 ? 22 VAL A HG12 1 
ATOM 318  H HG13 . VAL A 1 22 ? -1.031  4.177   -1.136  1.00 0.00 ? 22 VAL A HG13 1 
ATOM 319  H HG21 . VAL A 1 22 ? -1.735  5.621   2.254   1.00 0.00 ? 22 VAL A HG21 1 
ATOM 320  H HG22 . VAL A 1 22 ? -2.683  7.001   1.663   1.00 0.00 ? 22 VAL A HG22 1 
ATOM 321  H HG23 . VAL A 1 22 ? -3.308  5.362   1.486   1.00 0.00 ? 22 VAL A HG23 1 
ATOM 322  N N    . ASN A 1 23 ? -0.197  7.225   -2.366  1.00 0.00 ? 23 ASN A N    1 
ATOM 323  C CA   . ASN A 1 23 ? 0.431   7.235   -3.671  1.00 0.00 ? 23 ASN A CA   1 
ATOM 324  C C    . ASN A 1 23 ? 1.764   7.972   -3.567  1.00 0.00 ? 23 ASN A C    1 
ATOM 325  O O    . ASN A 1 23 ? 2.806   7.446   -3.950  1.00 0.00 ? 23 ASN A O    1 
ATOM 326  C CB   . ASN A 1 23 ? -0.514  7.924   -4.657  1.00 0.00 ? 23 ASN A CB   1 
ATOM 327  C CG   . ASN A 1 23 ? 0.145   8.136   -6.001  1.00 0.00 ? 23 ASN A CG   1 
ATOM 328  O OD1  . ASN A 1 23 ? 0.093   7.291   -6.886  1.00 0.00 ? 23 ASN A OD1  1 
ATOM 329  N ND2  . ASN A 1 23 ? 0.748   9.305   -6.145  1.00 0.00 ? 23 ASN A ND2  1 
ATOM 330  H H    . ASN A 1 23 ? -0.996  7.835   -2.242  1.00 0.00 ? 23 ASN A H    1 
ATOM 331  H HA   . ASN A 1 23 ? 0.610   6.211   -4.009  1.00 0.00 ? 23 ASN A HA   1 
ATOM 332  H HB2  . ASN A 1 23 ? -1.412  7.337   -4.807  1.00 0.00 ? 23 ASN A HB2  1 
ATOM 333  H HB3  . ASN A 1 23 ? -0.808  8.898   -4.268  1.00 0.00 ? 23 ASN A HB3  1 
ATOM 334  H HD21 . ASN A 1 23 ? 0.742   9.953   -5.373  1.00 0.00 ? 23 ASN A HD21 1 
ATOM 335  H HD22 . ASN A 1 23 ? 1.181   9.505   -7.030  1.00 0.00 ? 23 ASN A HD22 1 
ATOM 336  N N    . LYS A 1 24 ? 1.728   9.202   -3.038  1.00 0.00 ? 24 LYS A N    1 
ATOM 337  C CA   . LYS A 1 24 ? 2.895   10.058  -2.935  1.00 0.00 ? 24 LYS A CA   1 
ATOM 338  C C    . LYS A 1 24 ? 4.075   9.318   -2.303  1.00 0.00 ? 24 LYS A C    1 
ATOM 339  O O    . LYS A 1 24 ? 5.159   9.295   -2.876  1.00 0.00 ? 24 LYS A O    1 
ATOM 340  C CB   . LYS A 1 24 ? 2.551   11.335  -2.163  1.00 0.00 ? 24 LYS A CB   1 
ATOM 341  C CG   . LYS A 1 24 ? 1.812   12.356  -3.040  1.00 0.00 ? 24 LYS A CG   1 
ATOM 342  C CD   . LYS A 1 24 ? 1.717   13.705  -2.311  1.00 0.00 ? 24 LYS A CD   1 
ATOM 343  C CE   . LYS A 1 24 ? 1.214   14.805  -3.260  1.00 0.00 ? 24 LYS A CE   1 
ATOM 344  N NZ   . LYS A 1 24 ? 1.196   16.135  -2.614  1.00 0.00 ? 24 LYS A NZ   1 
ATOM 345  H H    . LYS A 1 24 ? 0.869   9.538   -2.636  1.00 0.00 ? 24 LYS A H    1 
ATOM 346  H HA   . LYS A 1 24 ? 3.200   10.345  -3.940  1.00 0.00 ? 24 LYS A HA   1 
ATOM 347  H HB2  . LYS A 1 24 ? 1.968   11.099  -1.273  1.00 0.00 ? 24 LYS A HB2  1 
ATOM 348  H HB3  . LYS A 1 24 ? 3.490   11.777  -1.843  1.00 0.00 ? 24 LYS A HB3  1 
ATOM 349  H HG2  . LYS A 1 24 ? 2.379   12.494  -3.963  1.00 0.00 ? 24 LYS A HG2  1 
ATOM 350  H HG3  . LYS A 1 24 ? 0.818   11.984  -3.291  1.00 0.00 ? 24 LYS A HG3  1 
ATOM 351  H HD2  . LYS A 1 24 ? 1.051   13.600  -1.453  1.00 0.00 ? 24 LYS A HD2  1 
ATOM 352  H HD3  . LYS A 1 24 ? 2.713   13.973  -1.949  1.00 0.00 ? 24 LYS A HD3  1 
ATOM 353  H HE2  . LYS A 1 24 ? 1.873   14.854  -4.130  1.00 0.00 ? 24 LYS A HE2  1 
ATOM 354  H HE3  . LYS A 1 24 ? 0.207   14.556  -3.604  1.00 0.00 ? 24 LYS A HE3  1 
ATOM 355  H HZ1  . LYS A 1 24 ? 2.122   16.382  -2.293  1.00 0.00 ? 24 LYS A HZ1  1 
ATOM 356  H HZ2  . LYS A 1 24 ? 0.891   16.833  -3.280  1.00 0.00 ? 24 LYS A HZ2  1 
ATOM 357  H HZ3  . LYS A 1 24 ? 0.560   16.141  -1.829  1.00 0.00 ? 24 LYS A HZ3  1 
ATOM 358  N N    . VAL A 1 25 ? 3.881   8.688   -1.146  1.00 0.00 ? 25 VAL A N    1 
ATOM 359  C CA   . VAL A 1 25 ? 4.973   8.015   -0.456  1.00 0.00 ? 25 VAL A CA   1 
ATOM 360  C C    . VAL A 1 25 ? 5.569   6.879   -1.308  1.00 0.00 ? 25 VAL A C    1 
ATOM 361  O O    . VAL A 1 25 ? 6.741   6.541   -1.139  1.00 0.00 ? 25 VAL A O    1 
ATOM 362  C CB   . VAL A 1 25 ? 4.516   7.598   0.954   1.00 0.00 ? 25 VAL A CB   1 
ATOM 363  C CG1  . VAL A 1 25 ? 3.673   6.323   0.968   1.00 0.00 ? 25 VAL A CG1  1 
ATOM 364  C CG2  . VAL A 1 25 ? 5.703   7.433   1.908   1.00 0.00 ? 25 VAL A CG2  1 
ATOM 365  H H    . VAL A 1 25 ? 2.962   8.697   -0.718  1.00 0.00 ? 25 VAL A H    1 
ATOM 366  H HA   . VAL A 1 25 ? 5.760   8.759   -0.326  1.00 0.00 ? 25 VAL A HA   1 
ATOM 367  H HB   . VAL A 1 25 ? 3.894   8.404   1.344   1.00 0.00 ? 25 VAL A HB   1 
ATOM 368  H HG11 . VAL A 1 25 ? 3.000   6.312   0.115   1.00 0.00 ? 25 VAL A HG11 1 
ATOM 369  H HG12 . VAL A 1 25 ? 4.322   5.453   0.938   1.00 0.00 ? 25 VAL A HG12 1 
ATOM 370  H HG13 . VAL A 1 25 ? 3.086   6.280   1.882   1.00 0.00 ? 25 VAL A HG13 1 
ATOM 371  H HG21 . VAL A 1 25 ? 6.396   6.689   1.521   1.00 0.00 ? 25 VAL A HG21 1 
ATOM 372  H HG22 . VAL A 1 25 ? 6.226   8.382   2.018   1.00 0.00 ? 25 VAL A HG22 1 
ATOM 373  H HG23 . VAL A 1 25 ? 5.343   7.110   2.885   1.00 0.00 ? 25 VAL A HG23 1 
ATOM 374  N N    . LEU A 1 26 ? 4.795   6.316   -2.246  1.00 0.00 ? 26 LEU A N    1 
ATOM 375  C CA   . LEU A 1 26 ? 5.294   5.307   -3.173  1.00 0.00 ? 26 LEU A CA   1 
ATOM 376  C C    . LEU A 1 26 ? 6.003   5.917   -4.388  1.00 0.00 ? 26 LEU A C    1 
ATOM 377  O O    . LEU A 1 26 ? 6.829   5.224   -4.979  1.00 0.00 ? 26 LEU A O    1 
ATOM 378  C CB   . LEU A 1 26 ? 4.188   4.334   -3.617  1.00 0.00 ? 26 LEU A CB   1 
ATOM 379  C CG   . LEU A 1 26 ? 3.640   3.364   -2.546  1.00 0.00 ? 26 LEU A CG   1 
ATOM 380  C CD1  . LEU A 1 26 ? 3.516   1.962   -3.149  1.00 0.00 ? 26 LEU A CD1  1 
ATOM 381  C CD2  . LEU A 1 26 ? 4.477   3.219   -1.271  1.00 0.00 ? 26 LEU A CD2  1 
ATOM 382  H H    . LEU A 1 26 ? 3.847   6.651   -2.382  1.00 0.00 ? 26 LEU A H    1 
ATOM 383  H HA   . LEU A 1 26 ? 6.057   4.714   -2.672  1.00 0.00 ? 26 LEU A HA   1 
ATOM 384  H HB2  . LEU A 1 26 ? 3.354   4.896   -4.039  1.00 0.00 ? 26 LEU A HB2  1 
ATOM 385  H HB3  . LEU A 1 26 ? 4.609   3.734   -4.425  1.00 0.00 ? 26 LEU A HB3  1 
ATOM 386  H HG   . LEU A 1 26 ? 2.644   3.703   -2.255  1.00 0.00 ? 26 LEU A HG   1 
ATOM 387  H HD11 . LEU A 1 26 ? 4.505   1.572   -3.394  1.00 0.00 ? 26 LEU A HD11 1 
ATOM 388  H HD12 . LEU A 1 26 ? 3.045   1.297   -2.426  1.00 0.00 ? 26 LEU A HD12 1 
ATOM 389  H HD13 . LEU A 1 26 ? 2.916   1.998   -4.055  1.00 0.00 ? 26 LEU A HD13 1 
ATOM 390  H HD21 . LEU A 1 26 ? 4.596   4.183   -0.790  1.00 0.00 ? 26 LEU A HD21 1 
ATOM 391  H HD22 . LEU A 1 26 ? 3.965   2.554   -0.574  1.00 0.00 ? 26 LEU A HD22 1 
ATOM 392  H HD23 . LEU A 1 26 ? 5.455   2.801   -1.499  1.00 0.00 ? 26 LEU A HD23 1 
ATOM 393  N N    . THR A 1 27 ? 5.747   7.178   -4.775  1.00 0.00 ? 27 THR A N    1 
ATOM 394  C CA   . THR A 1 27 ? 6.367   7.747   -5.976  1.00 0.00 ? 27 THR A CA   1 
ATOM 395  C C    . THR A 1 27 ? 7.885   7.549   -5.966  1.00 0.00 ? 27 THR A C    1 
ATOM 396  O O    . THR A 1 27 ? 8.499   7.210   -6.976  1.00 0.00 ? 27 THR A O    1 
ATOM 397  C CB   . THR A 1 27 ? 6.051   9.238   -6.150  1.00 0.00 ? 27 THR A CB   1 
ATOM 398  O OG1  . THR A 1 27 ? 6.550   10.016  -5.082  1.00 0.00 ? 27 THR A OG1  1 
ATOM 399  C CG2  . THR A 1 27 ? 4.561   9.509   -6.371  1.00 0.00 ? 27 THR A CG2  1 
ATOM 400  H H    . THR A 1 27 ? 5.078   7.745   -4.267  1.00 0.00 ? 27 THR A H    1 
ATOM 401  H HA   . THR A 1 27 ? 5.951   7.225   -6.832  1.00 0.00 ? 27 THR A HA   1 
ATOM 402  H HB   . THR A 1 27 ? 6.575   9.564   -7.042  1.00 0.00 ? 27 THR A HB   1 
ATOM 403  H HG1  . THR A 1 27 ? 6.092   9.767   -4.275  1.00 0.00 ? 27 THR A HG1  1 
ATOM 404  H HG21 . THR A 1 27 ? 3.961   9.014   -5.612  1.00 0.00 ? 27 THR A HG21 1 
ATOM 405  H HG22 . THR A 1 27 ? 4.377   10.583  -6.340  1.00 0.00 ? 27 THR A HG22 1 
ATOM 406  H HG23 . THR A 1 27 ? 4.268   9.127   -7.349  1.00 0.00 ? 27 THR A HG23 1 
ATOM 407  N N    . LYS A 1 28 ? 8.473   7.733   -4.782  1.00 0.00 ? 28 LYS A N    1 
ATOM 408  C CA   . LYS A 1 28 ? 9.893   7.583   -4.516  1.00 0.00 ? 28 LYS A CA   1 
ATOM 409  C C    . LYS A 1 28 ? 10.475  6.294   -5.104  1.00 0.00 ? 28 LYS A C    1 
ATOM 410  O O    . LYS A 1 28 ? 11.658  6.265   -5.438  1.00 0.00 ? 28 LYS A O    1 
ATOM 411  C CB   . LYS A 1 28 ? 10.132  7.662   -2.996  1.00 0.00 ? 28 LYS A CB   1 
ATOM 412  C CG   . LYS A 1 28 ? 11.420  8.420   -2.652  1.00 0.00 ? 28 LYS A CG   1 
ATOM 413  C CD   . LYS A 1 28 ? 11.213  9.936   -2.804  1.00 0.00 ? 28 LYS A CD   1 
ATOM 414  C CE   . LYS A 1 28 ? 12.490  10.702  -2.430  1.00 0.00 ? 28 LYS A CE   1 
ATOM 415  N NZ   . LYS A 1 28 ? 12.323  12.162  -2.594  1.00 0.00 ? 28 LYS A NZ   1 
ATOM 416  H H    . LYS A 1 28 ? 7.868   8.040   -4.033  1.00 0.00 ? 28 LYS A H    1 
ATOM 417  H HA   . LYS A 1 28 ? 10.385  8.412   -5.020  1.00 0.00 ? 28 LYS A HA   1 
ATOM 418  H HB2  . LYS A 1 28 ? 9.299   8.160   -2.499  1.00 0.00 ? 28 LYS A HB2  1 
ATOM 419  H HB3  . LYS A 1 28 ? 10.195  6.650   -2.593  1.00 0.00 ? 28 LYS A HB3  1 
ATOM 420  H HG2  . LYS A 1 28 ? 11.676  8.199   -1.614  1.00 0.00 ? 28 LYS A HG2  1 
ATOM 421  H HG3  . LYS A 1 28 ? 12.231  8.068   -3.293  1.00 0.00 ? 28 LYS A HG3  1 
ATOM 422  H HD2  . LYS A 1 28 ? 10.939  10.168  -3.835  1.00 0.00 ? 28 LYS A HD2  1 
ATOM 423  H HD3  . LYS A 1 28 ? 10.392  10.241  -2.151  1.00 0.00 ? 28 LYS A HD3  1 
ATOM 424  H HE2  . LYS A 1 28 ? 12.748  10.486  -1.391  1.00 0.00 ? 28 LYS A HE2  1 
ATOM 425  H HE3  . LYS A 1 28 ? 13.310  10.365  -3.068  1.00 0.00 ? 28 LYS A HE3  1 
ATOM 426  H HZ1  . LYS A 1 28 ? 11.574  12.498  -2.003  1.00 0.00 ? 28 LYS A HZ1  1 
ATOM 427  H HZ2  . LYS A 1 28 ? 13.178  12.635  -2.335  1.00 0.00 ? 28 LYS A HZ2  1 
ATOM 428  H HZ3  . LYS A 1 28 ? 12.109  12.383  -3.556  1.00 0.00 ? 28 LYS A HZ3  1 
ATOM 429  N N    . LEU A 1 29 ? 9.667   5.234   -5.203  1.00 0.00 ? 29 LEU A N    1 
ATOM 430  C CA   . LEU A 1 29 ? 10.071  3.942   -5.723  1.00 0.00 ? 29 LEU A CA   1 
ATOM 431  C C    . LEU A 1 29 ? 9.119   3.453   -6.823  1.00 0.00 ? 29 LEU A C    1 
ATOM 432  O O    . LEU A 1 29 ? 8.996   2.250   -7.033  1.00 0.00 ? 29 LEU A O    1 
ATOM 433  C CB   . LEU A 1 29 ? 10.316  2.955   -4.563  1.00 0.00 ? 29 LEU A CB   1 
ATOM 434  C CG   . LEU A 1 29 ? 9.549   3.225   -3.250  1.00 0.00 ? 29 LEU A CG   1 
ATOM 435  C CD1  . LEU A 1 29 ? 8.130   2.659   -3.261  1.00 0.00 ? 29 LEU A CD1  1 
ATOM 436  C CD2  . LEU A 1 29 ? 10.328  2.612   -2.092  1.00 0.00 ? 29 LEU A CD2  1 
ATOM 437  H H    . LEU A 1 29 ? 8.703   5.307   -4.892  1.00 0.00 ? 29 LEU A H    1 
ATOM 438  H HA   . LEU A 1 29 ? 11.026  4.039   -6.239  1.00 0.00 ? 29 LEU A HA   1 
ATOM 439  H HB2  . LEU A 1 29 ? 10.147  1.926   -4.882  1.00 0.00 ? 29 LEU A HB2  1 
ATOM 440  H HB3  . LEU A 1 29 ? 11.378  3.039   -4.332  1.00 0.00 ? 29 LEU A HB3  1 
ATOM 441  H HG   . LEU A 1 29 ? 9.494   4.286   -3.014  1.00 0.00 ? 29 LEU A HG   1 
ATOM 442  H HD11 . LEU A 1 29 ? 7.629   2.936   -2.335  1.00 0.00 ? 29 LEU A HD11 1 
ATOM 443  H HD12 . LEU A 1 29 ? 7.579   3.068   -4.103  1.00 0.00 ? 29 LEU A HD12 1 
ATOM 444  H HD13 . LEU A 1 29 ? 8.147   1.574   -3.341  1.00 0.00 ? 29 LEU A HD13 1 
ATOM 445  H HD21 . LEU A 1 29 ? 10.469  1.546   -2.257  1.00 0.00 ? 29 LEU A HD21 1 
ATOM 446  H HD22 . LEU A 1 29 ? 11.297  3.105   -2.020  1.00 0.00 ? 29 LEU A HD22 1 
ATOM 447  H HD23 . LEU A 1 29 ? 9.776   2.776   -1.171  1.00 0.00 ? 29 LEU A HD23 1 
ATOM 448  N N    . GLU A 1 30 ? 8.544   4.375   -7.612  1.00 0.00 ? 30 GLU A N    1 
ATOM 449  C CA   . GLU A 1 30 ? 7.886   4.044   -8.877  1.00 0.00 ? 30 GLU A CA   1 
ATOM 450  C C    . GLU A 1 30 ? 8.617   2.960   -9.683  1.00 0.00 ? 30 GLU A C    1 
ATOM 451  O O    . GLU A 1 30 ? 7.996   1.950   -9.999  1.00 0.00 ? 30 GLU A O    1 
ATOM 452  C CB   . GLU A 1 30 ? 7.657   5.299   -9.735  1.00 0.00 ? 30 GLU A CB   1 
ATOM 453  C CG   . GLU A 1 30 ? 6.450   6.122   -9.259  1.00 0.00 ? 30 GLU A CG   1 
ATOM 454  C CD   . GLU A 1 30 ? 5.370   6.254   -10.327 1.00 0.00 ? 30 GLU A CD   1 
ATOM 455  O OE1  . GLU A 1 30 ? 5.731   6.668   -11.449 1.00 0.00 ? 30 GLU A OE1  1 
ATOM 456  O OE2  . GLU A 1 30 ? 4.203   5.939   -10.006 1.00 0.00 ? 30 GLU A OE2  1 
ATOM 457  H H    . GLU A 1 30 ? 8.635   5.359   -7.377  1.00 0.00 ? 30 GLU A H    1 
ATOM 458  H HA   . GLU A 1 30 ? 6.913   3.618   -8.634  1.00 0.00 ? 30 GLU A HA   1 
ATOM 459  H HB2  . GLU A 1 30 ? 8.545   5.930   -9.737  1.00 0.00 ? 30 GLU A HB2  1 
ATOM 460  H HB3  . GLU A 1 30 ? 7.472   4.979   -10.764 1.00 0.00 ? 30 GLU A HB3  1 
ATOM 461  H HG2  . GLU A 1 30 ? 6.004   5.660   -8.379  1.00 0.00 ? 30 GLU A HG2  1 
ATOM 462  H HG3  . GLU A 1 30 ? 6.785   7.128   -9.008  1.00 0.00 ? 30 GLU A HG3  1 
ATOM 463  N N    . PRO A 1 31 ? 9.914   3.095   -10.017 1.00 0.00 ? 31 PRO A N    1 
ATOM 464  C CA   . PRO A 1 31 ? 10.599  2.087   -10.820 1.00 0.00 ? 31 PRO A CA   1 
ATOM 465  C C    . PRO A 1 31 ? 10.640  0.687   -10.183 1.00 0.00 ? 31 PRO A C    1 
ATOM 466  O O    . PRO A 1 31 ? 10.984  -0.266  -10.878 1.00 0.00 ? 31 PRO A O    1 
ATOM 467  C CB   . PRO A 1 31 ? 12.002  2.648   -11.089 1.00 0.00 ? 31 PRO A CB   1 
ATOM 468  C CG   . PRO A 1 31 ? 12.214  3.650   -9.957  1.00 0.00 ? 31 PRO A CG   1 
ATOM 469  C CD   . PRO A 1 31 ? 10.810  4.210   -9.741  1.00 0.00 ? 31 PRO A CD   1 
ATOM 470  H HA   . PRO A 1 31 ? 10.083  1.988   -11.776 1.00 0.00 ? 31 PRO A HA   1 
ATOM 471  H HB2  . PRO A 1 31 ? 12.770  1.873   -11.106 1.00 0.00 ? 31 PRO A HB2  1 
ATOM 472  H HB3  . PRO A 1 31 ? 11.995  3.183   -12.040 1.00 0.00 ? 31 PRO A HB3  1 
ATOM 473  H HG2  . PRO A 1 31 ? 12.537  3.118   -9.060  1.00 0.00 ? 31 PRO A HG2  1 
ATOM 474  H HG3  . PRO A 1 31 ? 12.936  4.426   -10.216 1.00 0.00 ? 31 PRO A HG3  1 
ATOM 475  H HD2  . PRO A 1 31 ? 10.743  4.610   -8.733  1.00 0.00 ? 31 PRO A HD2  1 
ATOM 476  H HD3  . PRO A 1 31 ? 10.623  5.003   -10.465 1.00 0.00 ? 31 PRO A HD3  1 
ATOM 477  N N    . ASP A 1 32 ? 10.292  0.548   -8.895  1.00 0.00 ? 32 ASP A N    1 
ATOM 478  C CA   . ASP A 1 32 ? 10.239  -0.723  -8.177  1.00 0.00 ? 32 ASP A CA   1 
ATOM 479  C C    . ASP A 1 32 ? 8.786   -1.152  -7.893  1.00 0.00 ? 32 ASP A C    1 
ATOM 480  O O    . ASP A 1 32 ? 8.539   -2.210  -7.306  1.00 0.00 ? 32 ASP A O    1 
ATOM 481  C CB   . ASP A 1 32 ? 11.034  -0.571  -6.867  1.00 0.00 ? 32 ASP A CB   1 
ATOM 482  C CG   . ASP A 1 32 ? 12.165  -1.582  -6.754  1.00 0.00 ? 32 ASP A CG   1 
ATOM 483  O OD1  . ASP A 1 32 ? 11.852  -2.792  -6.791  1.00 0.00 ? 32 ASP A OD1  1 
ATOM 484  O OD2  . ASP A 1 32 ? 13.320  -1.128  -6.612  1.00 0.00 ? 32 ASP A OD2  1 
ATOM 485  H H    . ASP A 1 32 ? 9.971   1.356   -8.372  1.00 0.00 ? 32 ASP A H    1 
ATOM 486  H HA   . ASP A 1 32 ? 10.696  -1.511  -8.779  1.00 0.00 ? 32 ASP A HA   1 
ATOM 487  H HB2  . ASP A 1 32 ? 11.462  0.429   -6.786  1.00 0.00 ? 32 ASP A HB2  1 
ATOM 488  H HB3  . ASP A 1 32 ? 10.374  -0.721  -6.017  1.00 0.00 ? 32 ASP A HB3  1 
ATOM 489  N N    . VAL A 1 33 ? 7.800   -0.332  -8.273  1.00 0.00 ? 33 VAL A N    1 
ATOM 490  C CA   . VAL A 1 33 ? 6.393   -0.530  -7.954  1.00 0.00 ? 33 VAL A CA   1 
ATOM 491  C C    . VAL A 1 33 ? 5.602   -0.647  -9.255  1.00 0.00 ? 33 VAL A C    1 
ATOM 492  O O    . VAL A 1 33 ? 5.836   0.089   -10.208 1.00 0.00 ? 33 VAL A O    1 
ATOM 493  C CB   . VAL A 1 33 ? 5.899   0.637   -7.078  1.00 0.00 ? 33 VAL A CB   1 
ATOM 494  C CG1  . VAL A 1 33 ? 4.379   0.614   -6.877  1.00 0.00 ? 33 VAL A CG1  1 
ATOM 495  C CG2  . VAL A 1 33 ? 6.560   0.602   -5.693  1.00 0.00 ? 33 VAL A CG2  1 
ATOM 496  H H    . VAL A 1 33 ? 8.022   0.494   -8.820  1.00 0.00 ? 33 VAL A H    1 
ATOM 497  H HA   . VAL A 1 33 ? 6.255   -1.457  -7.400  1.00 0.00 ? 33 VAL A HA   1 
ATOM 498  H HB   . VAL A 1 33 ? 6.165   1.576   -7.564  1.00 0.00 ? 33 VAL A HB   1 
ATOM 499  H HG11 . VAL A 1 33 ? 4.067   -0.349  -6.474  1.00 0.00 ? 33 VAL A HG11 1 
ATOM 500  H HG12 . VAL A 1 33 ? 4.094   1.401   -6.180  1.00 0.00 ? 33 VAL A HG12 1 
ATOM 501  H HG13 . VAL A 1 33 ? 3.868   0.798   -7.822  1.00 0.00 ? 33 VAL A HG13 1 
ATOM 502  H HG21 . VAL A 1 33 ? 6.296   1.513   -5.160  1.00 0.00 ? 33 VAL A HG21 1 
ATOM 503  H HG22 . VAL A 1 33 ? 6.205   -0.250  -5.119  1.00 0.00 ? 33 VAL A HG22 1 
ATOM 504  H HG23 . VAL A 1 33 ? 7.643   0.542   -5.773  1.00 0.00 ? 33 VAL A HG23 1 
ATOM 505  N N    . SER A 1 34 ? 4.647   -1.577  -9.299  1.00 0.00 ? 34 SER A N    1 
ATOM 506  C CA   . SER A 1 34 ? 3.755   -1.722  -10.433 1.00 0.00 ? 34 SER A CA   1 
ATOM 507  C C    . SER A 1 34 ? 2.580   -0.766  -10.263 1.00 0.00 ? 34 SER A C    1 
ATOM 508  O O    . SER A 1 34 ? 2.274   0.001   -11.174 1.00 0.00 ? 34 SER A O    1 
ATOM 509  C CB   . SER A 1 34 ? 3.296   -3.178  -10.541 1.00 0.00 ? 34 SER A CB   1 
ATOM 510  O OG   . SER A 1 34 ? 2.640   -3.423  -11.770 1.00 0.00 ? 34 SER A OG   1 
ATOM 511  H H    . SER A 1 34 ? 4.441   -2.112  -8.463  1.00 0.00 ? 34 SER A H    1 
ATOM 512  H HA   . SER A 1 34 ? 4.285   -1.474  -11.356 1.00 0.00 ? 34 SER A HA   1 
ATOM 513  H HB2  . SER A 1 34 ? 4.181   -3.808  -10.487 1.00 0.00 ? 34 SER A HB2  1 
ATOM 514  H HB3  . SER A 1 34 ? 2.632   -3.434  -9.717  1.00 0.00 ? 34 SER A HB3  1 
ATOM 515  H HG   . SER A 1 34 ? 1.857   -2.869  -11.838 1.00 0.00 ? 34 SER A HG   1 
ATOM 516  N N    . LYS A 1 35 ? 1.894   -0.833  -9.115  1.00 0.00 ? 35 LYS A N    1 
ATOM 517  C CA   . LYS A 1 35 ? 0.718   -0.016  -8.850  1.00 0.00 ? 35 LYS A CA   1 
ATOM 518  C C    . LYS A 1 35 ? 0.304   -0.146  -7.384  1.00 0.00 ? 35 LYS A C    1 
ATOM 519  O O    . LYS A 1 35 ? 0.903   -0.903  -6.622  1.00 0.00 ? 35 LYS A O    1 
ATOM 520  C CB   . LYS A 1 35 ? -0.440  -0.409  -9.799  1.00 0.00 ? 35 LYS A CB   1 
ATOM 521  C CG   . LYS A 1 35 ? -1.199  0.782   -10.404 1.00 0.00 ? 35 LYS A CG   1 
ATOM 522  C CD   . LYS A 1 35 ? -0.327  1.469   -11.456 1.00 0.00 ? 35 LYS A CD   1 
ATOM 523  C CE   . LYS A 1 35 ? -1.060  2.641   -12.126 1.00 0.00 ? 35 LYS A CE   1 
ATOM 524  N NZ   . LYS A 1 35 ? -0.210  3.332   -13.126 1.00 0.00 ? 35 LYS A NZ   1 
ATOM 525  H H    . LYS A 1 35 ? 2.216   -1.438  -8.362  1.00 0.00 ? 35 LYS A H    1 
ATOM 526  H HA   . LYS A 1 35 ? 1.004   1.024   -9.002  1.00 0.00 ? 35 LYS A HA   1 
ATOM 527  H HB2  . LYS A 1 35 ? -0.079  -1.033  -10.617 1.00 0.00 ? 35 LYS A HB2  1 
ATOM 528  H HB3  . LYS A 1 35 ? -1.162  -1.011  -9.256  1.00 0.00 ? 35 LYS A HB3  1 
ATOM 529  H HG2  . LYS A 1 35 ? -2.103  0.396   -10.880 1.00 0.00 ? 35 LYS A HG2  1 
ATOM 530  H HG3  . LYS A 1 35 ? -1.500  1.490   -9.633  1.00 0.00 ? 35 LYS A HG3  1 
ATOM 531  H HD2  . LYS A 1 35 ? 0.580   1.830   -10.972 1.00 0.00 ? 35 LYS A HD2  1 
ATOM 532  H HD3  . LYS A 1 35 ? -0.052  0.704   -12.186 1.00 0.00 ? 35 LYS A HD3  1 
ATOM 533  H HE2  . LYS A 1 35 ? -1.965  2.270   -12.612 1.00 0.00 ? 35 LYS A HE2  1 
ATOM 534  H HE3  . LYS A 1 35 ? -1.365  3.357   -11.358 1.00 0.00 ? 35 LYS A HE3  1 
ATOM 535  H HZ1  . LYS A 1 35 ? 0.745   3.192   -13.428 1.00 0.00 ? 35 LYS A HZ1  1 
ATOM 536  H HZ2  . LYS A 1 35 ? 0.327   3.617   -12.319 1.00 0.00 ? 35 LYS A HZ2  1 
ATOM 537  H HZ3  . LYS A 1 35 ? -0.271  2.455   -13.624 1.00 0.00 ? 35 LYS A HZ3  1 
ATOM 538  N N    . ILE A 1 36 ? -0.737  0.596   -7.013  1.00 0.00 ? 36 ILE A N    1 
ATOM 539  C CA   . ILE A 1 36 ? -1.478  0.514   -5.771  1.00 0.00 ? 36 ILE A CA   1 
ATOM 540  C C    . ILE A 1 36 ? -2.925  0.393   -6.238  1.00 0.00 ? 36 ILE A C    1 
ATOM 541  O O    . ILE A 1 36 ? -3.217  0.853   -7.346  1.00 0.00 ? 36 ILE A O    1 
ATOM 542  C CB   . ILE A 1 36 ? -1.307  1.805   -4.938  1.00 0.00 ? 36 ILE A CB   1 
ATOM 543  C CG1  . ILE A 1 36 ? 0.152   2.267   -4.813  1.00 0.00 ? 36 ILE A CG1  1 
ATOM 544  C CG2  . ILE A 1 36 ? -1.863  1.635   -3.521  1.00 0.00 ? 36 ILE A CG2  1 
ATOM 545  C CD1  . ILE A 1 36 ? 0.648   2.958   -6.085  1.00 0.00 ? 36 ILE A CD1  1 
ATOM 546  H H    . ILE A 1 36 ? -1.231  1.125   -7.715  1.00 0.00 ? 36 ILE A H    1 
ATOM 547  H HA   . ILE A 1 36 ? -1.159  -0.357  -5.207  1.00 0.00 ? 36 ILE A HA   1 
ATOM 548  H HB   . ILE A 1 36 ? -1.884  2.606   -5.404  1.00 0.00 ? 36 ILE A HB   1 
ATOM 549  H HG12 . ILE A 1 36 ? 0.222   3.000   -4.008  1.00 0.00 ? 36 ILE A HG12 1 
ATOM 550  H HG13 . ILE A 1 36 ? 0.787   1.416   -4.568  1.00 0.00 ? 36 ILE A HG13 1 
ATOM 551  H HG21 . ILE A 1 36 ? -1.769  2.571   -2.971  1.00 0.00 ? 36 ILE A HG21 1 
ATOM 552  H HG22 . ILE A 1 36 ? -2.917  1.370   -3.546  1.00 0.00 ? 36 ILE A HG22 1 
ATOM 553  H HG23 . ILE A 1 36 ? -1.303  0.861   -2.998  1.00 0.00 ? 36 ILE A HG23 1 
ATOM 554  H HD11 . ILE A 1 36 ? -0.204  3.329   -6.661  1.00 0.00 ? 36 ILE A HD11 1 
ATOM 555  H HD12 . ILE A 1 36 ? 1.299   3.789   -5.820  1.00 0.00 ? 36 ILE A HD12 1 
ATOM 556  H HD13 . ILE A 1 36 ? 1.218   2.255   -6.686  1.00 0.00 ? 36 ILE A HD13 1 
ATOM 557  N N    . ASP A 1 37 ? -3.823  -0.155  -5.420  1.00 0.00 ? 37 ASP A N    1 
ATOM 558  C CA   . ASP A 1 37 ? -5.247  0.097   -5.595  1.00 0.00 ? 37 ASP A CA   1 
ATOM 559  C C    . ASP A 1 37 ? -5.894  0.257   -4.227  1.00 0.00 ? 37 ASP A C    1 
ATOM 560  O O    . ASP A 1 37 ? -5.268  -0.089  -3.227  1.00 0.00 ? 37 ASP A O    1 
ATOM 561  C CB   . ASP A 1 37 ? -5.921  -1.026  -6.387  1.00 0.00 ? 37 ASP A CB   1 
ATOM 562  C CG   . ASP A 1 37 ? -7.107  -0.500  -7.187  1.00 0.00 ? 37 ASP A CG   1 
ATOM 563  O OD1  . ASP A 1 37 ? -7.735  0.468   -6.702  1.00 0.00 ? 37 ASP A OD1  1 
ATOM 564  O OD2  . ASP A 1 37 ? -7.352  -1.056  -8.278  1.00 0.00 ? 37 ASP A OD2  1 
ATOM 565  H H    . ASP A 1 37 ? -3.528  -0.532  -4.519  1.00 0.00 ? 37 ASP A H    1 
ATOM 566  H HA   . ASP A 1 37 ? -5.325  1.052   -6.124  1.00 0.00 ? 37 ASP A HA   1 
ATOM 567  H HB2  . ASP A 1 37 ? -5.196  -1.472  -7.059  1.00 0.00 ? 37 ASP A HB2  1 
ATOM 568  H HB3  . ASP A 1 37 ? -6.273  -1.808  -5.713  1.00 0.00 ? 37 ASP A HB3  1 
ATOM 569  N N    . ILE A 1 38 ? -7.107  0.808   -4.159  1.00 0.00 ? 38 ILE A N    1 
ATOM 570  C CA   . ILE A 1 38 ? -7.760  1.194   -2.915  1.00 0.00 ? 38 ILE A CA   1 
ATOM 571  C C    . ILE A 1 38 ? -9.252  0.869   -2.979  1.00 0.00 ? 38 ILE A C    1 
ATOM 572  O O    . ILE A 1 38 ? -9.919  1.213   -3.951  1.00 0.00 ? 38 ILE A O    1 
ATOM 573  C CB   . ILE A 1 38 ? -7.544  2.690   -2.628  1.00 0.00 ? 38 ILE A CB   1 
ATOM 574  C CG1  . ILE A 1 38 ? -6.146  3.137   -3.087  1.00 0.00 ? 38 ILE A CG1  1 
ATOM 575  C CG2  . ILE A 1 38 ? -7.784  2.960   -1.136  1.00 0.00 ? 38 ILE A CG2  1 
ATOM 576  C CD1  . ILE A 1 38 ? -5.703  4.471   -2.507  1.00 0.00 ? 38 ILE A CD1  1 
ATOM 577  H H    . ILE A 1 38 ? -7.580  0.978   -5.051  1.00 0.00 ? 38 ILE A H    1 
ATOM 578  H HA   . ILE A 1 38 ? -7.305  0.638   -2.098  1.00 0.00 ? 38 ILE A HA   1 
ATOM 579  H HB   . ILE A 1 38 ? -8.285  3.258   -3.190  1.00 0.00 ? 38 ILE A HB   1 
ATOM 580  H HG12 . ILE A 1 38 ? -5.393  2.416   -2.787  1.00 0.00 ? 38 ILE A HG12 1 
ATOM 581  H HG13 . ILE A 1 38 ? -6.145  3.206   -4.176  1.00 0.00 ? 38 ILE A HG13 1 
ATOM 582  H HG21 . ILE A 1 38 ? -7.006  2.481   -0.542  1.00 0.00 ? 38 ILE A HG21 1 
ATOM 583  H HG22 . ILE A 1 38 ? -7.784  4.032   -0.937  1.00 0.00 ? 38 ILE A HG22 1 
ATOM 584  H HG23 . ILE A 1 38 ? -8.756  2.568   -0.841  1.00 0.00 ? 38 ILE A HG23 1 
ATOM 585  H HD11 . ILE A 1 38 ? -6.456  5.227   -2.724  1.00 0.00 ? 38 ILE A HD11 1 
ATOM 586  H HD12 . ILE A 1 38 ? -5.551  4.383   -1.432  1.00 0.00 ? 38 ILE A HD12 1 
ATOM 587  H HD13 . ILE A 1 38 ? -4.756  4.730   -2.975  1.00 0.00 ? 38 ILE A HD13 1 
ATOM 588  N N    . SER A 1 39 ? -9.788  0.244   -1.927  1.00 0.00 ? 39 SER A N    1 
ATOM 589  C CA   . SER A 1 39 ? -11.203 -0.075  -1.795  1.00 0.00 ? 39 SER A CA   1 
ATOM 590  C C    . SER A 1 39 ? -11.705 0.421   -0.439  1.00 0.00 ? 39 SER A C    1 
ATOM 591  O O    . SER A 1 39 ? -11.674 -0.306  0.557   1.00 0.00 ? 39 SER A O    1 
ATOM 592  C CB   . SER A 1 39 ? -11.419 -1.578  -1.975  1.00 0.00 ? 39 SER A CB   1 
ATOM 593  O OG   . SER A 1 39 ? -11.074 -1.955  -3.292  1.00 0.00 ? 39 SER A OG   1 
ATOM 594  H H    . SER A 1 39 ? -9.187  0.033   -1.137  1.00 0.00 ? 39 SER A H    1 
ATOM 595  H HA   . SER A 1 39 ? -11.788 0.424   -2.570  1.00 0.00 ? 39 SER A HA   1 
ATOM 596  H HB2  . SER A 1 39 ? -10.804 -2.128  -1.267  1.00 0.00 ? 39 SER A HB2  1 
ATOM 597  H HB3  . SER A 1 39 ? -12.467 -1.823  -1.803  1.00 0.00 ? 39 SER A HB3  1 
ATOM 598  H HG   . SER A 1 39 ? -10.232 -1.555  -3.527  1.00 0.00 ? 39 SER A HG   1 
ATOM 599  N N    . LEU A 1 40 ? -12.188 1.670   -0.434  1.00 0.00 ? 40 LEU A N    1 
ATOM 600  C CA   . LEU A 1 40 ? -12.817 2.344   0.696   1.00 0.00 ? 40 LEU A CA   1 
ATOM 601  C C    . LEU A 1 40 ? -13.800 1.430   1.430   1.00 0.00 ? 40 LEU A C    1 
ATOM 602  O O    . LEU A 1 40 ? -13.735 1.339   2.653   1.00 0.00 ? 40 LEU A O    1 
ATOM 603  C CB   . LEU A 1 40 ? -13.546 3.599   0.190   1.00 0.00 ? 40 LEU A CB   1 
ATOM 604  C CG   . LEU A 1 40 ? -12.575 4.745   -0.140  1.00 0.00 ? 40 LEU A CG   1 
ATOM 605  C CD1  . LEU A 1 40 ? -13.038 5.495   -1.394  1.00 0.00 ? 40 LEU A CD1  1 
ATOM 606  C CD2  . LEU A 1 40 ? -12.484 5.722   1.040   1.00 0.00 ? 40 LEU A CD2  1 
ATOM 607  H H    . LEU A 1 40 ? -12.134 2.184   -1.301  1.00 0.00 ? 40 LEU A H    1 
ATOM 608  H HA   . LEU A 1 40 ? -12.042 2.643   1.404   1.00 0.00 ? 40 LEU A HA   1 
ATOM 609  H HB2  . LEU A 1 40 ? -14.115 3.329   -0.700  1.00 0.00 ? 40 LEU A HB2  1 
ATOM 610  H HB3  . LEU A 1 40 ? -14.254 3.941   0.946   1.00 0.00 ? 40 LEU A HB3  1 
ATOM 611  H HG   . LEU A 1 40 ? -11.583 4.339   -0.341  1.00 0.00 ? 40 LEU A HG   1 
ATOM 612  H HD11 . LEU A 1 40 ? -13.033 4.818   -2.249  1.00 0.00 ? 40 LEU A HD11 1 
ATOM 613  H HD12 . LEU A 1 40 ? -14.046 5.884   -1.250  1.00 0.00 ? 40 LEU A HD12 1 
ATOM 614  H HD13 . LEU A 1 40 ? -12.358 6.322   -1.601  1.00 0.00 ? 40 LEU A HD13 1 
ATOM 615  H HD21 . LEU A 1 40 ? -13.454 6.189   1.212   1.00 0.00 ? 40 LEU A HD21 1 
ATOM 616  H HD22 . LEU A 1 40 ? -12.179 5.190   1.941   1.00 0.00 ? 40 LEU A HD22 1 
ATOM 617  H HD23 . LEU A 1 40 ? -11.752 6.500   0.822   1.00 0.00 ? 40 LEU A HD23 1 
ATOM 618  N N    . GLU A 1 41 ? -14.695 0.766   0.688   1.00 0.00 ? 41 GLU A N    1 
ATOM 619  C CA   . GLU A 1 41 ? -15.761 -0.083  1.216   1.00 0.00 ? 41 GLU A CA   1 
ATOM 620  C C    . GLU A 1 41 ? -15.331 -0.906  2.437   1.00 0.00 ? 41 GLU A C    1 
ATOM 621  O O    . GLU A 1 41 ? -15.994 -0.885  3.469   1.00 0.00 ? 41 GLU A O    1 
ATOM 622  C CB   . GLU A 1 41 ? -16.199 -1.080  0.144   1.00 0.00 ? 41 GLU A CB   1 
ATOM 623  C CG   . GLU A 1 41 ? -16.899 -0.533  -1.098  1.00 0.00 ? 41 GLU A CG   1 
ATOM 624  C CD   . GLU A 1 41 ? -17.111 -1.692  -2.071  1.00 0.00 ? 41 GLU A CD   1 
ATOM 625  O OE1  . GLU A 1 41 ? -17.417 -2.806  -1.577  1.00 0.00 ? 41 GLU A OE1  1 
ATOM 626  O OE2  . GLU A 1 41 ? -16.889 -1.476  -3.276  1.00 0.00 ? 41 GLU A OE2  1 
ATOM 627  H H    . GLU A 1 41 ? -14.677 0.903   -0.310  1.00 0.00 ? 41 GLU A H    1 
ATOM 628  H HA   . GLU A 1 41 ? -16.609 0.545   1.497   1.00 0.00 ? 41 GLU A HA   1 
ATOM 629  H HB2  . GLU A 1 41 ? -15.320 -1.616  -0.214  1.00 0.00 ? 41 GLU A HB2  1 
ATOM 630  H HB3  . GLU A 1 41 ? -16.888 -1.785  0.614   1.00 0.00 ? 41 GLU A HB3  1 
ATOM 631  H HG2  . GLU A 1 41 ? -17.863 -0.099  -0.832  1.00 0.00 ? 41 GLU A HG2  1 
ATOM 632  H HG3  . GLU A 1 41 ? -16.288 0.229   -1.582  1.00 0.00 ? 41 GLU A HG3  1 
ATOM 633  N N    . LYS A 1 42 ? -14.251 -1.678  2.282   1.00 0.00 ? 42 LYS A N    1 
ATOM 634  C CA   . LYS A 1 42 ? -13.733 -2.562  3.319   1.00 0.00 ? 42 LYS A CA   1 
ATOM 635  C C    . LYS A 1 42 ? -12.410 -2.024  3.870   1.00 0.00 ? 42 LYS A C    1 
ATOM 636  O O    . LYS A 1 42 ? -11.696 -2.749  4.560   1.00 0.00 ? 42 LYS A O    1 
ATOM 637  C CB   . LYS A 1 42 ? -13.585 -3.988  2.758   1.00 0.00 ? 42 LYS A CB   1 
ATOM 638  C CG   . LYS A 1 42 ? -14.936 -4.676  2.497   1.00 0.00 ? 42 LYS A CG   1 
ATOM 639  C CD   . LYS A 1 42 ? -15.348 -4.642  1.017   1.00 0.00 ? 42 LYS A CD   1 
ATOM 640  C CE   . LYS A 1 42 ? -16.801 -5.113  0.845   1.00 0.00 ? 42 LYS A CE   1 
ATOM 641  N NZ   . LYS A 1 42 ? -17.194 -5.235  -0.576  1.00 0.00 ? 42 LYS A NZ   1 
ATOM 642  H H    . LYS A 1 42 ? -13.715 -1.580  1.430   1.00 0.00 ? 42 LYS A H    1 
ATOM 643  H HA   . LYS A 1 42 ? -14.413 -2.607  4.170   1.00 0.00 ? 42 LYS A HA   1 
ATOM 644  H HB2  . LYS A 1 42 ? -12.991 -3.963  1.847   1.00 0.00 ? 42 LYS A HB2  1 
ATOM 645  H HB3  . LYS A 1 42 ? -13.054 -4.591  3.495   1.00 0.00 ? 42 LYS A HB3  1 
ATOM 646  H HG2  . LYS A 1 42 ? -14.844 -5.723  2.797   1.00 0.00 ? 42 LYS A HG2  1 
ATOM 647  H HG3  . LYS A 1 42 ? -15.705 -4.213  3.117   1.00 0.00 ? 42 LYS A HG3  1 
ATOM 648  H HD2  . LYS A 1 42 ? -15.256 -3.627  0.642   1.00 0.00 ? 42 LYS A HD2  1 
ATOM 649  H HD3  . LYS A 1 42 ? -14.665 -5.281  0.453   1.00 0.00 ? 42 LYS A HD3  1 
ATOM 650  H HE2  . LYS A 1 42 ? -16.928 -6.079  1.337   1.00 0.00 ? 42 LYS A HE2  1 
ATOM 651  H HE3  . LYS A 1 42 ? -17.466 -4.389  1.321   1.00 0.00 ? 42 LYS A HE3  1 
ATOM 652  H HZ1  . LYS A 1 42 ? -18.146 -5.564  -0.643  1.00 0.00 ? 42 LYS A HZ1  1 
ATOM 653  H HZ2  . LYS A 1 42 ? -17.165 -4.322  -1.034  1.00 0.00 ? 42 LYS A HZ2  1 
ATOM 654  H HZ3  . LYS A 1 42 ? -16.589 -5.871  -1.073  1.00 0.00 ? 42 LYS A HZ3  1 
ATOM 655  N N    . GLN A 1 43 ? -12.093 -0.753  3.596   1.00 0.00 ? 43 GLN A N    1 
ATOM 656  C CA   . GLN A 1 43 ? -10.866 -0.094  4.011   1.00 0.00 ? 43 GLN A CA   1 
ATOM 657  C C    . GLN A 1 43 ? -9.632  -0.909  3.599   1.00 0.00 ? 43 GLN A C    1 
ATOM 658  O O    . GLN A 1 43 ? -8.690  -1.059  4.376   1.00 0.00 ? 43 GLN A O    1 
ATOM 659  C CB   . GLN A 1 43 ? -10.948 0.164   5.520   1.00 0.00 ? 43 GLN A CB   1 
ATOM 660  C CG   . GLN A 1 43 ? -12.161 1.031   5.892   1.00 0.00 ? 43 GLN A CG   1 
ATOM 661  C CD   . GLN A 1 43 ? -11.914 2.503   5.605   1.00 0.00 ? 43 GLN A CD   1 
ATOM 662  O OE1  . GLN A 1 43 ? -11.314 3.216   6.404   1.00 0.00 ? 43 GLN A OE1  1 
ATOM 663  N NE2  . GLN A 1 43 ? -12.363 2.989   4.458   1.00 0.00 ? 43 GLN A NE2  1 
ATOM 664  H H    . GLN A 1 43 ? -12.795 -0.161  3.175   1.00 0.00 ? 43 GLN A H    1 
ATOM 665  H HA   . GLN A 1 43 ? -10.802 0.862   3.492   1.00 0.00 ? 43 GLN A HA   1 
ATOM 666  H HB2  . GLN A 1 43 ? -11.020 -0.792  6.038   1.00 0.00 ? 43 GLN A HB2  1 
ATOM 667  H HB3  . GLN A 1 43 ? -10.045 0.659   5.861   1.00 0.00 ? 43 GLN A HB3  1 
ATOM 668  H HG2  . GLN A 1 43 ? -13.065 0.723   5.369   1.00 0.00 ? 43 GLN A HG2  1 
ATOM 669  H HG3  . GLN A 1 43 ? -12.348 0.909   6.952   1.00 0.00 ? 43 GLN A HG3  1 
ATOM 670  H HE21 . GLN A 1 43 ? -12.891 2.390   3.829   1.00 0.00 ? 43 GLN A HE21 1 
ATOM 671  H HE22 . GLN A 1 43 ? -12.191 3.951   4.243   1.00 0.00 ? 43 GLN A HE22 1 
ATOM 672  N N    . LEU A 1 44 ? -9.637  -1.431  2.368   1.00 0.00 ? 44 LEU A N    1 
ATOM 673  C CA   . LEU A 1 44 ? -8.548  -2.258  1.851   1.00 0.00 ? 44 LEU A CA   1 
ATOM 674  C C    . LEU A 1 44 ? -7.676  -1.423  0.917   1.00 0.00 ? 44 LEU A C    1 
ATOM 675  O O    . LEU A 1 44 ? -8.179  -0.511  0.258   1.00 0.00 ? 44 LEU A O    1 
ATOM 676  C CB   . LEU A 1 44 ? -9.089  -3.498  1.122   1.00 0.00 ? 44 LEU A CB   1 
ATOM 677  C CG   . LEU A 1 44 ? -9.771  -4.506  2.061   1.00 0.00 ? 44 LEU A CG   1 
ATOM 678  C CD1  . LEU A 1 44 ? -10.660 -5.461  1.255   1.00 0.00 ? 44 LEU A CD1  1 
ATOM 679  C CD2  . LEU A 1 44 ? -8.752  -5.333  2.856   1.00 0.00 ? 44 LEU A CD2  1 
ATOM 680  H H    . LEU A 1 44 ? -10.379 -1.153  1.731   1.00 0.00 ? 44 LEU A H    1 
ATOM 681  H HA   . LEU A 1 44 ? -7.936  -2.607  2.675   1.00 0.00 ? 44 LEU A HA   1 
ATOM 682  H HB2  . LEU A 1 44 ? -9.807  -3.163  0.378   1.00 0.00 ? 44 LEU A HB2  1 
ATOM 683  H HB3  . LEU A 1 44 ? -8.275  -4.003  0.600   1.00 0.00 ? 44 LEU A HB3  1 
ATOM 684  H HG   . LEU A 1 44 ? -10.400 -3.958  2.758   1.00 0.00 ? 44 LEU A HG   1 
ATOM 685  H HD11 . LEU A 1 44 ? -10.052 -6.109  0.627   1.00 0.00 ? 44 LEU A HD11 1 
ATOM 686  H HD12 . LEU A 1 44 ? -11.245 -6.081  1.936   1.00 0.00 ? 44 LEU A HD12 1 
ATOM 687  H HD13 . LEU A 1 44 ? -11.338 -4.901  0.613   1.00 0.00 ? 44 LEU A HD13 1 
ATOM 688  H HD21 . LEU A 1 44 ? -8.090  -4.691  3.432   1.00 0.00 ? 44 LEU A HD21 1 
ATOM 689  H HD22 . LEU A 1 44 ? -9.279  -6.001  3.538   1.00 0.00 ? 44 LEU A HD22 1 
ATOM 690  H HD23 . LEU A 1 44 ? -8.148  -5.933  2.176   1.00 0.00 ? 44 LEU A HD23 1 
ATOM 691  N N    . VAL A 1 45 ? -6.384  -1.748  0.844   1.00 0.00 ? 45 VAL A N    1 
ATOM 692  C CA   . VAL A 1 45 ? -5.459  -1.215  -0.144  1.00 0.00 ? 45 VAL A CA   1 
ATOM 693  C C    . VAL A 1 45 ? -4.659  -2.383  -0.701  1.00 0.00 ? 45 VAL A C    1 
ATOM 694  O O    . VAL A 1 45 ? -4.167  -3.190  0.088   1.00 0.00 ? 45 VAL A O    1 
ATOM 695  C CB   . VAL A 1 45 ? -4.561  -0.142  0.499   1.00 0.00 ? 45 VAL A CB   1 
ATOM 696  C CG1  . VAL A 1 45 ? -3.431  -0.700  1.367   1.00 0.00 ? 45 VAL A CG1  1 
ATOM 697  C CG2  . VAL A 1 45 ? -3.953  0.798   -0.540  1.00 0.00 ? 45 VAL A CG2  1 
ATOM 698  H H    . VAL A 1 45 ? -6.021  -2.476  1.455   1.00 0.00 ? 45 VAL A H    1 
ATOM 699  H HA   . VAL A 1 45 ? -6.031  -0.766  -0.950  1.00 0.00 ? 45 VAL A HA   1 
ATOM 700  H HB   . VAL A 1 45 ? -5.201  0.446   1.145   1.00 0.00 ? 45 VAL A HB   1 
ATOM 701  H HG11 . VAL A 1 45 ? -3.851  -1.424  2.057   1.00 0.00 ? 45 VAL A HG11 1 
ATOM 702  H HG12 . VAL A 1 45 ? -2.672  -1.172  0.744   1.00 0.00 ? 45 VAL A HG12 1 
ATOM 703  H HG13 . VAL A 1 45 ? -2.959  0.103   1.932   1.00 0.00 ? 45 VAL A HG13 1 
ATOM 704  H HG21 . VAL A 1 45 ? -4.758  1.320   -1.046  1.00 0.00 ? 45 VAL A HG21 1 
ATOM 705  H HG22 . VAL A 1 45 ? -3.317  1.533   -0.046  1.00 0.00 ? 45 VAL A HG22 1 
ATOM 706  H HG23 . VAL A 1 45 ? -3.361  0.237   -1.262  1.00 0.00 ? 45 VAL A HG23 1 
ATOM 707  N N    . ASP A 1 46 ? -4.516  -2.470  -2.025  1.00 0.00 ? 46 ASP A N    1 
ATOM 708  C CA   . ASP A 1 46 ? -3.615  -3.410  -2.666  1.00 0.00 ? 46 ASP A CA   1 
ATOM 709  C C    . ASP A 1 46 ? -2.335  -2.653  -2.974  1.00 0.00 ? 46 ASP A C    1 
ATOM 710  O O    . ASP A 1 46 ? -2.401  -1.474  -3.325  1.00 0.00 ? 46 ASP A O    1 
ATOM 711  C CB   . ASP A 1 46 ? -4.198  -3.892  -3.994  1.00 0.00 ? 46 ASP A CB   1 
ATOM 712  C CG   . ASP A 1 46 ? -5.458  -4.729  -3.898  1.00 0.00 ? 46 ASP A CG   1 
ATOM 713  O OD1  . ASP A 1 46 ? -5.886  -5.035  -2.763  1.00 0.00 ? 46 ASP A OD1  1 
ATOM 714  O OD2  . ASP A 1 46 ? -5.931  -5.093  -4.997  1.00 0.00 ? 46 ASP A OD2  1 
ATOM 715  H H    . ASP A 1 46 ? -4.921  -1.755  -2.624  1.00 0.00 ? 46 ASP A H    1 
ATOM 716  H HA   . ASP A 1 46 ? -3.391  -4.264  -2.024  1.00 0.00 ? 46 ASP A HA   1 
ATOM 717  H HB2  . ASP A 1 46 ? -4.413  -3.027  -4.620  1.00 0.00 ? 46 ASP A HB2  1 
ATOM 718  H HB3  . ASP A 1 46 ? -3.444  -4.511  -4.475  1.00 0.00 ? 46 ASP A HB3  1 
ATOM 719  N N    . VAL A 1 47 ? -1.183  -3.319  -2.887  1.00 0.00 ? 47 VAL A N    1 
ATOM 720  C CA   . VAL A 1 47 ? 0.090   -2.725  -3.260  1.00 0.00 ? 47 VAL A CA   1 
ATOM 721  C C    . VAL A 1 47 ? 0.806   -3.745  -4.129  1.00 0.00 ? 47 VAL A C    1 
ATOM 722  O O    . VAL A 1 47 ? 1.132   -4.836  -3.658  1.00 0.00 ? 47 VAL A O    1 
ATOM 723  C CB   . VAL A 1 47 ? 0.909   -2.313  -2.025  1.00 0.00 ? 47 VAL A CB   1 
ATOM 724  C CG1  . VAL A 1 47 ? 2.087   -1.441  -2.474  1.00 0.00 ? 47 VAL A CG1  1 
ATOM 725  C CG2  . VAL A 1 47 ? 0.064   -1.516  -1.021  1.00 0.00 ? 47 VAL A CG2  1 
ATOM 726  H H    . VAL A 1 47 ? -1.196  -4.314  -2.666  1.00 0.00 ? 47 VAL A H    1 
ATOM 727  H HA   . VAL A 1 47 ? -0.076  -1.828  -3.854  1.00 0.00 ? 47 VAL A HA   1 
ATOM 728  H HB   . VAL A 1 47 ? 1.294   -3.200  -1.525  1.00 0.00 ? 47 VAL A HB   1 
ATOM 729  H HG11 . VAL A 1 47 ? 2.724   -1.990  -3.165  1.00 0.00 ? 47 VAL A HG11 1 
ATOM 730  H HG12 . VAL A 1 47 ? 1.714   -0.548  -2.976  1.00 0.00 ? 47 VAL A HG12 1 
ATOM 731  H HG13 . VAL A 1 47 ? 2.680   -1.144  -1.610  1.00 0.00 ? 47 VAL A HG13 1 
ATOM 732  H HG21 . VAL A 1 47 ? -0.384  -0.652  -1.511  1.00 0.00 ? 47 VAL A HG21 1 
ATOM 733  H HG22 . VAL A 1 47 ? -0.726  -2.139  -0.605  1.00 0.00 ? 47 VAL A HG22 1 
ATOM 734  H HG23 . VAL A 1 47 ? 0.695   -1.167  -0.204  1.00 0.00 ? 47 VAL A HG23 1 
ATOM 735  N N    . TYR A 1 48 ? 1.000   -3.409  -5.404  1.00 0.00 ? 48 TYR A N    1 
ATOM 736  C CA   . TYR A 1 48 ? 1.559   -4.297  -6.401  1.00 0.00 ? 48 TYR A CA   1 
ATOM 737  C C    . TYR A 1 48 ? 3.015   -3.884  -6.632  1.00 0.00 ? 48 TYR A C    1 
ATOM 738  O O    . TYR A 1 48 ? 3.267   -2.866  -7.281  1.00 0.00 ? 48 TYR A O    1 
ATOM 739  C CB   . TYR A 1 48 ? 0.733   -4.216  -7.690  1.00 0.00 ? 48 TYR A CB   1 
ATOM 740  C CG   . TYR A 1 48 ? -0.708  -4.667  -7.547  1.00 0.00 ? 48 TYR A CG   1 
ATOM 741  C CD1  . TYR A 1 48 ? -1.704  -3.758  -7.143  1.00 0.00 ? 48 TYR A CD1  1 
ATOM 742  C CD2  . TYR A 1 48 ? -1.064  -5.987  -7.880  1.00 0.00 ? 48 TYR A CD2  1 
ATOM 743  C CE1  . TYR A 1 48 ? -3.044  -4.175  -7.052  1.00 0.00 ? 48 TYR A CE1  1 
ATOM 744  C CE2  . TYR A 1 48 ? -2.406  -6.398  -7.788  1.00 0.00 ? 48 TYR A CE2  1 
ATOM 745  C CZ   . TYR A 1 48 ? -3.387  -5.512  -7.312  1.00 0.00 ? 48 TYR A CZ   1 
ATOM 746  O OH   . TYR A 1 48 ? -4.664  -5.957  -7.146  1.00 0.00 ? 48 TYR A OH   1 
ATOM 747  H H    . TYR A 1 48 ? 0.769   -2.470  -5.711  1.00 0.00 ? 48 TYR A H    1 
ATOM 748  H HA   . TYR A 1 48 ? 1.482   -5.316  -6.028  1.00 0.00 ? 48 TYR A HA   1 
ATOM 749  H HB2  . TYR A 1 48 ? 0.737   -3.192  -8.065  1.00 0.00 ? 48 TYR A HB2  1 
ATOM 750  H HB3  . TYR A 1 48 ? 1.215   -4.845  -8.439  1.00 0.00 ? 48 TYR A HB3  1 
ATOM 751  H HD1  . TYR A 1 48 ? -1.448  -2.735  -6.909  1.00 0.00 ? 48 TYR A HD1  1 
ATOM 752  H HD2  . TYR A 1 48 ? -0.313  -6.686  -8.217  1.00 0.00 ? 48 TYR A HD2  1 
ATOM 753  H HE1  . TYR A 1 48 ? -3.812  -3.469  -6.781  1.00 0.00 ? 48 TYR A HE1  1 
ATOM 754  H HE2  . TYR A 1 48 ? -2.680  -7.409  -8.050  1.00 0.00 ? 48 TYR A HE2  1 
ATOM 755  H HH   . TYR A 1 48 ? -5.151  -5.538  -6.410  1.00 0.00 ? 48 TYR A HH   1 
ATOM 756  N N    . THR A 1 49 ? 3.977   -4.636  -6.092  1.00 0.00 ? 49 THR A N    1 
ATOM 757  C CA   . THR A 1 49 ? 5.394   -4.267  -6.114  1.00 0.00 ? 49 THR A CA   1 
ATOM 758  C C    . THR A 1 49 ? 6.257   -5.473  -5.768  1.00 0.00 ? 49 THR A C    1 
ATOM 759  O O    . THR A 1 49 ? 5.779   -6.404  -5.128  1.00 0.00 ? 49 THR A O    1 
ATOM 760  C CB   . THR A 1 49 ? 5.677   -3.119  -5.129  1.00 0.00 ? 49 THR A CB   1 
ATOM 761  O OG1  . THR A 1 49 ? 7.065   -2.830  -5.076  1.00 0.00 ? 49 THR A OG1  1 
ATOM 762  C CG2  . THR A 1 49 ? 5.241   -3.470  -3.705  1.00 0.00 ? 49 THR A CG2  1 
ATOM 763  H H    . THR A 1 49 ? 3.721   -5.514  -5.643  1.00 0.00 ? 49 THR A H    1 
ATOM 764  H HA   . THR A 1 49 ? 5.657   -3.942  -7.121  1.00 0.00 ? 49 THR A HA   1 
ATOM 765  H HB   . THR A 1 49 ? 5.125   -2.235  -5.444  1.00 0.00 ? 49 THR A HB   1 
ATOM 766  H HG1  . THR A 1 49 ? 7.378   -2.461  -5.916  1.00 0.00 ? 49 THR A HG1  1 
ATOM 767  H HG21 . THR A 1 49 ? 5.839   -4.301  -3.329  1.00 0.00 ? 49 THR A HG21 1 
ATOM 768  H HG22 . THR A 1 49 ? 5.397   -2.602  -3.065  1.00 0.00 ? 49 THR A HG22 1 
ATOM 769  H HG23 . THR A 1 49 ? 4.189   -3.750  -3.672  1.00 0.00 ? 49 THR A HG23 1 
ATOM 770  N N    . THR A 1 50 ? 7.519   -5.453  -6.199  1.00 0.00 ? 50 THR A N    1 
ATOM 771  C CA   . THR A 1 50 ? 8.481   -6.510  -5.909  1.00 0.00 ? 50 THR A CA   1 
ATOM 772  C C    . THR A 1 50 ? 9.167   -6.279  -4.554  1.00 0.00 ? 50 THR A C    1 
ATOM 773  O O    . THR A 1 50 ? 9.692   -7.218  -3.955  1.00 0.00 ? 50 THR A O    1 
ATOM 774  C CB   . THR A 1 50 ? 9.455   -6.641  -7.092  1.00 0.00 ? 50 THR A CB   1 
ATOM 775  O OG1  . THR A 1 50 ? 10.267  -7.788  -6.950  1.00 0.00 ? 50 THR A OG1  1 
ATOM 776  C CG2  . THR A 1 50 ? 10.327  -5.404  -7.307  1.00 0.00 ? 50 THR A CG2  1 
ATOM 777  H H    . THR A 1 50 ? 7.852   -4.611  -6.652  1.00 0.00 ? 50 THR A H    1 
ATOM 778  H HA   . THR A 1 50 ? 7.952   -7.460  -5.835  1.00 0.00 ? 50 THR A HA   1 
ATOM 779  H HB   . THR A 1 50 ? 8.853   -6.769  -7.987  1.00 0.00 ? 50 THR A HB   1 
ATOM 780  H HG1  . THR A 1 50 ? 10.861  -7.859  -7.701  1.00 0.00 ? 50 THR A HG1  1 
ATOM 781  H HG21 . THR A 1 50 ? 10.928  -5.195  -6.423  1.00 0.00 ? 50 THR A HG21 1 
ATOM 782  H HG22 . THR A 1 50 ? 10.994  -5.562  -8.154  1.00 0.00 ? 50 THR A HG22 1 
ATOM 783  H HG23 . THR A 1 50 ? 9.702   -4.541  -7.528  1.00 0.00 ? 50 THR A HG23 1 
ATOM 784  N N    . LEU A 1 51 ? 9.153   -5.038  -4.053  1.00 0.00 ? 51 LEU A N    1 
ATOM 785  C CA   . LEU A 1 51 ? 9.768   -4.686  -2.782  1.00 0.00 ? 51 LEU A CA   1 
ATOM 786  C C    . LEU A 1 51 ? 9.273   -5.581  -1.636  1.00 0.00 ? 51 LEU A C    1 
ATOM 787  O O    . LEU A 1 51 ? 8.110   -5.983  -1.638  1.00 0.00 ? 51 LEU A O    1 
ATOM 788  C CB   . LEU A 1 51 ? 9.416   -3.231  -2.475  1.00 0.00 ? 51 LEU A CB   1 
ATOM 789  C CG   . LEU A 1 51 ? 9.994   -2.232  -3.478  1.00 0.00 ? 51 LEU A CG   1 
ATOM 790  C CD1  . LEU A 1 51 ? 9.313   -0.890  -3.224  1.00 0.00 ? 51 LEU A CD1  1 
ATOM 791  C CD2  . LEU A 1 51 ? 11.515  -2.113  -3.342  1.00 0.00 ? 51 LEU A CD2  1 
ATOM 792  H H    . LEU A 1 51 ? 8.703   -4.286  -4.565  1.00 0.00 ? 51 LEU A H    1 
ATOM 793  H HA   . LEU A 1 51 ? 10.844  -4.795  -2.905  1.00 0.00 ? 51 LEU A HA   1 
ATOM 794  H HB2  . LEU A 1 51 ? 8.332   -3.140  -2.506  1.00 0.00 ? 51 LEU A HB2  1 
ATOM 795  H HB3  . LEU A 1 51 ? 9.757   -2.976  -1.474  1.00 0.00 ? 51 LEU A HB3  1 
ATOM 796  H HG   . LEU A 1 51 ? 9.754   -2.534  -4.495  1.00 0.00 ? 51 LEU A HG   1 
ATOM 797  H HD11 . LEU A 1 51 ? 9.453   -0.589  -2.187  1.00 0.00 ? 51 LEU A HD11 1 
ATOM 798  H HD12 . LEU A 1 51 ? 9.731   -0.137  -3.887  1.00 0.00 ? 51 LEU A HD12 1 
ATOM 799  H HD13 . LEU A 1 51 ? 8.249   -0.996  -3.432  1.00 0.00 ? 51 LEU A HD13 1 
ATOM 800  H HD21 . LEU A 1 51 ? 11.798  -1.990  -2.296  1.00 0.00 ? 51 LEU A HD21 1 
ATOM 801  H HD22 . LEU A 1 51 ? 11.980  -3.012  -3.746  1.00 0.00 ? 51 LEU A HD22 1 
ATOM 802  H HD23 . LEU A 1 51 ? 11.873  -1.256  -3.911  1.00 0.00 ? 51 LEU A HD23 1 
ATOM 803  N N    . PRO A 1 52 ? 10.121  -5.887  -0.638  1.00 0.00 ? 52 PRO A N    1 
ATOM 804  C CA   . PRO A 1 52 ? 9.738   -6.737  0.477   1.00 0.00 ? 52 PRO A CA   1 
ATOM 805  C C    . PRO A 1 52 ? 8.636   -6.104  1.331   1.00 0.00 ? 52 PRO A C    1 
ATOM 806  O O    . PRO A 1 52 ? 8.690   -4.914  1.635   1.00 0.00 ? 52 PRO A O    1 
ATOM 807  C CB   . PRO A 1 52 ? 11.011  -6.970  1.300   1.00 0.00 ? 52 PRO A CB   1 
ATOM 808  C CG   . PRO A 1 52 ? 11.978  -5.870  0.859   1.00 0.00 ? 52 PRO A CG   1 
ATOM 809  C CD   . PRO A 1 52 ? 11.519  -5.498  -0.551  1.00 0.00 ? 52 PRO A CD   1 
ATOM 810  H HA   . PRO A 1 52 ? 9.392   -7.694  0.082   1.00 0.00 ? 52 PRO A HA   1 
ATOM 811  H HB2  . PRO A 1 52 ? 10.817  -6.905  2.374   1.00 0.00 ? 52 PRO A HB2  1 
ATOM 812  H HB3  . PRO A 1 52 ? 11.432  -7.944  1.049   1.00 0.00 ? 52 PRO A HB3  1 
ATOM 813  H HG2  . PRO A 1 52 ? 11.866  -5.013  1.520   1.00 0.00 ? 52 PRO A HG2  1 
ATOM 814  H HG3  . PRO A 1 52 ? 13.015  -6.209  0.875   1.00 0.00 ? 52 PRO A HG3  1 
ATOM 815  H HD2  . PRO A 1 52 ? 11.662  -4.429  -0.716  1.00 0.00 ? 52 PRO A HD2  1 
ATOM 816  H HD3  . PRO A 1 52 ? 12.093  -6.069  -1.282  1.00 0.00 ? 52 PRO A HD3  1 
ATOM 817  N N    . TYR A 1 53 ? 7.670   -6.932  1.747   1.00 0.00 ? 53 TYR A N    1 
ATOM 818  C CA   . TYR A 1 53 ? 6.541   -6.625  2.623   1.00 0.00 ? 53 TYR A CA   1 
ATOM 819  C C    . TYR A 1 53 ? 6.861   -5.553  3.675   1.00 0.00 ? 53 TYR A C    1 
ATOM 820  O O    . TYR A 1 53 ? 6.185   -4.524  3.729   1.00 0.00 ? 53 TYR A O    1 
ATOM 821  C CB   . TYR A 1 53 ? 6.102   -7.947  3.272   1.00 0.00 ? 53 TYR A CB   1 
ATOM 822  C CG   . TYR A 1 53 ? 4.895   -7.902  4.191   1.00 0.00 ? 53 TYR A CG   1 
ATOM 823  C CD1  . TYR A 1 53 ? 3.628   -7.534  3.698   1.00 0.00 ? 53 TYR A CD1  1 
ATOM 824  C CD2  . TYR A 1 53 ? 5.003   -8.447  5.483   1.00 0.00 ? 53 TYR A CD2  1 
ATOM 825  C CE1  . TYR A 1 53 ? 2.470   -7.764  4.468   1.00 0.00 ? 53 TYR A CE1  1 
ATOM 826  C CE2  . TYR A 1 53 ? 3.854   -8.646  6.264   1.00 0.00 ? 53 TYR A CE2  1 
ATOM 827  C CZ   . TYR A 1 53 ? 2.591   -8.307  5.761   1.00 0.00 ? 53 TYR A CZ   1 
ATOM 828  O OH   . TYR A 1 53 ? 1.510   -8.483  6.573   1.00 0.00 ? 53 TYR A OH   1 
ATOM 829  H H    . TYR A 1 53 ? 7.712   -7.876  1.395   1.00 0.00 ? 53 TYR A H    1 
ATOM 830  H HA   . TYR A 1 53 ? 5.728   -6.257  1.996   1.00 0.00 ? 53 TYR A HA   1 
ATOM 831  H HB2  . TYR A 1 53 ? 5.877   -8.661  2.481   1.00 0.00 ? 53 TYR A HB2  1 
ATOM 832  H HB3  . TYR A 1 53 ? 6.952   -8.346  3.826   1.00 0.00 ? 53 TYR A HB3  1 
ATOM 833  H HD1  . TYR A 1 53 ? 3.539   -7.091  2.718   1.00 0.00 ? 53 TYR A HD1  1 
ATOM 834  H HD2  . TYR A 1 53 ? 5.966   -8.739  5.878   1.00 0.00 ? 53 TYR A HD2  1 
ATOM 835  H HE1  . TYR A 1 53 ? 1.502   -7.502  4.068   1.00 0.00 ? 53 TYR A HE1  1 
ATOM 836  H HE2  . TYR A 1 53 ? 3.941   -9.054  7.259   1.00 0.00 ? 53 TYR A HE2  1 
ATOM 837  H HH   . TYR A 1 53 ? 0.645   -8.536  6.154   1.00 0.00 ? 53 TYR A HH   1 
ATOM 838  N N    . ASP A 1 54 ? 7.897   -5.787  4.489   1.00 0.00 ? 54 ASP A N    1 
ATOM 839  C CA   . ASP A 1 54 ? 8.372   -4.865  5.522   1.00 0.00 ? 54 ASP A CA   1 
ATOM 840  C C    . ASP A 1 54 ? 8.516   -3.445  4.980   1.00 0.00 ? 54 ASP A C    1 
ATOM 841  O O    . ASP A 1 54 ? 8.074   -2.476  5.600   1.00 0.00 ? 54 ASP A O    1 
ATOM 842  C CB   . ASP A 1 54 ? 9.726   -5.342  6.066   1.00 0.00 ? 54 ASP A CB   1 
ATOM 843  C CG   . ASP A 1 54 ? 9.620   -6.596  6.920   1.00 0.00 ? 54 ASP A CG   1 
ATOM 844  O OD1  . ASP A 1 54 ? 8.647   -6.683  7.701   1.00 0.00 ? 54 ASP A OD1  1 
ATOM 845  O OD2  . ASP A 1 54 ? 10.517  -7.450  6.765   1.00 0.00 ? 54 ASP A OD2  1 
ATOM 846  H H    . ASP A 1 54 ? 8.384   -6.667  4.397   1.00 0.00 ? 54 ASP A H    1 
ATOM 847  H HA   . ASP A 1 54 ? 7.662   -4.831  6.346   1.00 0.00 ? 54 ASP A HA   1 
ATOM 848  H HB2  . ASP A 1 54 ? 10.419  -5.524  5.243   1.00 0.00 ? 54 ASP A HB2  1 
ATOM 849  H HB3  . ASP A 1 54 ? 10.145  -4.561  6.702   1.00 0.00 ? 54 ASP A HB3  1 
ATOM 850  N N    . PHE A 1 55 ? 9.136   -3.326  3.804   1.00 0.00 ? 55 PHE A N    1 
ATOM 851  C CA   . PHE A 1 55 ? 9.330   -2.045  3.149   1.00 0.00 ? 55 PHE A CA   1 
ATOM 852  C C    . PHE A 1 55 ? 7.975   -1.381  2.905   1.00 0.00 ? 55 PHE A C    1 
ATOM 853  O O    . PHE A 1 55 ? 7.799   -0.199  3.196   1.00 0.00 ? 55 PHE A O    1 
ATOM 854  C CB   . PHE A 1 55 ? 10.114  -2.223  1.841   1.00 0.00 ? 55 PHE A CB   1 
ATOM 855  C CG   . PHE A 1 55 ? 11.178  -1.168  1.635   1.00 0.00 ? 55 PHE A CG   1 
ATOM 856  C CD1  . PHE A 1 55 ? 12.369  -1.247  2.378   1.00 0.00 ? 55 PHE A CD1  1 
ATOM 857  C CD2  . PHE A 1 55 ? 10.993  -0.117  0.718   1.00 0.00 ? 55 PHE A CD2  1 
ATOM 858  C CE1  . PHE A 1 55 ? 13.379  -0.292  2.197   1.00 0.00 ? 55 PHE A CE1  1 
ATOM 859  C CE2  . PHE A 1 55 ? 12.021  0.820   0.512   1.00 0.00 ? 55 PHE A CE2  1 
ATOM 860  C CZ   . PHE A 1 55 ? 13.215  0.734   1.251   1.00 0.00 ? 55 PHE A CZ   1 
ATOM 861  H H    . PHE A 1 55 ? 9.351   -4.177  3.290   1.00 0.00 ? 55 PHE A H    1 
ATOM 862  H HA   . PHE A 1 55 ? 9.921   -1.417  3.819   1.00 0.00 ? 55 PHE A HA   1 
ATOM 863  H HB2  . PHE A 1 55 ? 10.629  -3.181  1.859   1.00 0.00 ? 55 PHE A HB2  1 
ATOM 864  H HB3  . PHE A 1 55 ? 9.432   -2.251  0.991   1.00 0.00 ? 55 PHE A HB3  1 
ATOM 865  H HD1  . PHE A 1 55 ? 12.520  -2.058  3.079   1.00 0.00 ? 55 PHE A HD1  1 
ATOM 866  H HD2  . PHE A 1 55 ? 10.094  -0.069  0.120   1.00 0.00 ? 55 PHE A HD2  1 
ATOM 867  H HE1  . PHE A 1 55 ? 14.299  -0.381  2.756   1.00 0.00 ? 55 PHE A HE1  1 
ATOM 868  H HE2  . PHE A 1 55 ? 11.942  1.545   -0.281  1.00 0.00 ? 55 PHE A HE2  1 
ATOM 869  H HZ   . PHE A 1 55 ? 14.035  1.406   1.040   1.00 0.00 ? 55 PHE A HZ   1 
ATOM 870  N N    . ILE A 1 56 ? 7.006   -2.138  2.379   1.00 0.00 ? 56 ILE A N    1 
ATOM 871  C CA   . ILE A 1 56 ? 5.690   -1.581  2.107   1.00 0.00 ? 56 ILE A CA   1 
ATOM 872  C C    . ILE A 1 56 ? 5.088   -1.111  3.430   1.00 0.00 ? 56 ILE A C    1 
ATOM 873  O O    . ILE A 1 56 ? 4.653   0.037   3.523   1.00 0.00 ? 56 ILE A O    1 
ATOM 874  C CB   . ILE A 1 56 ? 4.754   -2.551  1.357   1.00 0.00 ? 56 ILE A CB   1 
ATOM 875  C CG1  . ILE A 1 56 ? 5.180   -2.802  -0.098  1.00 0.00 ? 56 ILE A CG1  1 
ATOM 876  C CG2  . ILE A 1 56 ? 3.347   -1.941  1.286   1.00 0.00 ? 56 ILE A CG2  1 
ATOM 877  C CD1  . ILE A 1 56 ? 6.502   -3.550  -0.209  1.00 0.00 ? 56 ILE A CD1  1 
ATOM 878  H H    . ILE A 1 56 ? 7.158   -3.135  2.271   1.00 0.00 ? 56 ILE A H    1 
ATOM 879  H HA   . ILE A 1 56 ? 5.836   -0.718  1.456   1.00 0.00 ? 56 ILE A HA   1 
ATOM 880  H HB   . ILE A 1 56 ? 4.689   -3.502  1.885   1.00 0.00 ? 56 ILE A HB   1 
ATOM 881  H HG12 . ILE A 1 56 ? 4.423   -3.421  -0.582  1.00 0.00 ? 56 ILE A HG12 1 
ATOM 882  H HG13 . ILE A 1 56 ? 5.254   -1.858  -0.639  1.00 0.00 ? 56 ILE A HG13 1 
ATOM 883  H HG21 . ILE A 1 56 ? 2.718   -2.543  0.634   1.00 0.00 ? 56 ILE A HG21 1 
ATOM 884  H HG22 . ILE A 1 56 ? 2.888   -1.917  2.273   1.00 0.00 ? 56 ILE A HG22 1 
ATOM 885  H HG23 . ILE A 1 56 ? 3.396   -0.928  0.886   1.00 0.00 ? 56 ILE A HG23 1 
ATOM 886  H HD11 . ILE A 1 56 ? 6.613   -3.922  -1.223  1.00 0.00 ? 56 ILE A HD11 1 
ATOM 887  H HD12 . ILE A 1 56 ? 7.329   -2.878  0.010   1.00 0.00 ? 56 ILE A HD12 1 
ATOM 888  H HD13 . ILE A 1 56 ? 6.496   -4.396  0.474   1.00 0.00 ? 56 ILE A HD13 1 
ATOM 889  N N    . LEU A 1 57 ? 5.076   -1.976  4.454   1.00 0.00 ? 57 LEU A N    1 
ATOM 890  C CA   . LEU A 1 57 ? 4.544   -1.614  5.760   1.00 0.00 ? 57 LEU A CA   1 
ATOM 891  C C    . LEU A 1 57 ? 5.128   -0.288  6.230   1.00 0.00 ? 57 LEU A C    1 
ATOM 892  O O    . LEU A 1 57 ? 4.361   0.607   6.561   1.00 0.00 ? 57 LEU A O    1 
ATOM 893  C CB   . LEU A 1 57 ? 4.820   -2.706  6.793   1.00 0.00 ? 57 LEU A CB   1 
ATOM 894  C CG   . LEU A 1 57 ? 3.964   -3.948  6.539   1.00 0.00 ? 57 LEU A CG   1 
ATOM 895  C CD1  . LEU A 1 57 ? 4.739   -5.201  6.929   1.00 0.00 ? 57 LEU A CD1  1 
ATOM 896  C CD2  . LEU A 1 57 ? 2.640   -3.880  7.308   1.00 0.00 ? 57 LEU A CD2  1 
ATOM 897  H H    . LEU A 1 57 ? 5.470   -2.910  4.331   1.00 0.00 ? 57 LEU A H    1 
ATOM 898  H HA   . LEU A 1 57 ? 3.465   -1.484  5.659   1.00 0.00 ? 57 LEU A HA   1 
ATOM 899  H HB2  . LEU A 1 57 ? 5.886   -2.930  6.788   1.00 0.00 ? 57 LEU A HB2  1 
ATOM 900  H HB3  . LEU A 1 57 ? 4.559   -2.337  7.779   1.00 0.00 ? 57 LEU A HB3  1 
ATOM 901  H HG   . LEU A 1 57 ? 3.750   -4.004  5.478   1.00 0.00 ? 57 LEU A HG   1 
ATOM 902  H HD11 . LEU A 1 57 ? 5.174   -5.094  7.924   1.00 0.00 ? 57 LEU A HD11 1 
ATOM 903  H HD12 . LEU A 1 57 ? 4.076   -6.061  6.916   1.00 0.00 ? 57 LEU A HD12 1 
ATOM 904  H HD13 . LEU A 1 57 ? 5.527   -5.348  6.195   1.00 0.00 ? 57 LEU A HD13 1 
ATOM 905  H HD21 . LEU A 1 57 ? 2.829   -3.823  8.380   1.00 0.00 ? 57 LEU A HD21 1 
ATOM 906  H HD22 . LEU A 1 57 ? 2.072   -3.004  6.995   1.00 0.00 ? 57 LEU A HD22 1 
ATOM 907  H HD23 . LEU A 1 57 ? 2.047   -4.773  7.108   1.00 0.00 ? 57 LEU A HD23 1 
ATOM 908  N N    . GLU A 1 58 ? 6.455   -0.141  6.242   1.00 0.00 ? 58 GLU A N    1 
ATOM 909  C CA   . GLU A 1 58 ? 7.123   1.118   6.519   1.00 0.00 ? 58 GLU A CA   1 
ATOM 910  C C    . GLU A 1 58 ? 6.514   2.327   5.791   1.00 0.00 ? 58 GLU A C    1 
ATOM 911  O O    . GLU A 1 58 ? 6.199   3.344   6.407   1.00 0.00 ? 58 GLU A O    1 
ATOM 912  C CB   . GLU A 1 58 ? 8.604   0.950   6.158   1.00 0.00 ? 58 GLU A CB   1 
ATOM 913  C CG   . GLU A 1 58 ? 9.415   0.778   7.435   1.00 0.00 ? 58 GLU A CG   1 
ATOM 914  C CD   . GLU A 1 58 ? 9.680   2.153   8.027   1.00 0.00 ? 58 GLU A CD   1 
ATOM 915  O OE1  . GLU A 1 58 ? 10.511  2.881   7.438   1.00 0.00 ? 58 GLU A OE1  1 
ATOM 916  O OE2  . GLU A 1 58 ? 8.984   2.571   8.981   1.00 0.00 ? 58 GLU A OE2  1 
ATOM 917  H H    . GLU A 1 58 ? 7.064   -0.942  6.078   1.00 0.00 ? 58 GLU A H    1 
ATOM 918  H HA   . GLU A 1 58 ? 7.009   1.285   7.590   1.00 0.00 ? 58 GLU A HA   1 
ATOM 919  H HB2  . GLU A 1 58 ? 8.763   0.081   5.522   1.00 0.00 ? 58 GLU A HB2  1 
ATOM 920  H HB3  . GLU A 1 58 ? 8.976   1.824   5.627   1.00 0.00 ? 58 GLU A HB3  1 
ATOM 921  H HG2  . GLU A 1 58 ? 8.863   0.116   8.104   1.00 0.00 ? 58 GLU A HG2  1 
ATOM 922  H HG3  . GLU A 1 58 ? 10.369  0.312   7.189   1.00 0.00 ? 58 GLU A HG3  1 
ATOM 923  N N    . LYS A 1 59 ? 6.383   2.239   4.469   1.00 0.00 ? 59 LYS A N    1 
ATOM 924  C CA   . LYS A 1 59 ? 5.860   3.310   3.640   1.00 0.00 ? 59 LYS A CA   1 
ATOM 925  C C    . LYS A 1 59 ? 4.417   3.629   4.037   1.00 0.00 ? 59 LYS A C    1 
ATOM 926  O O    . LYS A 1 59 ? 4.068   4.799   4.189   1.00 0.00 ? 59 LYS A O    1 
ATOM 927  C CB   . LYS A 1 59 ? 5.959   2.929   2.157   1.00 0.00 ? 59 LYS A CB   1 
ATOM 928  C CG   . LYS A 1 59 ? 7.211   3.475   1.456   1.00 0.00 ? 59 LYS A CG   1 
ATOM 929  C CD   . LYS A 1 59 ? 8.545   2.832   1.866   1.00 0.00 ? 59 LYS A CD   1 
ATOM 930  C CE   . LYS A 1 59 ? 9.381   3.637   2.876   1.00 0.00 ? 59 LYS A CE   1 
ATOM 931  N NZ   . LYS A 1 59 ? 10.815  3.653   2.505   1.00 0.00 ? 59 LYS A NZ   1 
ATOM 932  H H    . LYS A 1 59 ? 6.549   1.344   4.042   1.00 0.00 ? 59 LYS A H    1 
ATOM 933  H HA   . LYS A 1 59 ? 6.451   4.210   3.811   1.00 0.00 ? 59 LYS A HA   1 
ATOM 934  H HB2  . LYS A 1 59 ? 5.898   1.848   2.027   1.00 0.00 ? 59 LYS A HB2  1 
ATOM 935  H HB3  . LYS A 1 59 ? 5.104   3.363   1.642   1.00 0.00 ? 59 LYS A HB3  1 
ATOM 936  H HG2  . LYS A 1 59 ? 7.067   3.258   0.397   1.00 0.00 ? 59 LYS A HG2  1 
ATOM 937  H HG3  . LYS A 1 59 ? 7.249   4.556   1.562   1.00 0.00 ? 59 LYS A HG3  1 
ATOM 938  H HD2  . LYS A 1 59 ? 8.352   1.845   2.273   1.00 0.00 ? 59 LYS A HD2  1 
ATOM 939  H HD3  . LYS A 1 59 ? 9.119   2.684   0.953   1.00 0.00 ? 59 LYS A HD3  1 
ATOM 940  H HE2  . LYS A 1 59 ? 9.025   4.666   2.949   1.00 0.00 ? 59 LYS A HE2  1 
ATOM 941  H HE3  . LYS A 1 59 ? 9.279   3.177   3.859   1.00 0.00 ? 59 LYS A HE3  1 
ATOM 942  H HZ1  . LYS A 1 59 ? 11.142  2.714   2.312   1.00 0.00 ? 59 LYS A HZ1  1 
ATOM 943  H HZ2  . LYS A 1 59 ? 11.364  4.038   3.262   1.00 0.00 ? 59 LYS A HZ2  1 
ATOM 944  H HZ3  . LYS A 1 59 ? 10.947  4.226   1.682   1.00 0.00 ? 59 LYS A HZ3  1 
ATOM 945  N N    . ILE A 1 60 ? 3.579   2.605   4.224   1.00 0.00 ? 60 ILE A N    1 
ATOM 946  C CA   . ILE A 1 60 ? 2.212   2.821   4.687   1.00 0.00 ? 60 ILE A CA   1 
ATOM 947  C C    . ILE A 1 60 ? 2.251   3.514   6.055   1.00 0.00 ? 60 ILE A C    1 
ATOM 948  O O    . ILE A 1 60 ? 1.583   4.529   6.250   1.00 0.00 ? 60 ILE A O    1 
ATOM 949  C CB   . ILE A 1 60 ? 1.394   1.518   4.682   1.00 0.00 ? 60 ILE A CB   1 
ATOM 950  C CG1  . ILE A 1 60 ? 1.348   0.955   3.248   1.00 0.00 ? 60 ILE A CG1  1 
ATOM 951  C CG2  . ILE A 1 60 ? -0.037  1.802   5.168   1.00 0.00 ? 60 ILE A CG2  1 
ATOM 952  C CD1  . ILE A 1 60 ? 0.545   -0.339  3.139   1.00 0.00 ? 60 ILE A CD1  1 
ATOM 953  H H    . ILE A 1 60 ? 3.920   1.656   4.094   1.00 0.00 ? 60 ILE A H    1 
ATOM 954  H HA   . ILE A 1 60 ? 1.717   3.486   3.979   1.00 0.00 ? 60 ILE A HA   1 
ATOM 955  H HB   . ILE A 1 60 ? 1.860   0.790   5.348   1.00 0.00 ? 60 ILE A HB   1 
ATOM 956  H HG12 . ILE A 1 60 ? 0.910   1.693   2.577   1.00 0.00 ? 60 ILE A HG12 1 
ATOM 957  H HG13 . ILE A 1 60 ? 2.355   0.742   2.899   1.00 0.00 ? 60 ILE A HG13 1 
ATOM 958  H HG21 . ILE A 1 60 ? -0.538  2.484   4.480   1.00 0.00 ? 60 ILE A HG21 1 
ATOM 959  H HG22 . ILE A 1 60 ? -0.608  0.877   5.229   1.00 0.00 ? 60 ILE A HG22 1 
ATOM 960  H HG23 . ILE A 1 60 ? -0.031  2.249   6.161   1.00 0.00 ? 60 ILE A HG23 1 
ATOM 961  H HD11 . ILE A 1 60 ? 0.891   -1.056  3.882   1.00 0.00 ? 60 ILE A HD11 1 
ATOM 962  H HD12 . ILE A 1 60 ? -0.517  -0.140  3.278   1.00 0.00 ? 60 ILE A HD12 1 
ATOM 963  H HD13 . ILE A 1 60 ? 0.685   -0.756  2.144   1.00 0.00 ? 60 ILE A HD13 1 
ATOM 964  N N    . LYS A 1 61 ? 3.080   3.011   6.979   1.00 0.00 ? 61 LYS A N    1 
ATOM 965  C CA   . LYS A 1 61 ? 3.315   3.602   8.290   1.00 0.00 ? 61 LYS A CA   1 
ATOM 966  C C    . LYS A 1 61 ? 3.568   5.098   8.131   1.00 0.00 ? 61 LYS A C    1 
ATOM 967  O O    . LYS A 1 61 ? 2.947   5.914   8.810   1.00 0.00 ? 61 LYS A O    1 
ATOM 968  C CB   . LYS A 1 61 ? 4.534   2.939   8.963   1.00 0.00 ? 61 LYS A CB   1 
ATOM 969  C CG   . LYS A 1 61 ? 4.248   2.343   10.340  1.00 0.00 ? 61 LYS A CG   1 
ATOM 970  C CD   . LYS A 1 61 ? 3.482   1.014   10.248  1.00 0.00 ? 61 LYS A CD   1 
ATOM 971  C CE   . LYS A 1 61 ? 3.590   0.222   11.561  1.00 0.00 ? 61 LYS A CE   1 
ATOM 972  N NZ   . LYS A 1 61 ? 4.927   -0.387  11.748  1.00 0.00 ? 61 LYS A NZ   1 
ATOM 973  H H    . LYS A 1 61 ? 3.662   2.225   6.717   1.00 0.00 ? 61 LYS A H    1 
ATOM 974  H HA   . LYS A 1 61 ? 2.420   3.458   8.897   1.00 0.00 ? 61 LYS A HA   1 
ATOM 975  H HB2  . LYS A 1 61 ? 4.949   2.150   8.347   1.00 0.00 ? 61 LYS A HB2  1 
ATOM 976  H HB3  . LYS A 1 61 ? 5.321   3.683   9.096   1.00 0.00 ? 61 LYS A HB3  1 
ATOM 977  H HG2  . LYS A 1 61 ? 5.223   2.188   10.797  1.00 0.00 ? 61 LYS A HG2  1 
ATOM 978  H HG3  . LYS A 1 61 ? 3.689   3.065   10.936  1.00 0.00 ? 61 LYS A HG3  1 
ATOM 979  H HD2  . LYS A 1 61 ? 2.430   1.235   10.049  1.00 0.00 ? 61 LYS A HD2  1 
ATOM 980  H HD3  . LYS A 1 61 ? 3.856   0.412   9.417   1.00 0.00 ? 61 LYS A HD3  1 
ATOM 981  H HE2  . LYS A 1 61 ? 3.368   0.888   12.397  1.00 0.00 ? 61 LYS A HE2  1 
ATOM 982  H HE3  . LYS A 1 61 ? 2.843   -0.575  11.552  1.00 0.00 ? 61 LYS A HE3  1 
ATOM 983  H HZ1  . LYS A 1 61 ? 4.974   -0.846  12.648  1.00 0.00 ? 61 LYS A HZ1  1 
ATOM 984  H HZ2  . LYS A 1 61 ? 5.102   -1.074  11.026  1.00 0.00 ? 61 LYS A HZ2  1 
ATOM 985  H HZ3  . LYS A 1 61 ? 5.652   0.316   11.707  1.00 0.00 ? 61 LYS A HZ3  1 
ATOM 986  N N    . LYS A 1 62 ? 4.480   5.449   7.218   1.00 0.00 ? 62 LYS A N    1 
ATOM 987  C CA   . LYS A 1 62 ? 4.870   6.836   7.002   1.00 0.00 ? 62 LYS A CA   1 
ATOM 988  C C    . LYS A 1 62 ? 3.690   7.764   6.663   1.00 0.00 ? 62 LYS A C    1 
ATOM 989  O O    . LYS A 1 62 ? 3.807   8.968   6.877   1.00 0.00 ? 62 LYS A O    1 
ATOM 990  C CB   . LYS A 1 62 ? 6.000   6.924   5.959   1.00 0.00 ? 62 LYS A CB   1 
ATOM 991  C CG   . LYS A 1 62 ? 7.385   7.111   6.599   1.00 0.00 ? 62 LYS A CG   1 
ATOM 992  C CD   . LYS A 1 62 ? 7.899   5.856   7.322   1.00 0.00 ? 62 LYS A CD   1 
ATOM 993  C CE   . LYS A 1 62 ? 9.157   6.198   8.135   1.00 0.00 ? 62 LYS A CE   1 
ATOM 994  N NZ   . LYS A 1 62 ? 9.815   5.001   8.698   1.00 0.00 ? 62 LYS A NZ   1 
ATOM 995  H H    . LYS A 1 62 ? 4.952   4.709   6.690   1.00 0.00 ? 62 LYS A H    1 
ATOM 996  H HA   . LYS A 1 62 ? 5.258   7.205   7.953   1.00 0.00 ? 62 LYS A HA   1 
ATOM 997  H HB2  . LYS A 1 62 ? 6.005   6.042   5.320   1.00 0.00 ? 62 LYS A HB2  1 
ATOM 998  H HB3  . LYS A 1 62 ? 5.820   7.794   5.326   1.00 0.00 ? 62 LYS A HB3  1 
ATOM 999  H HG2  . LYS A 1 62 ? 8.089   7.371   5.807   1.00 0.00 ? 62 LYS A HG2  1 
ATOM 1000 H HG3  . LYS A 1 62 ? 7.335   7.954   7.291   1.00 0.00 ? 62 LYS A HG3  1 
ATOM 1001 H HD2  . LYS A 1 62 ? 7.129   5.471   7.994   1.00 0.00 ? 62 LYS A HD2  1 
ATOM 1002 H HD3  . LYS A 1 62 ? 8.122   5.087   6.580   1.00 0.00 ? 62 LYS A HD3  1 
ATOM 1003 H HE2  . LYS A 1 62 ? 9.878   6.713   7.497   1.00 0.00 ? 62 LYS A HE2  1 
ATOM 1004 H HE3  . LYS A 1 62 ? 8.876   6.864   8.952   1.00 0.00 ? 62 LYS A HE3  1 
ATOM 1005 H HZ1  . LYS A 1 62 ? 10.511  5.229   9.390   1.00 0.00 ? 62 LYS A HZ1  1 
ATOM 1006 H HZ2  . LYS A 1 62 ? 9.173   4.303   9.085   1.00 0.00 ? 62 LYS A HZ2  1 
ATOM 1007 H HZ3  . LYS A 1 62 ? 10.272  4.447   7.972   1.00 0.00 ? 62 LYS A HZ3  1 
ATOM 1008 N N    . THR A 1 63 ? 2.555   7.254   6.163   1.00 0.00 ? 63 THR A N    1 
ATOM 1009 C CA   . THR A 1 63 ? 1.400   8.113   5.903   1.00 0.00 ? 63 THR A CA   1 
ATOM 1010 C C    . THR A 1 63 ? 0.696   8.546   7.192   1.00 0.00 ? 63 THR A C    1 
ATOM 1011 O O    . THR A 1 63 ? -0.074  9.506   7.176   1.00 0.00 ? 63 THR A O    1 
ATOM 1012 C CB   . THR A 1 63 ? 0.384   7.438   4.974   1.00 0.00 ? 63 THR A CB   1 
ATOM 1013 O OG1  . THR A 1 63 ? -0.315  6.401   5.637   1.00 0.00 ? 63 THR A OG1  1 
ATOM 1014 C CG2  . THR A 1 63 ? 1.045   6.909   3.701   1.00 0.00 ? 63 THR A CG2  1 
ATOM 1015 H H    . THR A 1 63 ? 2.466   6.252   6.028   1.00 0.00 ? 63 THR A H    1 
ATOM 1016 H HA   . THR A 1 63 ? 1.747   9.015   5.395   1.00 0.00 ? 63 THR A HA   1 
ATOM 1017 H HB   . THR A 1 63 ? -0.349  8.192   4.685   1.00 0.00 ? 63 THR A HB   1 
ATOM 1018 H HG1  . THR A 1 63 ? 0.302   5.684   5.836   1.00 0.00 ? 63 THR A HG1  1 
ATOM 1019 H HG21 . THR A 1 63 ? 1.566   7.721   3.192   1.00 0.00 ? 63 THR A HG21 1 
ATOM 1020 H HG22 . THR A 1 63 ? 1.754   6.114   3.931   1.00 0.00 ? 63 THR A HG22 1 
ATOM 1021 H HG23 . THR A 1 63 ? 0.276   6.510   3.045   1.00 0.00 ? 63 THR A HG23 1 
ATOM 1022 N N    . GLY A 1 64 ? 0.891   7.803   8.286   1.00 0.00 ? 64 GLY A N    1 
ATOM 1023 C CA   . GLY A 1 64 ? 0.200   8.033   9.541   1.00 0.00 ? 64 GLY A CA   1 
ATOM 1024 C C    . GLY A 1 64 ? -1.170  7.349   9.606   1.00 0.00 ? 64 GLY A C    1 
ATOM 1025 O O    . GLY A 1 64 ? -1.810  7.400   10.654  1.00 0.00 ? 64 GLY A O    1 
ATOM 1026 H H    . GLY A 1 64 ? 1.556   7.035   8.256   1.00 0.00 ? 64 GLY A H    1 
ATOM 1027 H HA2  . GLY A 1 64 ? 0.817   7.638   10.347  1.00 0.00 ? 64 GLY A HA2  1 
ATOM 1028 H HA3  . GLY A 1 64 ? 0.068   9.103   9.709   1.00 0.00 ? 64 GLY A HA3  1 
ATOM 1029 N N    . LYS A 1 65 ? -1.647  6.711   8.527   1.00 0.00 ? 65 LYS A N    1 
ATOM 1030 C CA   . LYS A 1 65 ? -2.905  5.974   8.589   1.00 0.00 ? 65 LYS A CA   1 
ATOM 1031 C C    . LYS A 1 65 ? -2.712  4.621   9.273   1.00 0.00 ? 65 LYS A C    1 
ATOM 1032 O O    . LYS A 1 65 ? -1.724  3.933   9.023   1.00 0.00 ? 65 LYS A O    1 
ATOM 1033 C CB   . LYS A 1 65 ? -3.514  5.798   7.192   1.00 0.00 ? 65 LYS A CB   1 
ATOM 1034 C CG   . LYS A 1 65 ? -4.094  7.127   6.703   1.00 0.00 ? 65 LYS A CG   1 
ATOM 1035 C CD   . LYS A 1 65 ? -4.900  6.928   5.411   1.00 0.00 ? 65 LYS A CD   1 
ATOM 1036 C CE   . LYS A 1 65 ? -5.863  8.095   5.140   1.00 0.00 ? 65 LYS A CE   1 
ATOM 1037 N NZ   . LYS A 1 65 ? -5.244  9.415   5.381   1.00 0.00 ? 65 LYS A NZ   1 
ATOM 1038 H H    . LYS A 1 65 ? -1.084  6.638   7.687   1.00 0.00 ? 65 LYS A H    1 
ATOM 1039 H HA   . LYS A 1 65 ? -3.618  6.545   9.187   1.00 0.00 ? 65 LYS A HA   1 
ATOM 1040 H HB2  . LYS A 1 65 ? -2.767  5.416   6.494   1.00 0.00 ? 65 LYS A HB2  1 
ATOM 1041 H HB3  . LYS A 1 65 ? -4.325  5.070   7.268   1.00 0.00 ? 65 LYS A HB3  1 
ATOM 1042 H HG2  . LYS A 1 65 ? -4.757  7.505   7.482   1.00 0.00 ? 65 LYS A HG2  1 
ATOM 1043 H HG3  . LYS A 1 65 ? -3.269  7.825   6.544   1.00 0.00 ? 65 LYS A HG3  1 
ATOM 1044 H HD2  . LYS A 1 65 ? -4.214  6.784   4.575   1.00 0.00 ? 65 LYS A HD2  1 
ATOM 1045 H HD3  . LYS A 1 65 ? -5.505  6.022   5.506   1.00 0.00 ? 65 LYS A HD3  1 
ATOM 1046 H HE2  . LYS A 1 65 ? -6.208  8.032   4.106   1.00 0.00 ? 65 LYS A HE2  1 
ATOM 1047 H HE3  . LYS A 1 65 ? -6.731  7.998   5.794   1.00 0.00 ? 65 LYS A HE3  1 
ATOM 1048 H HZ1  . LYS A 1 65 ? -5.887  10.147  5.111   1.00 0.00 ? 65 LYS A HZ1  1 
ATOM 1049 H HZ2  . LYS A 1 65 ? -5.040  9.518   6.366   1.00 0.00 ? 65 LYS A HZ2  1 
ATOM 1050 H HZ3  . LYS A 1 65 ? -4.389  9.509   4.853   1.00 0.00 ? 65 LYS A HZ3  1 
ATOM 1051 N N    . GLU A 1 66 ? -3.671  4.245   10.127  1.00 0.00 ? 66 GLU A N    1 
ATOM 1052 C CA   . GLU A 1 66 ? -3.713  2.948   10.773  1.00 0.00 ? 66 GLU A CA   1 
ATOM 1053 C C    . GLU A 1 66 ? -3.714  1.800   9.775   1.00 0.00 ? 66 GLU A C    1 
ATOM 1054 O O    . GLU A 1 66 ? -4.262  1.918   8.681   1.00 0.00 ? 66 GLU A O    1 
ATOM 1055 C CB   . GLU A 1 66 ? -4.983  2.851   11.621  1.00 0.00 ? 66 GLU A CB   1 
ATOM 1056 C CG   . GLU A 1 66 ? -4.659  2.813   13.108  1.00 0.00 ? 66 GLU A CG   1 
ATOM 1057 C CD   . GLU A 1 66 ? -4.328  1.381   13.506  1.00 0.00 ? 66 GLU A CD   1 
ATOM 1058 O OE1  . GLU A 1 66 ? -3.353  0.857   12.925  1.00 0.00 ? 66 GLU A OE1  1 
ATOM 1059 O OE2  . GLU A 1 66 ? -5.107  0.815   14.303  1.00 0.00 ? 66 GLU A OE2  1 
ATOM 1060 H H    . GLU A 1 66 ? -4.413  4.883   10.365  1.00 0.00 ? 66 GLU A H    1 
ATOM 1061 H HA   . GLU A 1 66 ? -2.820  2.867   11.395  1.00 0.00 ? 66 GLU A HA   1 
ATOM 1062 H HB2  . GLU A 1 66 ? -5.633  3.682   11.409  1.00 0.00 ? 66 GLU A HB2  1 
ATOM 1063 H HB3  . GLU A 1 66 ? -5.538  1.943   11.388  1.00 0.00 ? 66 GLU A HB3  1 
ATOM 1064 H HG2  . GLU A 1 66 ? -3.827  3.474   13.342  1.00 0.00 ? 66 GLU A HG2  1 
ATOM 1065 H HG3  . GLU A 1 66 ? -5.539  3.168   13.634  1.00 0.00 ? 66 GLU A HG3  1 
ATOM 1066 N N    . VAL A 1 67 ? -3.169  0.676   10.227  1.00 0.00 ? 67 VAL A N    1 
ATOM 1067 C CA   . VAL A 1 67 ? -2.991  -0.568  9.491   1.00 0.00 ? 67 VAL A CA   1 
ATOM 1068 C C    . VAL A 1 67 ? -3.415  -1.708  10.411  1.00 0.00 ? 67 VAL A C    1 
ATOM 1069 O O    . VAL A 1 67 ? -2.658  -2.125  11.283  1.00 0.00 ? 67 VAL A O    1 
ATOM 1070 C CB   . VAL A 1 67 ? -1.531  -0.730  9.028   1.00 0.00 ? 67 VAL A CB   1 
ATOM 1071 C CG1  . VAL A 1 67 ? -1.337  -2.067  8.295   1.00 0.00 ? 67 VAL A CG1  1 
ATOM 1072 C CG2  . VAL A 1 67 ? -1.132  0.406   8.081   1.00 0.00 ? 67 VAL A CG2  1 
ATOM 1073 H H    . VAL A 1 67 ? -3.028  0.681   11.244  1.00 0.00 ? 67 VAL A H    1 
ATOM 1074 H HA   . VAL A 1 67 ? -3.628  -0.571  8.608   1.00 0.00 ? 67 VAL A HA   1 
ATOM 1075 H HB   . VAL A 1 67 ? -0.866  -0.705  9.894   1.00 0.00 ? 67 VAL A HB   1 
ATOM 1076 H HG11 . VAL A 1 67 ? -0.319  -2.133  7.910   1.00 0.00 ? 67 VAL A HG11 1 
ATOM 1077 H HG12 . VAL A 1 67 ? -1.497  -2.906  8.973   1.00 0.00 ? 67 VAL A HG12 1 
ATOM 1078 H HG13 . VAL A 1 67 ? -2.038  -2.142  7.464   1.00 0.00 ? 67 VAL A HG13 1 
ATOM 1079 H HG21 . VAL A 1 67 ? -0.125  0.231   7.702   1.00 0.00 ? 67 VAL A HG21 1 
ATOM 1080 H HG22 . VAL A 1 67 ? -1.832  0.451   7.246   1.00 0.00 ? 67 VAL A HG22 1 
ATOM 1081 H HG23 . VAL A 1 67 ? -1.140  1.360   8.606   1.00 0.00 ? 67 VAL A HG23 1 
ATOM 1082 N N    . ARG A 1 68 ? -4.630  -2.222  10.214  1.00 0.00 ? 68 ARG A N    1 
ATOM 1083 C CA   . ARG A 1 68 ? -5.199  -3.200  11.125  1.00 0.00 ? 68 ARG A CA   1 
ATOM 1084 C C    . ARG A 1 68 ? -4.575  -4.578  10.905  1.00 0.00 ? 68 ARG A C    1 
ATOM 1085 O O    . ARG A 1 68 ? -4.381  -5.339  11.850  1.00 0.00 ? 68 ARG A O    1 
ATOM 1086 C CB   . ARG A 1 68 ? -6.721  -3.264  10.983  1.00 0.00 ? 68 ARG A CB   1 
ATOM 1087 C CG   . ARG A 1 68 ? -7.333  -1.864  10.891  1.00 0.00 ? 68 ARG A CG   1 
ATOM 1088 C CD   . ARG A 1 68 ? -8.828  -1.921  11.216  1.00 0.00 ? 68 ARG A CD   1 
ATOM 1089 N NE   . ARG A 1 68 ? -9.030  -1.908  12.673  1.00 0.00 ? 68 ARG A NE   1 
ATOM 1090 C CZ   . ARG A 1 68 ? -10.174 -2.211  13.305  1.00 0.00 ? 68 ARG A CZ   1 
ATOM 1091 N NH1  . ARG A 1 68 ? -11.234 -2.629  12.605  1.00 0.00 ? 68 ARG A NH1  1 
ATOM 1092 N NH2  . ARG A 1 68 ? -10.248 -2.088  14.635  1.00 0.00 ? 68 ARG A NH2  1 
ATOM 1093 H H    . ARG A 1 68 ? -5.164  -1.920  9.405   1.00 0.00 ? 68 ARG A H    1 
ATOM 1094 H HA   . ARG A 1 68 ? -4.998  -2.867  12.142  1.00 0.00 ? 68 ARG A HA   1 
ATOM 1095 H HB2  . ARG A 1 68 ? -6.994  -3.829  10.091  1.00 0.00 ? 68 ARG A HB2  1 
ATOM 1096 H HB3  . ARG A 1 68 ? -7.116  -3.783  11.855  1.00 0.00 ? 68 ARG A HB3  1 
ATOM 1097 H HG2  . ARG A 1 68 ? -6.827  -1.173  11.569  1.00 0.00 ? 68 ARG A HG2  1 
ATOM 1098 H HG3  . ARG A 1 68 ? -7.192  -1.513  9.873   1.00 0.00 ? 68 ARG A HG3  1 
ATOM 1099 H HD2  . ARG A 1 68 ? -9.314  -1.046  10.783  1.00 0.00 ? 68 ARG A HD2  1 
ATOM 1100 H HD3  . ARG A 1 68 ? -9.243  -2.816  10.748  1.00 0.00 ? 68 ARG A HD3  1 
ATOM 1101 H HE   . ARG A 1 68 ? -8.236  -1.599  13.220  1.00 0.00 ? 68 ARG A HE   1 
ATOM 1102 H HH11 . ARG A 1 68 ? -11.163 -2.701  11.601  1.00 0.00 ? 68 ARG A HH11 1 
ATOM 1103 H HH12 . ARG A 1 68 ? -12.103 -2.882  13.051  1.00 0.00 ? 68 ARG A HH12 1 
ATOM 1104 H HH21 . ARG A 1 68 ? -9.451  -1.758  15.161  1.00 0.00 ? 68 ARG A HH21 1 
ATOM 1105 H HH22 . ARG A 1 68 ? -11.096 -2.302  15.137  1.00 0.00 ? 68 ARG A HH22 1 
ATOM 1106 N N    . SER A 1 69 ? -4.318  -4.924  9.641   1.00 0.00 ? 69 SER A N    1 
ATOM 1107 C CA   . SER A 1 69 ? -3.779  -6.201  9.192   1.00 0.00 ? 69 SER A CA   1 
ATOM 1108 C C    . SER A 1 69 ? -3.385  -6.036  7.726   1.00 0.00 ? 69 SER A C    1 
ATOM 1109 O O    . SER A 1 69 ? -3.762  -5.046  7.100   1.00 0.00 ? 69 SER A O    1 
ATOM 1110 C CB   . SER A 1 69 ? -4.850  -7.298  9.301   1.00 0.00 ? 69 SER A CB   1 
ATOM 1111 O OG   . SER A 1 69 ? -5.066  -7.697  10.638  1.00 0.00 ? 69 SER A OG   1 
ATOM 1112 H H    . SER A 1 69 ? -4.468  -4.236  8.911   1.00 0.00 ? 69 SER A H    1 
ATOM 1113 H HA   . SER A 1 69 ? -2.896  -6.466  9.776   1.00 0.00 ? 69 SER A HA   1 
ATOM 1114 H HB2  . SER A 1 69 ? -5.784  -6.938  8.866   1.00 0.00 ? 69 SER A HB2  1 
ATOM 1115 H HB3  . SER A 1 69 ? -4.532  -8.181  8.748   1.00 0.00 ? 69 SER A HB3  1 
ATOM 1116 H HG   . SER A 1 69 ? -4.899  -6.950  11.228  1.00 0.00 ? 69 SER A HG   1 
ATOM 1117 N N    . GLY A 1 70 ? -2.691  -7.020  7.154   1.00 0.00 ? 70 GLY A N    1 
ATOM 1118 C CA   . GLY A 1 70 ? -2.439  -7.126  5.749   1.00 0.00 ? 70 GLY A CA   1 
ATOM 1119 C C    . GLY A 1 70 ? -1.692  -8.430  5.552   1.00 0.00 ? 70 GLY A C    1 
ATOM 1120 O O    . GLY A 1 70 ? -1.154  -8.996  6.502   1.00 0.00 ? 70 GLY A O    1 
ATOM 1121 H H    . GLY A 1 70 ? -2.339  -7.832  7.640   1.00 0.00 ? 70 GLY A H    1 
ATOM 1122 H HA2  . GLY A 1 70 ? -3.397  -7.182  5.234   1.00 0.00 ? 70 GLY A HA2  1 
ATOM 1123 H HA3  . GLY A 1 70 ? -1.835  -6.295  5.389   1.00 0.00 ? 70 GLY A HA3  1 
ATOM 1124 N N    . LYS A 1 71 ? -1.687  -8.910  4.325   1.00 0.00 ? 71 LYS A N    1 
ATOM 1125 C CA   . LYS A 1 71 ? -1.053  -10.141 3.890   1.00 0.00 ? 71 LYS A CA   1 
ATOM 1126 C C    . LYS A 1 71 ? -0.537  -9.986  2.463   1.00 0.00 ? 71 LYS A C    1 
ATOM 1127 O O    . LYS A 1 71 ? -0.776  -8.962  1.819   1.00 0.00 ? 71 LYS A O    1 
ATOM 1128 C CB   . LYS A 1 71 ? -2.036  -11.313 4.023   1.00 0.00 ? 71 LYS A CB   1 
ATOM 1129 C CG   . LYS A 1 71 ? -3.442  -11.032 3.461   1.00 0.00 ? 71 LYS A CG   1 
ATOM 1130 C CD   . LYS A 1 71 ? -4.492  -10.960 4.583   1.00 0.00 ? 71 LYS A CD   1 
ATOM 1131 C CE   . LYS A 1 71 ? -4.868  -12.373 5.069   1.00 0.00 ? 71 LYS A CE   1 
ATOM 1132 N NZ   . LYS A 1 71 ? -5.703  -12.347 6.289   1.00 0.00 ? 71 LYS A NZ   1 
ATOM 1133 H H    . LYS A 1 71 ? -2.144  -8.322  3.647   1.00 0.00 ? 71 LYS A H    1 
ATOM 1134 H HA   . LYS A 1 71 ? -0.186  -10.344 4.520   1.00 0.00 ? 71 LYS A HA   1 
ATOM 1135 H HB2  . LYS A 1 71 ? -1.628  -12.190 3.523   1.00 0.00 ? 71 LYS A HB2  1 
ATOM 1136 H HB3  . LYS A 1 71 ? -2.089  -11.545 5.082   1.00 0.00 ? 71 LYS A HB3  1 
ATOM 1137 H HG2  . LYS A 1 71 ? -3.446  -10.095 2.901   1.00 0.00 ? 71 LYS A HG2  1 
ATOM 1138 H HG3  . LYS A 1 71 ? -3.713  -11.822 2.758   1.00 0.00 ? 71 LYS A HG3  1 
ATOM 1139 H HD2  . LYS A 1 71 ? -4.095  -10.353 5.399   1.00 0.00 ? 71 LYS A HD2  1 
ATOM 1140 H HD3  . LYS A 1 71 ? -5.383  -10.466 4.189   1.00 0.00 ? 71 LYS A HD3  1 
ATOM 1141 H HE2  . LYS A 1 71 ? -5.419  -12.881 4.274   1.00 0.00 ? 71 LYS A HE2  1 
ATOM 1142 H HE3  . LYS A 1 71 ? -3.966  -12.950 5.279   1.00 0.00 ? 71 LYS A HE3  1 
ATOM 1143 H HZ1  . LYS A 1 71 ? -6.521  -11.770 6.149   1.00 0.00 ? 71 LYS A HZ1  1 
ATOM 1144 H HZ2  . LYS A 1 71 ? -6.005  -13.288 6.512   1.00 0.00 ? 71 LYS A HZ2  1 
ATOM 1145 H HZ3  . LYS A 1 71 ? -5.170  -11.988 7.069   1.00 0.00 ? 71 LYS A HZ3  1 
ATOM 1146 N N    . GLN A 1 72 ? 0.166   -11.018 1.993   1.00 0.00 ? 72 GLN A N    1 
ATOM 1147 C CA   . GLN A 1 72 ? 0.679   -11.103 0.636   1.00 0.00 ? 72 GLN A CA   1 
ATOM 1148 C C    . GLN A 1 72 ? -0.099  -12.143 -0.156  1.00 0.00 ? 72 GLN A C    1 
ATOM 1149 O O    . GLN A 1 72 ? -0.600  -13.115 0.410   1.00 0.00 ? 72 GLN A O    1 
ATOM 1150 C CB   . GLN A 1 72 ? 2.182   -11.405 0.639   1.00 0.00 ? 72 GLN A CB   1 
ATOM 1151 C CG   . GLN A 1 72 ? 2.474   -12.901 0.770   1.00 0.00 ? 72 GLN A CG   1 
ATOM 1152 C CD   . GLN A 1 72 ? 3.924   -13.197 1.087   1.00 0.00 ? 72 GLN A CD   1 
ATOM 1153 O OE1  . GLN A 1 72 ? 4.788   -12.325 1.076   1.00 0.00 ? 72 GLN A OE1  1 
ATOM 1154 N NE2  . GLN A 1 72 ? 4.203   -14.469 1.337   1.00 0.00 ? 72 GLN A NE2  1 
ATOM 1155 H H    . GLN A 1 72 ? 0.226   -11.848 2.566   1.00 0.00 ? 72 GLN A H    1 
ATOM 1156 H HA   . GLN A 1 72 ? 0.552   -10.146 0.143   1.00 0.00 ? 72 GLN A HA   1 
ATOM 1157 H HB2  . GLN A 1 72 ? 2.620   -11.059 -0.299  1.00 0.00 ? 72 GLN A HB2  1 
ATOM 1158 H HB3  . GLN A 1 72 ? 2.641   -10.872 1.472   1.00 0.00 ? 72 GLN A HB3  1 
ATOM 1159 H HG2  . GLN A 1 72 ? 1.827   -13.312 1.537   1.00 0.00 ? 72 GLN A HG2  1 
ATOM 1160 H HG3  . GLN A 1 72 ? 2.284   -13.427 -0.163  1.00 0.00 ? 72 GLN A HG3  1 
ATOM 1161 H HE21 . GLN A 1 72 ? 3.476   -15.167 1.332   1.00 0.00 ? 72 GLN A HE21 1 
ATOM 1162 H HE22 . GLN A 1 72 ? 5.156   -14.714 1.510   1.00 0.00 ? 72 GLN A HE22 1 
ATOM 1163 N N    . LEU A 1 73 ? -0.154  -11.918 -1.461  1.00 0.00 ? 73 LEU A N    1 
ATOM 1164 C CA   . LEU A 1 73 ? -0.707  -12.760 -2.492  1.00 0.00 ? 73 LEU A CA   1 
ATOM 1165 C C    . LEU A 1 73 ? 0.379   -12.852 -3.573  1.00 0.00 ? 73 LEU A C    1 
ATOM 1166 O O    . LEU A 1 73 ? 0.528   -13.956 -4.138  1.00 0.00 ? 73 LEU A O    1 
ATOM 1167 C CB   . LEU A 1 73 ? -1.981  -12.105 -3.042  1.00 0.00 ? 73 LEU A CB   1 
ATOM 1168 C CG   . LEU A 1 73 ? -2.907  -11.536 -1.955  1.00 0.00 ? 73 LEU A CG   1 
ATOM 1169 C CD1  . LEU A 1 73 ? -3.875  -10.549 -2.582  1.00 0.00 ? 73 LEU A CD1  1 
ATOM 1170 C CD2  . LEU A 1 73 ? -3.671  -12.608 -1.197  1.00 0.00 ? 73 LEU A CD2  1 
ATOM 1171 O OXT  . LEU A 1 73 ? 1.070   -11.822 -3.793  1.00 0.00 ? 73 LEU A OXT  1 
ATOM 1172 H H    . LEU A 1 73 ? 0.198   -11.045 -1.821  1.00 0.00 ? 73 LEU A H    1 
ATOM 1173 H HA   . LEU A 1 73 ? -0.949  -13.742 -2.090  1.00 0.00 ? 73 LEU A HA   1 
ATOM 1174 H HB2  . LEU A 1 73 ? -1.678  -11.269 -3.664  1.00 0.00 ? 73 LEU A HB2  1 
ATOM 1175 H HB3  . LEU A 1 73 ? -2.524  -12.815 -3.665  1.00 0.00 ? 73 LEU A HB3  1 
ATOM 1176 H HG   . LEU A 1 73 ? -2.334  -10.956 -1.242  1.00 0.00 ? 73 LEU A HG   1 
ATOM 1177 H HD11 . LEU A 1 73 ? -4.380  -10.987 -3.442  1.00 0.00 ? 73 LEU A HD11 1 
ATOM 1178 H HD12 . LEU A 1 73 ? -4.606  -10.210 -1.852  1.00 0.00 ? 73 LEU A HD12 1 
ATOM 1179 H HD13 . LEU A 1 73 ? -3.259  -9.710  -2.884  1.00 0.00 ? 73 LEU A HD13 1 
ATOM 1180 H HD21 . LEU A 1 73 ? -4.302  -13.166 -1.887  1.00 0.00 ? 73 LEU A HD21 1 
ATOM 1181 H HD22 . LEU A 1 73 ? -2.953  -13.269 -0.715  1.00 0.00 ? 73 LEU A HD22 1 
ATOM 1182 H HD23 . LEU A 1 73 ? -4.289  -12.118 -0.445  1.00 0.00 ? 73 LEU A HD23 1 
# 
